data_8ITV
#
_entry.id   8ITV
#
_cell.length_a   106.014
_cell.length_b   106.014
_cell.length_c   305.893
_cell.angle_alpha   90.00
_cell.angle_beta   90.00
_cell.angle_gamma   90.00
#
_symmetry.space_group_name_H-M   'P 43 21 2'
#
loop_
_entity.id
_entity.type
_entity.pdbx_description
1 polymer 'GTP-binding nuclear protein Ran'
2 polymer 'YRB1 isoform 1'
3 polymer 'CRM1 isoform 1'
4 non-polymer 'MAGNESIUM ION'
5 non-polymer 'NITRATE ION'
6 non-polymer 'DIMETHYL SULFOXIDE'
7 non-polymer GLYCEROL
8 non-polymer "GUANOSINE-5'-TRIPHOSPHATE"
9 non-polymer 'CHLORIDE ION'
10 non-polymer 'ACETATE ION'
11 non-polymer '(3~{S},5~{R},6~{E},8~{Z},10~{R},12~{E},14~{E},16~{S})-3,16-bis(azanyl)-8,10,12-trimethyl-16-[(2~{S},4~{R},5~{S},6~{S})-5-methyl-4-oxidanyl-6-[(~{E})-prop-1-enyl]oxan-2-yl]-5-oxidanyl-hexadeca-6,8,12,14-tetraenoic acid'
12 water water
#
loop_
_entity_poly.entity_id
_entity_poly.type
_entity_poly.pdbx_seq_one_letter_code
_entity_poly.pdbx_strand_id
1 'polypeptide(L)'
;MAAQGEPQVQFKLVLVGDGGTGKTTFVKRHLTGEFEKKYVATLGVEVHPLVFHTNRGPIKFNVWDTAGLEKFGGLRDGYY
IQAQCAIIMFDVTSRVTYKNVPNWHRDLVRVCENIPIVLCGNKVDIKDRKVKAKSIVFHRKKNLQYYDISAKSNYNFEKP
FLWLARKLIGDPNLEFVAMPAAAPPEVVMDPALAAQYEHDLEVAQTTALPDEDDDL
;
A
2 'polypeptide(L)'
;DIHFEPVVHLEKVDVKTMEEDEEVLYKVRAKLFRFDADAKEWKERGTGDCKFLKNKKTNKVRILMRRDKTLKICANHIIA
PEYTLKPNVGSDRSWVYACTADIAEGEAEAFTFAIRFGSKENADKFKEEFEKAQEINKKA
;
B
3 'polypeptide(L)'
;GGSMEGILDFSNDLDIALLDQVVSTFYQGEGVQQKQAQEILTKFQDNPDAWEKVDQILQFSTNPQSKFIALSILDKLITR
KWKLLPNDHRIGIRNFVVGMIISMCQDDEVFKTQKNLINKSDLTLVQILKQEWPQNWPEFIPELIGSSSSSVNVCENNMI
VLKLLSEEVFDFSAEQMTQAKALHLKNSMSKEFEQIFKLCFQVLEQGSSSSLIVATLESLLRYLHWIPYRYIYETNILEL
LSTKFMTSPDTRAITLKCLTEVSNLKIPQDNDLIKRQTVLFFQNTLQQIATSVMPVTADLKATYANANGNDQSFLQDLAM
FLTTYLARNRALLESDESLRELLLNAHQYLIQLSKIEERELFKTTLDYWHNLVADLFYEPLKKHIYEEICSQLRLVIIEN
MVRPEEIQLYKSEREVLVYLTHLNVIDTEEIMISKLARQIDGSEWSWHNINTLSWAIGSISGTMSEDTEKRFVVTVIKDL
LGLCEQKRGKDNKAVVARDIMYVVGEYPRFLKAHWNFLRTVILKLFEFMHETHEGVQDMACDTFIKIVQKCKYHFVIQQP
RESEPFIQTIIRDIQKTTADLQPQQVHTFYKACGIIISEERSVAERNRLLSDLMQLPNMAWDTIVEQSTANPTLLLDSET
VKIIANIIKTNVAVCTSMGADFYPQLGHIYYNMLQLYRAVSSMISTQVAAEGLIATKTPKVRGLRTIKKEILKLVETYIS
KARNLDDVVKVLVEPLLNAVLEDYMNNVPDARDAEVLNCMTTVVEKVGHMIPQGVILILQSVFECTLDMINKDFTEYPEH
RVEFYKLLKVINEKSFAAFLELPPAAFKLFVDAICWAFKHNNRDVEVNGLQIALDLVKNIERMGNVPFANEFHKNYFFIF
VSETFFVLTDSDHKSGFSKQALLLMKLISLVYDNKISVPLYQEAEVPQGTSNQVYLSQYLANMLSNAFPHLTSEQIASFL
SALTKQCKDLVVFKGTLRDFLVQIKEVGGDPTDYLFAEDKENA
;
C
#
loop_
_chem_comp.id
_chem_comp.type
_chem_comp.name
_chem_comp.formula
ACT non-polymer 'ACETATE ION' 'C2 H3 O2 -1'
CL non-polymer 'CHLORIDE ION' 'Cl -1'
DMS non-polymer 'DIMETHYL SULFOXIDE' 'C2 H6 O S'
GOL non-polymer GLYCEROL 'C3 H8 O3'
GTP non-polymer GUANOSINE-5'-TRIPHOSPHATE 'C10 H16 N5 O14 P3'
MG non-polymer 'MAGNESIUM ION' 'Mg 2'
NO3 non-polymer 'NITRATE ION' 'N O3 -1'
Q73 non-polymer '(3~{S},5~{R},6~{E},8~{Z},10~{R},12~{E},14~{E},16~{S})-3,16-bis(azanyl)-8,10,12-trimethyl-16-[(2~{S},4~{R},5~{S},6~{S})-5-methyl-4-oxidanyl-6-[(~{E})-prop-1-enyl]oxan-2-yl]-5-oxidanyl-hexadeca-6,8,12,14-tetraenoic acid' 'C28 H46 N2 O5'
#
# COMPACT_ATOMS: atom_id res chain seq x y z
N VAL A 9 -6.36 -31.66 -8.08
CA VAL A 9 -5.52 -30.86 -7.14
C VAL A 9 -6.04 -29.42 -7.15
N GLN A 10 -7.04 -29.14 -6.30
CA GLN A 10 -7.63 -27.80 -6.24
C GLN A 10 -7.91 -27.35 -4.80
N PHE A 11 -7.74 -26.05 -4.57
CA PHE A 11 -7.78 -25.49 -3.23
C PHE A 11 -8.65 -24.24 -3.23
N LYS A 12 -9.47 -24.08 -2.20
CA LYS A 12 -10.29 -22.88 -2.03
C LYS A 12 -9.43 -21.78 -1.40
N LEU A 13 -9.41 -20.60 -2.06
CA LEU A 13 -8.71 -19.42 -1.56
C LEU A 13 -9.73 -18.31 -1.35
N VAL A 14 -9.77 -17.72 -0.15
CA VAL A 14 -10.60 -16.55 0.05
C VAL A 14 -9.72 -15.31 0.09
N LEU A 15 -10.24 -14.25 -0.53
CA LEU A 15 -9.60 -12.97 -0.65
C LEU A 15 -10.46 -11.95 0.09
N VAL A 16 -9.88 -11.32 1.12
CA VAL A 16 -10.59 -10.36 1.95
C VAL A 16 -9.75 -9.10 2.14
N GLY A 17 -10.43 -8.03 2.54
CA GLY A 17 -9.82 -6.72 2.75
C GLY A 17 -10.81 -5.59 2.44
N ASP A 18 -10.44 -4.36 2.80
CA ASP A 18 -11.35 -3.22 2.67
C ASP A 18 -11.68 -2.98 1.19
N GLY A 19 -12.80 -2.29 0.98
CA GLY A 19 -13.21 -1.85 -0.35
C GLY A 19 -12.13 -1.00 -1.00
N GLY A 20 -11.87 -1.24 -2.28
CA GLY A 20 -10.98 -0.40 -3.06
C GLY A 20 -9.50 -0.76 -2.93
N THR A 21 -9.18 -1.84 -2.18
CA THR A 21 -7.80 -2.21 -1.92
C THR A 21 -7.15 -2.89 -3.13
N GLY A 22 -7.95 -3.44 -4.06
CA GLY A 22 -7.42 -3.99 -5.30
C GLY A 22 -7.54 -5.51 -5.43
N LYS A 23 -8.42 -6.11 -4.63
CA LYS A 23 -8.61 -7.55 -4.64
C LYS A 23 -9.00 -8.02 -6.03
N THR A 24 -10.08 -7.44 -6.56
CA THR A 24 -10.66 -7.92 -7.80
C THR A 24 -9.70 -7.63 -8.96
N THR A 25 -9.07 -6.45 -8.92
CA THR A 25 -8.12 -6.00 -9.94
C THR A 25 -6.95 -6.98 -10.01
N PHE A 26 -6.49 -7.43 -8.85
CA PHE A 26 -5.34 -8.33 -8.74
C PHE A 26 -5.71 -9.70 -9.31
N VAL A 27 -6.89 -10.22 -8.95
CA VAL A 27 -7.35 -11.50 -9.48
C VAL A 27 -7.52 -11.41 -11.00
N LYS A 28 -8.19 -10.35 -11.49
CA LYS A 28 -8.43 -10.17 -12.92
C LYS A 28 -7.11 -10.18 -13.68
N ARG A 29 -6.11 -9.45 -13.16
CA ARG A 29 -4.82 -9.42 -13.81
C ARG A 29 -4.31 -10.86 -13.97
N HIS A 30 -4.46 -11.67 -12.93
CA HIS A 30 -4.02 -13.05 -12.95
C HIS A 30 -4.84 -13.90 -13.94
N LEU A 31 -6.14 -13.60 -14.07
CA LEU A 31 -7.03 -14.45 -14.84
C LEU A 31 -6.86 -14.22 -16.34
N THR A 32 -6.81 -12.94 -16.74
CA THR A 32 -6.89 -12.54 -18.15
C THR A 32 -5.66 -11.74 -18.58
N GLY A 33 -4.92 -11.18 -17.61
CA GLY A 33 -3.76 -10.36 -17.91
C GLY A 33 -4.05 -8.85 -17.92
N GLU A 34 -5.34 -8.48 -17.90
CA GLU A 34 -5.73 -7.08 -18.05
C GLU A 34 -5.56 -6.34 -16.72
N PHE A 35 -5.41 -5.01 -16.81
CA PHE A 35 -5.46 -4.14 -15.66
C PHE A 35 -6.71 -3.28 -15.74
N GLU A 36 -7.68 -3.53 -14.85
CA GLU A 36 -8.89 -2.73 -14.82
C GLU A 36 -8.66 -1.47 -13.99
N LYS A 37 -8.82 -0.29 -14.64
CA LYS A 37 -8.59 1.00 -13.99
C LYS A 37 -9.80 1.43 -13.17
N LYS A 38 -11.00 0.98 -13.55
CA LYS A 38 -12.22 1.43 -12.89
C LYS A 38 -12.46 0.60 -11.64
N TYR A 39 -13.10 1.24 -10.65
CA TYR A 39 -13.53 0.60 -9.42
C TYR A 39 -15.02 0.25 -9.49
N VAL A 40 -15.31 -1.02 -9.79
CA VAL A 40 -16.66 -1.54 -9.66
C VAL A 40 -16.68 -2.46 -8.44
N ALA A 41 -17.28 -1.99 -7.35
CA ALA A 41 -17.30 -2.73 -6.11
C ALA A 41 -17.87 -4.14 -6.32
N THR A 42 -17.24 -5.14 -5.70
CA THR A 42 -17.72 -6.50 -5.79
C THR A 42 -19.02 -6.60 -4.99
N LEU A 43 -19.96 -7.43 -5.50
CA LEU A 43 -21.23 -7.67 -4.84
C LEU A 43 -21.23 -9.05 -4.23
N GLY A 44 -21.06 -9.13 -2.91
CA GLY A 44 -20.99 -10.41 -2.21
C GLY A 44 -19.65 -11.10 -2.45
N VAL A 45 -19.62 -11.97 -3.47
CA VAL A 45 -18.40 -12.67 -3.85
C VAL A 45 -18.43 -12.93 -5.36
N GLU A 46 -17.24 -12.99 -5.95
CA GLU A 46 -17.05 -13.50 -7.31
C GLU A 46 -16.13 -14.72 -7.23
N VAL A 47 -16.50 -15.80 -7.89
CA VAL A 47 -15.73 -17.04 -7.83
C VAL A 47 -15.16 -17.30 -9.21
N HIS A 48 -13.85 -17.56 -9.27
CA HIS A 48 -13.18 -17.78 -10.54
C HIS A 48 -12.10 -18.84 -10.35
N PRO A 49 -11.98 -19.86 -11.21
CA PRO A 49 -10.85 -20.78 -11.17
C PRO A 49 -9.58 -20.13 -11.72
N LEU A 50 -8.43 -20.44 -11.08
CA LEU A 50 -7.15 -19.90 -11.51
C LEU A 50 -6.08 -20.98 -11.38
N VAL A 51 -5.39 -21.25 -12.50
CA VAL A 51 -4.49 -22.40 -12.57
C VAL A 51 -3.07 -21.86 -12.74
N PHE A 52 -2.12 -22.46 -12.03
CA PHE A 52 -0.71 -22.23 -12.33
C PHE A 52 -0.07 -23.56 -12.68
N HIS A 53 0.97 -23.50 -13.50
CA HIS A 53 1.74 -24.68 -13.88
C HIS A 53 3.05 -24.71 -13.08
N THR A 54 3.21 -25.74 -12.26
CA THR A 54 4.40 -25.91 -11.43
C THR A 54 5.23 -27.08 -11.95
N ASN A 55 6.46 -27.20 -11.43
CA ASN A 55 7.32 -28.33 -11.69
C ASN A 55 6.73 -29.61 -11.09
N ARG A 56 5.66 -29.49 -10.31
CA ARG A 56 5.00 -30.64 -9.71
C ARG A 56 3.63 -30.84 -10.36
N GLY A 57 3.41 -30.22 -11.52
CA GLY A 57 2.13 -30.31 -12.21
C GLY A 57 1.24 -29.10 -11.91
N PRO A 58 0.00 -29.09 -12.43
CA PRO A 58 -0.88 -27.93 -12.30
C PRO A 58 -1.46 -27.84 -10.88
N ILE A 59 -1.72 -26.62 -10.44
CA ILE A 59 -2.45 -26.37 -9.21
C ILE A 59 -3.56 -25.37 -9.51
N LYS A 60 -4.78 -25.70 -9.05
CA LYS A 60 -5.95 -24.89 -9.27
C LYS A 60 -6.35 -24.22 -7.96
N PHE A 61 -6.48 -22.89 -8.00
CA PHE A 61 -7.09 -22.14 -6.91
C PHE A 61 -8.54 -21.81 -7.27
N ASN A 62 -9.44 -22.19 -6.36
N ASN A 62 -9.48 -22.22 -6.41
CA ASN A 62 -10.85 -21.80 -6.41
CA ASN A 62 -10.84 -21.74 -6.56
C ASN A 62 -10.96 -20.46 -5.69
C ASN A 62 -10.95 -20.48 -5.73
N VAL A 63 -10.91 -19.34 -6.43
CA VAL A 63 -10.71 -18.02 -5.84
C VAL A 63 -12.05 -17.39 -5.50
N TRP A 64 -12.30 -17.19 -4.21
CA TRP A 64 -13.47 -16.48 -3.74
C TRP A 64 -13.07 -15.05 -3.41
N ASP A 65 -13.32 -14.15 -4.37
CA ASP A 65 -13.00 -12.74 -4.27
C ASP A 65 -14.16 -12.02 -3.59
N THR A 66 -14.05 -11.74 -2.28
CA THR A 66 -15.19 -11.25 -1.51
C THR A 66 -15.25 -9.72 -1.50
N ALA A 67 -16.41 -9.21 -1.07
CA ALA A 67 -16.68 -7.80 -1.05
C ALA A 67 -16.17 -7.19 0.25
N GLY A 68 -15.49 -6.04 0.11
CA GLY A 68 -14.90 -5.34 1.24
C GLY A 68 -15.80 -4.26 1.83
N LEU A 69 -16.70 -3.70 1.02
CA LEU A 69 -17.65 -2.69 1.48
C LEU A 69 -18.77 -3.38 2.25
N GLU A 70 -19.07 -2.86 3.43
CA GLU A 70 -20.05 -3.43 4.35
C GLU A 70 -21.40 -3.59 3.65
N LYS A 71 -21.81 -2.58 2.89
CA LYS A 71 -23.11 -2.55 2.26
C LYS A 71 -23.21 -3.61 1.15
N PHE A 72 -22.08 -4.11 0.63
CA PHE A 72 -22.11 -5.12 -0.42
C PHE A 72 -21.58 -6.46 0.06
N GLY A 73 -21.50 -6.63 1.39
CA GLY A 73 -20.75 -7.72 2.02
C GLY A 73 -21.38 -9.10 1.84
N GLY A 74 -22.69 -9.16 1.56
CA GLY A 74 -23.38 -10.42 1.36
C GLY A 74 -23.24 -11.35 2.57
N LEU A 75 -22.77 -12.58 2.33
CA LEU A 75 -22.77 -13.62 3.34
C LEU A 75 -21.59 -13.46 4.30
N ARG A 76 -20.66 -12.54 3.99
CA ARG A 76 -19.55 -12.21 4.88
C ARG A 76 -18.73 -13.48 5.14
N ASP A 77 -18.64 -13.88 6.42
CA ASP A 77 -17.80 -14.98 6.84
C ASP A 77 -18.33 -16.32 6.33
N GLY A 78 -19.62 -16.34 5.94
CA GLY A 78 -20.18 -17.43 5.18
C GLY A 78 -19.29 -17.86 4.01
N TYR A 79 -18.58 -16.91 3.41
CA TYR A 79 -17.76 -17.23 2.27
C TYR A 79 -16.49 -17.97 2.68
N TYR A 80 -16.17 -17.97 3.97
CA TYR A 80 -14.87 -18.47 4.41
C TYR A 80 -14.91 -19.98 4.63
N ILE A 81 -16.11 -20.58 4.65
CA ILE A 81 -16.27 -21.97 5.04
C ILE A 81 -15.44 -22.86 4.11
N GLN A 82 -14.55 -23.66 4.72
CA GLN A 82 -13.79 -24.70 4.06
C GLN A 82 -12.74 -24.12 3.11
N ALA A 83 -12.37 -22.85 3.32
CA ALA A 83 -11.22 -22.27 2.65
C ALA A 83 -9.96 -22.97 3.15
N GLN A 84 -9.03 -23.20 2.22
CA GLN A 84 -7.79 -23.90 2.50
C GLN A 84 -6.62 -22.92 2.51
N CYS A 85 -6.85 -21.68 2.05
CA CYS A 85 -5.84 -20.63 2.11
C CYS A 85 -6.52 -19.27 1.92
N ALA A 86 -5.76 -18.19 2.14
CA ALA A 86 -6.33 -16.86 2.08
C ALA A 86 -5.29 -15.79 1.73
N ILE A 87 -5.79 -14.70 1.13
CA ILE A 87 -5.07 -13.45 1.04
C ILE A 87 -5.88 -12.38 1.77
N ILE A 88 -5.24 -11.69 2.73
CA ILE A 88 -5.74 -10.44 3.28
C ILE A 88 -5.04 -9.30 2.57
N MET A 89 -5.82 -8.34 2.06
CA MET A 89 -5.33 -7.26 1.24
C MET A 89 -5.59 -5.92 1.91
N PHE A 90 -4.57 -5.03 1.89
CA PHE A 90 -4.81 -3.62 2.17
C PHE A 90 -4.13 -2.75 1.11
N ASP A 91 -4.26 -1.44 1.28
CA ASP A 91 -3.77 -0.46 0.34
C ASP A 91 -2.75 0.41 1.09
N VAL A 92 -1.48 0.36 0.67
CA VAL A 92 -0.42 1.08 1.37
C VAL A 92 -0.60 2.59 1.20
N THR A 93 -1.50 3.03 0.31
CA THR A 93 -1.82 4.44 0.21
C THR A 93 -2.99 4.82 1.11
N SER A 94 -3.54 3.87 1.91
CA SER A 94 -4.66 4.16 2.79
C SER A 94 -4.49 3.53 4.17
N ARG A 95 -4.23 4.37 5.18
CA ARG A 95 -3.99 3.92 6.55
C ARG A 95 -5.18 3.12 7.09
N VAL A 96 -6.40 3.56 6.81
CA VAL A 96 -7.56 2.89 7.40
C VAL A 96 -7.56 1.42 6.97
N THR A 97 -7.12 1.12 5.73
CA THR A 97 -7.19 -0.24 5.23
C THR A 97 -6.22 -1.15 5.99
N TYR A 98 -5.13 -0.57 6.50
CA TYR A 98 -4.22 -1.34 7.33
C TYR A 98 -4.82 -1.48 8.72
N LYS A 99 -5.39 -0.40 9.27
CA LYS A 99 -6.01 -0.46 10.59
C LYS A 99 -7.06 -1.58 10.65
N ASN A 100 -7.68 -1.90 9.51
CA ASN A 100 -8.72 -2.92 9.47
C ASN A 100 -8.19 -4.33 9.21
N VAL A 101 -6.88 -4.49 8.96
CA VAL A 101 -6.31 -5.81 8.70
C VAL A 101 -6.62 -6.76 9.87
N PRO A 102 -6.44 -6.37 11.16
CA PRO A 102 -6.77 -7.27 12.27
C PRO A 102 -8.23 -7.68 12.34
N ASN A 103 -9.14 -6.85 11.79
CA ASN A 103 -10.56 -7.17 11.79
C ASN A 103 -10.87 -8.26 10.77
N TRP A 104 -10.36 -8.10 9.54
CA TRP A 104 -10.46 -9.14 8.52
C TRP A 104 -9.82 -10.44 9.01
N HIS A 105 -8.64 -10.36 9.63
CA HIS A 105 -7.94 -11.54 10.11
C HIS A 105 -8.76 -12.24 11.18
N ARG A 106 -9.26 -11.46 12.16
CA ARG A 106 -10.16 -11.98 13.16
C ARG A 106 -11.31 -12.77 12.52
N ASP A 107 -12.06 -12.15 11.60
CA ASP A 107 -13.25 -12.79 11.05
C ASP A 107 -12.87 -14.05 10.28
N LEU A 108 -11.71 -14.02 9.63
CA LEU A 108 -11.26 -15.12 8.79
C LEU A 108 -10.85 -16.34 9.62
N VAL A 109 -10.05 -16.16 10.69
CA VAL A 109 -9.47 -17.32 11.36
C VAL A 109 -10.47 -17.93 12.33
N ARG A 110 -11.54 -17.20 12.68
CA ARG A 110 -12.58 -17.77 13.51
C ARG A 110 -13.25 -18.91 12.74
N VAL A 111 -13.35 -18.77 11.40
CA VAL A 111 -13.89 -19.81 10.54
C VAL A 111 -12.81 -20.76 10.03
N CYS A 112 -11.62 -20.26 9.67
CA CYS A 112 -10.53 -21.06 9.11
C CYS A 112 -9.31 -21.02 10.03
N GLU A 113 -9.20 -22.01 10.92
CA GLU A 113 -8.35 -21.88 12.10
C GLU A 113 -6.89 -22.15 11.77
N ASN A 114 -6.62 -23.04 10.81
CA ASN A 114 -5.24 -23.44 10.58
C ASN A 114 -4.97 -23.48 9.08
N ILE A 115 -4.87 -22.30 8.45
CA ILE A 115 -4.63 -22.23 7.01
C ILE A 115 -3.50 -21.24 6.74
N PRO A 116 -2.74 -21.43 5.63
CA PRO A 116 -1.77 -20.44 5.18
C PRO A 116 -2.43 -19.18 4.65
N ILE A 117 -1.91 -18.03 5.11
CA ILE A 117 -2.46 -16.72 4.82
C ILE A 117 -1.30 -15.80 4.44
N VAL A 118 -1.50 -15.07 3.35
CA VAL A 118 -0.60 -14.02 2.90
C VAL A 118 -1.30 -12.70 3.17
N LEU A 119 -0.56 -11.78 3.82
CA LEU A 119 -0.96 -10.39 3.89
C LEU A 119 -0.27 -9.63 2.76
N CYS A 120 -1.04 -8.83 2.05
CA CYS A 120 -0.54 -8.14 0.87
C CYS A 120 -0.89 -6.66 0.97
N GLY A 121 0.15 -5.82 0.99
CA GLY A 121 -0.02 -4.37 0.89
C GLY A 121 0.12 -3.96 -0.57
N ASN A 122 -1.02 -3.62 -1.18
CA ASN A 122 -1.08 -3.35 -2.61
C ASN A 122 -0.81 -1.86 -2.86
N LYS A 123 -0.49 -1.55 -4.13
CA LYS A 123 -0.42 -0.18 -4.64
C LYS A 123 0.89 0.49 -4.25
N VAL A 124 1.96 -0.31 -4.11
CA VAL A 124 3.29 0.22 -3.83
C VAL A 124 3.86 0.98 -5.03
N ASP A 125 3.17 0.93 -6.17
CA ASP A 125 3.55 1.70 -7.35
C ASP A 125 3.35 3.20 -7.13
N ILE A 126 2.40 3.58 -6.26
CA ILE A 126 2.11 4.99 -6.02
C ILE A 126 3.18 5.57 -5.11
N LYS A 127 3.65 6.78 -5.46
CA LYS A 127 4.83 7.38 -4.86
C LYS A 127 4.56 7.79 -3.41
N ASP A 128 3.40 8.41 -3.18
CA ASP A 128 3.05 8.93 -1.87
C ASP A 128 2.49 7.78 -1.01
N ARG A 129 3.39 6.93 -0.51
CA ARG A 129 2.99 5.78 0.30
C ARG A 129 2.64 6.24 1.71
N LYS A 130 1.55 5.71 2.27
CA LYS A 130 1.03 6.19 3.54
C LYS A 130 1.24 5.17 4.66
N VAL A 131 1.28 3.87 4.33
CA VAL A 131 1.53 2.84 5.33
C VAL A 131 2.98 2.38 5.18
N LYS A 132 3.81 2.88 6.09
CA LYS A 132 5.25 2.75 5.97
C LYS A 132 5.67 1.34 6.38
N ALA A 133 6.75 0.87 5.78
CA ALA A 133 7.29 -0.46 6.03
C ALA A 133 7.41 -0.72 7.52
N LYS A 134 8.01 0.24 8.25
CA LYS A 134 8.20 0.18 9.69
C LYS A 134 6.91 -0.20 10.42
N SER A 135 5.74 0.28 9.94
CA SER A 135 4.47 0.12 10.65
C SER A 135 3.87 -1.28 10.46
N ILE A 136 4.29 -2.03 9.44
CA ILE A 136 3.65 -3.27 9.07
C ILE A 136 4.33 -4.44 9.79
N VAL A 137 3.73 -4.85 10.92
CA VAL A 137 4.26 -5.89 11.78
C VAL A 137 3.17 -6.89 12.21
N PHE A 138 1.90 -6.65 11.82
CA PHE A 138 0.79 -7.44 12.32
C PHE A 138 0.96 -8.93 12.00
N HIS A 139 1.59 -9.19 10.85
CA HIS A 139 1.77 -10.54 10.33
C HIS A 139 2.69 -11.40 11.22
N ARG A 140 3.54 -10.78 12.06
CA ARG A 140 4.59 -11.52 12.74
C ARG A 140 3.96 -12.47 13.77
N LYS A 141 3.17 -11.93 14.69
CA LYS A 141 2.59 -12.80 15.70
C LYS A 141 1.54 -13.73 15.10
N LYS A 142 0.99 -13.43 13.93
CA LYS A 142 -0.05 -14.30 13.38
C LYS A 142 0.49 -15.26 12.33
N ASN A 143 1.81 -15.25 12.09
CA ASN A 143 2.43 -16.22 11.19
C ASN A 143 1.88 -16.09 9.77
N LEU A 144 1.52 -14.87 9.36
CA LEU A 144 1.15 -14.59 7.99
C LEU A 144 2.42 -14.29 7.19
N GLN A 145 2.51 -14.79 5.94
CA GLN A 145 3.49 -14.29 5.00
C GLN A 145 3.09 -12.88 4.60
N TYR A 146 4.07 -12.00 4.34
CA TYR A 146 3.79 -10.65 3.88
C TYR A 146 4.52 -10.36 2.57
N TYR A 147 3.83 -9.71 1.63
CA TYR A 147 4.46 -9.11 0.46
C TYR A 147 3.91 -7.70 0.20
N ASP A 148 4.81 -6.76 -0.10
CA ASP A 148 4.45 -5.58 -0.87
C ASP A 148 4.08 -6.04 -2.28
N ILE A 149 2.94 -5.56 -2.81
CA ILE A 149 2.56 -5.88 -4.18
C ILE A 149 2.00 -4.65 -4.88
N SER A 150 1.96 -4.75 -6.21
CA SER A 150 1.26 -3.81 -7.07
C SER A 150 0.60 -4.58 -8.21
N ALA A 151 -0.73 -4.62 -8.20
CA ALA A 151 -1.45 -5.20 -9.33
C ALA A 151 -1.19 -4.39 -10.61
N LYS A 152 -0.71 -3.14 -10.48
CA LYS A 152 -0.58 -2.25 -11.62
C LYS A 152 0.80 -2.37 -12.26
N SER A 153 1.85 -2.45 -11.46
CA SER A 153 3.20 -2.63 -11.98
C SER A 153 3.58 -4.11 -12.03
N ASN A 154 2.78 -4.98 -11.38
CA ASN A 154 3.09 -6.40 -11.25
C ASN A 154 4.26 -6.65 -10.31
N TYR A 155 4.66 -5.65 -9.50
CA TYR A 155 5.61 -5.89 -8.43
C TYR A 155 5.11 -7.06 -7.57
N ASN A 156 5.96 -8.10 -7.46
CA ASN A 156 5.73 -9.28 -6.63
C ASN A 156 4.38 -9.96 -6.89
N PHE A 157 3.80 -9.84 -8.09
CA PHE A 157 2.39 -10.20 -8.22
C PHE A 157 2.18 -11.71 -8.30
N GLU A 158 3.26 -12.49 -8.47
CA GLU A 158 3.17 -13.95 -8.45
C GLU A 158 3.37 -14.50 -7.04
N LYS A 159 4.01 -13.73 -6.17
CA LYS A 159 4.53 -14.22 -4.91
C LYS A 159 3.43 -14.79 -4.01
N PRO A 160 2.28 -14.11 -3.79
CA PRO A 160 1.26 -14.69 -2.92
C PRO A 160 0.88 -16.11 -3.34
N PHE A 161 0.70 -16.34 -4.65
CA PHE A 161 0.24 -17.63 -5.14
C PHE A 161 1.37 -18.67 -5.11
N LEU A 162 2.59 -18.26 -5.43
CA LEU A 162 3.74 -19.15 -5.33
C LEU A 162 3.92 -19.62 -3.88
N TRP A 163 3.82 -18.68 -2.93
CA TRP A 163 3.96 -19.01 -1.53
C TRP A 163 2.86 -19.99 -1.10
N LEU A 164 1.60 -19.66 -1.40
CA LEU A 164 0.50 -20.53 -0.97
C LEU A 164 0.65 -21.92 -1.57
N ALA A 165 1.12 -22.00 -2.82
CA ALA A 165 1.28 -23.27 -3.51
C ALA A 165 2.35 -24.11 -2.81
N ARG A 166 3.44 -23.46 -2.42
CA ARG A 166 4.49 -24.19 -1.71
C ARG A 166 3.94 -24.74 -0.39
N LYS A 167 3.08 -23.97 0.27
CA LYS A 167 2.51 -24.40 1.54
C LYS A 167 1.50 -25.53 1.33
N LEU A 168 0.61 -25.41 0.34
CA LEU A 168 -0.47 -26.37 0.18
C LEU A 168 0.02 -27.71 -0.38
N ILE A 169 1.00 -27.67 -1.29
CA ILE A 169 1.57 -28.87 -1.88
C ILE A 169 2.58 -29.50 -0.92
N GLY A 170 3.16 -28.68 -0.03
CA GLY A 170 4.10 -29.16 0.97
C GLY A 170 5.48 -29.39 0.37
N ASP A 171 5.88 -28.51 -0.55
CA ASP A 171 7.17 -28.61 -1.21
C ASP A 171 7.73 -27.21 -1.33
N PRO A 172 8.82 -26.88 -0.59
CA PRO A 172 9.38 -25.53 -0.60
C PRO A 172 10.17 -25.14 -1.85
N ASN A 173 10.44 -26.11 -2.73
CA ASN A 173 11.23 -25.85 -3.94
C ASN A 173 10.35 -25.85 -5.19
N LEU A 174 9.04 -25.88 -4.98
CA LEU A 174 8.07 -25.82 -6.06
C LEU A 174 8.29 -24.51 -6.81
N GLU A 175 8.29 -24.59 -8.15
CA GLU A 175 8.45 -23.40 -8.98
C GLU A 175 7.28 -23.35 -9.96
N PHE A 176 6.89 -22.13 -10.36
CA PHE A 176 6.06 -21.96 -11.54
C PHE A 176 6.95 -22.22 -12.76
N VAL A 177 6.40 -22.93 -13.76
CA VAL A 177 7.17 -23.33 -14.92
C VAL A 177 6.46 -22.89 -16.20
N ALA A 178 7.20 -22.80 -17.31
CA ALA A 178 6.60 -22.64 -18.63
C ALA A 178 6.13 -24.00 -19.13
N MET A 179 4.83 -24.12 -19.42
CA MET A 179 4.28 -25.30 -20.08
C MET A 179 4.60 -25.22 -21.57
N PRO A 180 5.04 -26.32 -22.25
CA PRO A 180 5.32 -26.27 -23.68
C PRO A 180 4.12 -25.82 -24.50
N ALA A 181 4.39 -25.03 -25.56
CA ALA A 181 3.34 -24.35 -26.30
C ALA A 181 3.10 -25.05 -27.63
N ALA A 182 1.86 -25.56 -27.80
CA ALA A 182 1.46 -26.28 -29.01
C ALA A 182 1.67 -25.40 -30.25
N ALA A 183 2.06 -26.03 -31.37
CA ALA A 183 2.19 -25.33 -32.63
C ALA A 183 0.82 -24.81 -33.06
N PRO A 184 0.71 -23.51 -33.42
CA PRO A 184 -0.59 -22.90 -33.75
C PRO A 184 -1.06 -23.22 -35.16
N PRO A 185 -2.39 -23.19 -35.45
CA PRO A 185 -2.91 -23.58 -36.75
C PRO A 185 -2.69 -22.59 -37.90
N GLU A 186 -2.76 -23.09 -39.13
CA GLU A 186 -2.66 -22.20 -40.33
C GLU A 186 -4.03 -21.54 -40.48
N VAL A 187 -4.11 -20.39 -41.15
CA VAL A 187 -5.40 -19.62 -41.13
C VAL A 187 -6.14 -19.66 -42.46
N VAL A 188 -7.47 -19.53 -42.40
CA VAL A 188 -8.30 -19.46 -43.63
C VAL A 188 -9.22 -18.24 -43.49
N MET A 189 -8.97 -17.17 -44.25
CA MET A 189 -9.77 -15.93 -44.09
C MET A 189 -11.02 -15.97 -44.97
N ASP A 190 -12.21 -15.99 -44.35
CA ASP A 190 -13.48 -16.00 -45.11
C ASP A 190 -13.66 -14.65 -45.81
N PRO A 191 -13.72 -14.61 -47.15
CA PRO A 191 -13.94 -13.37 -47.88
C PRO A 191 -15.30 -12.76 -47.52
N ALA A 192 -16.16 -13.51 -46.84
CA ALA A 192 -17.45 -12.93 -46.41
C ALA A 192 -17.20 -12.00 -45.21
N LEU A 193 -16.16 -12.29 -44.42
CA LEU A 193 -15.86 -11.48 -43.20
C LEU A 193 -14.75 -10.49 -43.54
N ALA A 194 -14.16 -10.62 -44.73
CA ALA A 194 -13.12 -9.66 -45.16
C ALA A 194 -13.52 -8.24 -44.75
N ALA A 195 -14.63 -7.75 -45.29
CA ALA A 195 -15.12 -6.41 -44.93
C ALA A 195 -15.33 -6.34 -43.41
N GLN A 196 -15.94 -7.36 -42.83
CA GLN A 196 -16.22 -7.35 -41.37
C GLN A 196 -14.97 -6.87 -40.65
N TYR A 197 -13.82 -7.40 -41.04
CA TYR A 197 -12.55 -7.04 -40.37
C TYR A 197 -12.27 -5.55 -40.61
N GLU A 198 -12.26 -5.13 -41.88
CA GLU A 198 -11.89 -3.75 -42.16
C GLU A 198 -12.55 -2.82 -41.12
N HIS A 199 -13.84 -3.04 -40.85
CA HIS A 199 -14.57 -2.25 -39.86
C HIS A 199 -13.95 -2.38 -38.47
N ASP A 200 -13.90 -3.61 -37.96
CA ASP A 200 -13.48 -3.89 -36.59
C ASP A 200 -12.07 -3.37 -36.33
N LEU A 201 -11.24 -3.39 -37.37
CA LEU A 201 -9.85 -2.95 -37.30
C LEU A 201 -9.80 -1.43 -37.33
N GLU A 202 -10.73 -0.81 -38.07
CA GLU A 202 -10.85 0.64 -38.17
C GLU A 202 -11.11 1.23 -36.80
N VAL A 203 -12.04 0.61 -36.05
CA VAL A 203 -12.38 1.05 -34.71
C VAL A 203 -11.16 0.95 -33.81
N ALA A 204 -10.42 -0.15 -33.94
CA ALA A 204 -9.33 -0.48 -33.04
C ALA A 204 -8.15 0.47 -33.26
N GLN A 205 -7.86 0.79 -34.53
CA GLN A 205 -6.78 1.70 -34.88
C GLN A 205 -7.04 3.12 -34.35
N THR A 206 -8.32 3.50 -34.20
CA THR A 206 -8.71 4.86 -33.85
C THR A 206 -9.14 4.95 -32.39
N THR A 207 -9.04 3.85 -31.63
CA THR A 207 -9.13 3.89 -30.19
C THR A 207 -7.71 3.83 -29.61
N ALA A 208 -7.34 4.87 -28.85
CA ALA A 208 -5.97 5.03 -28.38
C ALA A 208 -5.63 3.91 -27.39
N LEU A 209 -4.39 3.43 -27.45
CA LEU A 209 -3.89 2.49 -26.46
C LEU A 209 -3.78 3.22 -25.13
N PRO A 210 -4.10 2.57 -23.98
CA PRO A 210 -3.98 3.24 -22.68
C PRO A 210 -2.53 3.35 -22.23
N ASP A 211 -2.26 4.37 -21.39
CA ASP A 211 -1.04 4.50 -20.61
C ASP A 211 0.17 4.61 -21.53
N GLU A 212 0.13 5.57 -22.46
CA GLU A 212 1.16 5.70 -23.47
C GLU A 212 2.43 6.30 -22.87
N ASP A 213 2.40 6.67 -21.58
CA ASP A 213 3.60 7.19 -20.92
C ASP A 213 4.43 6.08 -20.27
N ASP A 214 3.86 4.87 -20.14
CA ASP A 214 4.51 3.78 -19.41
C ASP A 214 5.68 3.22 -20.21
N ASP A 215 6.54 2.46 -19.53
CA ASP A 215 7.77 1.96 -20.12
C ASP A 215 7.44 0.93 -21.20
N LEU A 216 6.33 0.20 -21.05
CA LEU A 216 5.77 -0.57 -22.14
C LEU A 216 4.25 -0.38 -22.18
N GLU B 19 10.62 -25.97 -26.56
CA GLU B 19 10.68 -25.10 -27.76
C GLU B 19 12.09 -25.14 -28.36
N GLU B 20 12.74 -26.31 -28.29
CA GLU B 20 14.05 -26.53 -28.88
C GLU B 20 13.91 -27.13 -30.28
N ASP B 21 12.67 -27.42 -30.72
CA ASP B 21 12.38 -27.74 -32.10
C ASP B 21 12.27 -26.44 -32.91
N GLU B 22 12.43 -25.29 -32.23
CA GLU B 22 12.30 -23.98 -32.83
C GLU B 22 13.60 -23.19 -32.64
N GLU B 23 13.88 -22.33 -33.63
CA GLU B 23 14.98 -21.37 -33.57
C GLU B 23 14.40 -20.01 -33.20
N VAL B 24 15.15 -19.25 -32.40
CA VAL B 24 14.77 -17.90 -32.02
C VAL B 24 15.32 -16.91 -33.05
N LEU B 25 14.43 -16.35 -33.88
CA LEU B 25 14.83 -15.43 -34.93
C LEU B 25 14.96 -14.00 -34.38
N TYR B 26 14.14 -13.69 -33.37
CA TYR B 26 13.99 -12.34 -32.84
C TYR B 26 13.36 -12.40 -31.45
N LYS B 27 13.88 -11.57 -30.54
CA LYS B 27 13.35 -11.46 -29.20
C LYS B 27 13.26 -9.97 -28.85
N VAL B 28 12.12 -9.55 -28.30
CA VAL B 28 11.93 -8.15 -27.92
C VAL B 28 10.88 -8.04 -26.82
N ARG B 29 11.12 -7.13 -25.87
CA ARG B 29 10.17 -6.86 -24.80
C ARG B 29 9.01 -6.04 -25.36
N ALA B 30 7.80 -6.43 -24.93
CA ALA B 30 6.58 -5.85 -25.45
C ALA B 30 5.45 -5.99 -24.43
N LYS B 31 4.43 -5.15 -24.60
CA LYS B 31 3.13 -5.31 -23.99
C LYS B 31 2.11 -5.58 -25.10
N LEU B 32 1.22 -6.56 -24.88
CA LEU B 32 0.24 -6.97 -25.88
C LEU B 32 -1.17 -6.68 -25.38
N PHE B 33 -1.99 -6.12 -26.27
CA PHE B 33 -3.38 -5.85 -25.99
C PHE B 33 -4.27 -6.59 -26.99
N ARG B 34 -5.51 -6.83 -26.56
CA ARG B 34 -6.58 -7.28 -27.42
C ARG B 34 -7.72 -6.28 -27.33
N PHE B 35 -8.38 -6.02 -28.46
CA PHE B 35 -9.51 -5.09 -28.47
C PHE B 35 -10.79 -5.84 -28.10
N ASP B 36 -11.53 -5.28 -27.14
CA ASP B 36 -12.84 -5.77 -26.75
C ASP B 36 -13.89 -4.84 -27.37
N ALA B 37 -14.55 -5.31 -28.44
CA ALA B 37 -15.55 -4.53 -29.16
C ALA B 37 -16.69 -4.16 -28.22
N ASP B 38 -17.07 -5.08 -27.32
CA ASP B 38 -18.16 -4.88 -26.40
C ASP B 38 -17.92 -3.64 -25.55
N ALA B 39 -16.70 -3.50 -25.00
CA ALA B 39 -16.34 -2.37 -24.17
C ALA B 39 -15.74 -1.25 -25.01
N LYS B 40 -15.47 -1.53 -26.29
CA LYS B 40 -14.83 -0.56 -27.19
C LYS B 40 -13.56 -0.03 -26.55
N GLU B 41 -12.79 -0.92 -25.89
CA GLU B 41 -11.56 -0.51 -25.26
C GLU B 41 -10.51 -1.60 -25.43
N TRP B 42 -9.25 -1.17 -25.35
CA TRP B 42 -8.11 -2.06 -25.35
C TRP B 42 -7.90 -2.64 -23.96
N LYS B 43 -7.73 -3.97 -23.90
CA LYS B 43 -7.41 -4.65 -22.64
C LYS B 43 -6.05 -5.34 -22.77
N GLU B 44 -5.18 -5.08 -21.79
CA GLU B 44 -3.92 -5.80 -21.68
C GLU B 44 -4.13 -7.30 -21.66
N ARG B 45 -3.22 -8.01 -22.34
CA ARG B 45 -3.21 -9.45 -22.29
C ARG B 45 -1.95 -9.94 -21.61
N GLY B 46 -0.82 -9.26 -21.82
CA GLY B 46 0.41 -9.69 -21.21
C GLY B 46 1.57 -8.74 -21.47
N THR B 47 2.56 -8.79 -20.57
CA THR B 47 3.81 -8.09 -20.74
C THR B 47 4.94 -9.09 -20.56
N GLY B 48 5.92 -9.09 -21.47
CA GLY B 48 7.02 -10.03 -21.41
C GLY B 48 7.77 -10.14 -22.74
N ASP B 49 8.53 -11.23 -22.91
CA ASP B 49 9.35 -11.42 -24.09
C ASP B 49 8.48 -11.96 -25.23
N CYS B 50 8.38 -11.16 -26.31
CA CYS B 50 7.82 -11.61 -27.57
C CYS B 50 8.92 -12.23 -28.41
N LYS B 51 8.73 -13.50 -28.82
CA LYS B 51 9.73 -14.24 -29.57
C LYS B 51 9.14 -14.67 -30.91
N PHE B 52 9.98 -14.60 -31.96
CA PHE B 52 9.67 -15.18 -33.25
C PHE B 52 10.39 -16.53 -33.35
N LEU B 53 9.61 -17.61 -33.41
CA LEU B 53 10.18 -18.95 -33.33
C LEU B 53 10.04 -19.65 -34.68
N LYS B 54 11.17 -20.08 -35.26
CA LYS B 54 11.18 -20.84 -36.50
C LYS B 54 11.26 -22.35 -36.21
N ASN B 55 10.18 -23.06 -36.56
CA ASN B 55 10.08 -24.50 -36.40
C ASN B 55 11.05 -25.18 -37.38
N LYS B 56 11.94 -26.04 -36.85
CA LYS B 56 13.04 -26.57 -37.64
C LYS B 56 12.60 -27.76 -38.50
N LYS B 57 11.32 -28.17 -38.40
CA LYS B 57 10.76 -29.20 -39.25
C LYS B 57 10.03 -28.60 -40.45
N THR B 58 9.13 -27.64 -40.18
CA THR B 58 8.26 -27.07 -41.20
C THR B 58 8.83 -25.74 -41.73
N ASN B 59 9.77 -25.14 -40.99
CA ASN B 59 10.32 -23.82 -41.26
C ASN B 59 9.27 -22.71 -41.12
N LYS B 60 8.17 -23.02 -40.41
CA LYS B 60 7.11 -22.06 -40.13
C LYS B 60 7.53 -21.21 -38.91
N VAL B 61 7.24 -19.90 -38.97
CA VAL B 61 7.59 -18.96 -37.91
C VAL B 61 6.32 -18.50 -37.20
N ARG B 62 6.30 -18.64 -35.86
CA ARG B 62 5.20 -18.15 -35.05
C ARG B 62 5.68 -17.00 -34.16
N ILE B 63 4.71 -16.22 -33.68
CA ILE B 63 4.90 -15.41 -32.49
C ILE B 63 4.56 -16.25 -31.27
N LEU B 64 5.47 -16.27 -30.30
CA LEU B 64 5.15 -16.83 -28.99
C LEU B 64 5.58 -15.85 -27.89
N MET B 65 4.62 -15.53 -27.02
CA MET B 65 4.83 -14.53 -26.00
C MET B 65 4.35 -15.06 -24.65
N ARG B 66 5.21 -14.90 -23.64
CA ARG B 66 4.93 -15.36 -22.28
C ARG B 66 5.01 -14.17 -21.32
N ARG B 67 4.09 -14.17 -20.35
CA ARG B 67 4.02 -13.12 -19.34
C ARG B 67 5.23 -13.22 -18.40
N ASP B 68 5.72 -12.06 -17.93
CA ASP B 68 6.68 -12.04 -16.83
C ASP B 68 6.05 -12.70 -15.60
N LYS B 69 6.92 -13.23 -14.71
CA LYS B 69 6.56 -13.79 -13.41
C LYS B 69 5.88 -15.15 -13.58
N THR B 70 4.71 -15.18 -14.23
CA THR B 70 3.93 -16.40 -14.34
C THR B 70 4.39 -17.29 -15.49
N LEU B 71 5.01 -16.67 -16.52
CA LEU B 71 5.49 -17.35 -17.71
C LEU B 71 4.34 -17.95 -18.53
N LYS B 72 3.09 -17.52 -18.26
CA LYS B 72 1.96 -18.01 -19.01
C LYS B 72 1.97 -17.41 -20.42
N ILE B 73 1.32 -18.16 -21.33
CA ILE B 73 1.29 -17.84 -22.74
C ILE B 73 0.19 -16.81 -22.97
N CYS B 74 0.55 -15.65 -23.55
CA CYS B 74 -0.42 -14.62 -23.89
C CYS B 74 -0.49 -14.43 -25.42
N ALA B 75 0.44 -15.02 -26.18
CA ALA B 75 0.30 -15.03 -27.63
C ALA B 75 0.95 -16.27 -28.23
N ASN B 76 0.21 -16.93 -29.12
CA ASN B 76 0.69 -18.12 -29.82
C ASN B 76 -0.06 -18.23 -31.14
N HIS B 77 0.57 -17.76 -32.23
CA HIS B 77 -0.04 -17.71 -33.55
C HIS B 77 1.05 -17.64 -34.64
N ILE B 78 0.68 -18.11 -35.84
CA ILE B 78 1.53 -18.03 -37.01
C ILE B 78 1.59 -16.57 -37.47
N ILE B 79 2.77 -16.11 -37.90
CA ILE B 79 2.88 -14.83 -38.57
C ILE B 79 2.41 -15.02 -40.01
N ALA B 80 1.08 -14.98 -40.19
CA ALA B 80 0.42 -15.24 -41.46
C ALA B 80 0.83 -14.20 -42.50
N PRO B 81 1.12 -14.62 -43.75
CA PRO B 81 1.45 -13.68 -44.83
C PRO B 81 0.41 -12.59 -45.13
N GLU B 82 -0.86 -12.88 -44.82
CA GLU B 82 -1.97 -11.99 -45.11
C GLU B 82 -2.06 -10.82 -44.13
N TYR B 83 -1.37 -10.92 -42.99
CA TYR B 83 -1.48 -9.94 -41.92
C TYR B 83 -0.74 -8.65 -42.30
N THR B 84 -1.28 -7.53 -41.82
CA THR B 84 -0.75 -6.20 -42.06
C THR B 84 -0.68 -5.43 -40.74
N LEU B 85 0.52 -4.97 -40.39
CA LEU B 85 0.76 -4.13 -39.22
C LEU B 85 0.32 -2.71 -39.52
N LYS B 86 -0.55 -2.17 -38.66
CA LYS B 86 -1.10 -0.83 -38.82
C LYS B 86 -0.75 0.04 -37.62
N PRO B 87 -0.58 1.38 -37.80
CA PRO B 87 -0.35 2.26 -36.65
C PRO B 87 -1.59 2.40 -35.77
N ASN B 88 -1.39 2.62 -34.47
CA ASN B 88 -2.47 3.06 -33.58
C ASN B 88 -2.42 4.59 -33.48
N VAL B 89 -3.60 5.21 -33.46
CA VAL B 89 -3.71 6.65 -33.47
C VAL B 89 -2.93 7.27 -32.29
N GLY B 90 -2.73 6.49 -31.21
CA GLY B 90 -2.20 7.03 -29.97
C GLY B 90 -0.68 6.89 -29.79
N SER B 91 -0.01 6.16 -30.69
CA SER B 91 1.33 5.66 -30.40
C SER B 91 2.21 5.72 -31.65
N ASP B 92 3.49 6.05 -31.45
CA ASP B 92 4.48 5.96 -32.51
C ASP B 92 5.35 4.72 -32.29
N ARG B 93 4.95 3.84 -31.37
CA ARG B 93 5.74 2.67 -31.03
C ARG B 93 4.86 1.43 -30.84
N SER B 94 3.74 1.35 -31.57
CA SER B 94 2.90 0.17 -31.53
C SER B 94 2.48 -0.24 -32.94
N TRP B 95 2.01 -1.50 -33.08
CA TRP B 95 1.33 -1.98 -34.27
C TRP B 95 0.01 -2.62 -33.87
N VAL B 96 -1.03 -2.45 -34.69
CA VAL B 96 -2.22 -3.28 -34.50
C VAL B 96 -2.39 -4.16 -35.74
N TYR B 97 -2.91 -5.37 -35.52
CA TYR B 97 -3.21 -6.28 -36.60
C TYR B 97 -4.28 -7.28 -36.16
N ALA B 98 -5.07 -7.73 -37.14
CA ALA B 98 -6.03 -8.79 -36.94
C ALA B 98 -5.31 -10.13 -37.05
N CYS B 99 -5.67 -11.05 -36.15
CA CYS B 99 -5.16 -12.40 -36.12
C CYS B 99 -6.37 -13.33 -36.06
N THR B 100 -6.45 -14.29 -36.99
CA THR B 100 -7.67 -15.06 -37.15
C THR B 100 -7.64 -16.36 -36.32
N ALA B 101 -6.46 -16.74 -35.80
CA ALA B 101 -6.35 -17.93 -34.97
C ALA B 101 -5.16 -17.85 -34.01
N ASP B 102 -5.45 -17.49 -32.74
CA ASP B 102 -4.48 -17.51 -31.66
C ASP B 102 -4.89 -18.58 -30.65
N ILE B 103 -3.90 -19.35 -30.15
CA ILE B 103 -4.20 -20.50 -29.29
C ILE B 103 -3.53 -20.35 -27.90
N ALA B 104 -3.36 -19.11 -27.44
CA ALA B 104 -2.78 -18.83 -26.12
C ALA B 104 -3.67 -19.39 -25.00
N GLU B 105 -4.97 -19.14 -25.08
CA GLU B 105 -5.93 -19.59 -24.07
C GLU B 105 -6.58 -20.92 -24.47
N GLY B 106 -5.98 -21.65 -25.42
CA GLY B 106 -6.47 -22.96 -25.82
C GLY B 106 -7.16 -22.96 -27.18
N GLU B 107 -8.49 -22.82 -27.17
CA GLU B 107 -9.32 -22.90 -28.37
C GLU B 107 -9.03 -21.71 -29.29
N ALA B 108 -8.59 -22.00 -30.53
CA ALA B 108 -8.24 -20.96 -31.50
C ALA B 108 -9.33 -19.90 -31.59
N GLU B 109 -8.95 -18.63 -31.37
CA GLU B 109 -9.88 -17.51 -31.48
C GLU B 109 -9.27 -16.45 -32.41
N ALA B 110 -10.17 -15.59 -32.93
CA ALA B 110 -9.76 -14.40 -33.67
C ALA B 110 -9.63 -13.24 -32.68
N PHE B 111 -8.62 -12.40 -32.89
CA PHE B 111 -8.38 -11.24 -32.06
C PHE B 111 -7.91 -10.09 -32.94
N THR B 112 -8.31 -8.87 -32.54
CA THR B 112 -7.60 -7.67 -32.95
C THR B 112 -6.56 -7.36 -31.88
N PHE B 113 -5.29 -7.51 -32.26
CA PHE B 113 -4.18 -7.34 -31.34
C PHE B 113 -3.59 -5.94 -31.53
N ALA B 114 -3.04 -5.39 -30.44
CA ALA B 114 -2.05 -4.33 -30.50
C ALA B 114 -0.84 -4.76 -29.67
N ILE B 115 0.35 -4.43 -30.14
CA ILE B 115 1.56 -4.74 -29.40
C ILE B 115 2.39 -3.47 -29.35
N ARG B 116 2.86 -3.11 -28.15
CA ARG B 116 3.57 -1.86 -27.94
C ARG B 116 4.96 -2.20 -27.42
N PHE B 117 5.95 -1.38 -27.79
CA PHE B 117 7.35 -1.65 -27.53
C PHE B 117 7.95 -0.50 -26.73
N GLY B 118 9.24 -0.61 -26.39
CA GLY B 118 9.91 0.39 -25.57
C GLY B 118 10.18 1.70 -26.32
N SER B 119 10.28 1.61 -27.66
CA SER B 119 10.72 2.73 -28.47
C SER B 119 10.19 2.56 -29.89
N LYS B 120 10.18 3.66 -30.66
CA LYS B 120 9.84 3.60 -32.07
C LYS B 120 10.83 2.68 -32.80
N GLU B 121 12.11 2.78 -32.42
CA GLU B 121 13.16 1.95 -33.00
C GLU B 121 12.77 0.48 -32.91
N ASN B 122 12.35 0.05 -31.72
CA ASN B 122 11.98 -1.33 -31.46
C ASN B 122 10.75 -1.72 -32.28
N ALA B 123 9.78 -0.81 -32.40
CA ALA B 123 8.56 -1.10 -33.13
C ALA B 123 8.88 -1.26 -34.60
N ASP B 124 9.78 -0.41 -35.12
CA ASP B 124 10.23 -0.46 -36.50
C ASP B 124 10.98 -1.77 -36.76
N LYS B 125 11.90 -2.13 -35.88
CA LYS B 125 12.66 -3.37 -36.00
C LYS B 125 11.70 -4.56 -35.98
N PHE B 126 10.69 -4.54 -35.10
CA PHE B 126 9.71 -5.62 -35.02
C PHE B 126 9.04 -5.83 -36.38
N LYS B 127 8.69 -4.72 -37.04
CA LYS B 127 7.99 -4.75 -38.31
C LYS B 127 8.89 -5.33 -39.39
N GLU B 128 10.17 -4.92 -39.37
CA GLU B 128 11.19 -5.45 -40.26
C GLU B 128 11.22 -6.98 -40.16
N GLU B 129 11.34 -7.49 -38.93
CA GLU B 129 11.45 -8.93 -38.67
C GLU B 129 10.14 -9.64 -38.98
N PHE B 130 9.01 -8.95 -38.75
CA PHE B 130 7.70 -9.54 -38.95
C PHE B 130 7.48 -9.80 -40.44
N GLU B 131 8.03 -8.91 -41.28
CA GLU B 131 7.98 -9.05 -42.73
C GLU B 131 8.93 -10.16 -43.19
N LYS B 132 10.13 -10.23 -42.60
CA LYS B 132 11.06 -11.33 -42.85
C LYS B 132 10.38 -12.67 -42.55
N ALA B 133 9.58 -12.72 -41.47
CA ALA B 133 8.90 -13.94 -41.08
C ALA B 133 7.79 -14.29 -42.06
N GLN B 134 7.08 -13.27 -42.55
CA GLN B 134 6.01 -13.46 -43.51
C GLN B 134 6.57 -14.11 -44.78
N GLU B 135 7.77 -13.66 -45.21
CA GLU B 135 8.40 -14.15 -46.42
C GLU B 135 8.79 -15.62 -46.23
N ILE B 136 9.34 -15.93 -45.06
CA ILE B 136 9.71 -17.31 -44.74
C ILE B 136 8.45 -18.18 -44.77
N ASN B 137 7.33 -17.67 -44.24
CA ASN B 137 6.11 -18.48 -44.16
C ASN B 137 5.44 -18.65 -45.52
N LYS B 138 5.81 -17.84 -46.51
CA LYS B 138 5.22 -17.93 -47.85
C LYS B 138 5.75 -19.16 -48.58
N LYS B 139 6.98 -19.61 -48.27
CA LYS B 139 7.51 -20.85 -48.80
C LYS B 139 6.71 -22.04 -48.23
N SER C 3 -36.56 -22.34 -9.73
CA SER C 3 -37.02 -23.26 -8.66
C SER C 3 -36.39 -22.90 -7.32
N MET C 4 -35.09 -22.54 -7.37
CA MET C 4 -34.30 -22.21 -6.19
C MET C 4 -34.82 -20.92 -5.53
N GLU C 5 -35.51 -20.06 -6.31
CA GLU C 5 -35.98 -18.77 -5.81
C GLU C 5 -37.16 -18.93 -4.84
N GLY C 6 -37.57 -20.18 -4.57
CA GLY C 6 -38.76 -20.43 -3.78
C GLY C 6 -38.58 -20.07 -2.31
N ILE C 7 -37.33 -20.14 -1.82
CA ILE C 7 -37.03 -19.84 -0.42
C ILE C 7 -37.27 -18.36 -0.13
N LEU C 8 -37.23 -17.51 -1.17
CA LEU C 8 -37.41 -16.07 -1.05
C LEU C 8 -38.89 -15.69 -0.90
N ASP C 9 -39.79 -16.65 -1.14
CA ASP C 9 -41.22 -16.45 -1.01
C ASP C 9 -41.63 -16.78 0.42
N PHE C 10 -41.83 -15.74 1.23
CA PHE C 10 -42.04 -15.89 2.66
C PHE C 10 -43.52 -16.12 2.97
N SER C 11 -44.38 -15.91 1.96
CA SER C 11 -45.81 -16.12 2.09
C SER C 11 -46.10 -17.61 2.31
N ASN C 12 -45.18 -18.47 1.84
CA ASN C 12 -45.22 -19.88 2.12
C ASN C 12 -44.27 -20.23 3.25
N ASP C 13 -44.44 -21.44 3.81
CA ASP C 13 -43.48 -22.03 4.72
C ASP C 13 -42.21 -22.36 3.95
N LEU C 14 -41.08 -22.33 4.67
CA LEU C 14 -39.78 -22.51 4.05
C LEU C 14 -39.50 -23.99 3.84
N ASP C 15 -39.15 -24.36 2.60
CA ASP C 15 -38.78 -25.73 2.28
C ASP C 15 -37.29 -25.88 2.60
N ILE C 16 -37.00 -26.54 3.73
CA ILE C 16 -35.65 -26.65 4.26
C ILE C 16 -34.80 -27.44 3.27
N ALA C 17 -35.39 -28.46 2.65
CA ALA C 17 -34.65 -29.28 1.70
C ALA C 17 -34.26 -28.43 0.49
N LEU C 18 -35.07 -27.40 0.19
CA LEU C 18 -34.77 -26.50 -0.91
C LEU C 18 -33.59 -25.58 -0.52
N LEU C 19 -33.66 -25.04 0.71
CA LEU C 19 -32.57 -24.25 1.24
C LEU C 19 -31.27 -25.05 1.19
N ASP C 20 -31.31 -26.32 1.64
CA ASP C 20 -30.12 -27.15 1.67
C ASP C 20 -29.59 -27.38 0.25
N GLN C 21 -30.47 -27.43 -0.75
CA GLN C 21 -30.06 -27.57 -2.14
C GLN C 21 -29.35 -26.29 -2.60
N VAL C 22 -29.99 -25.14 -2.36
CA VAL C 22 -29.44 -23.85 -2.75
C VAL C 22 -28.04 -23.69 -2.14
N VAL C 23 -27.94 -23.98 -0.84
CA VAL C 23 -26.69 -23.83 -0.13
C VAL C 23 -25.65 -24.77 -0.73
N SER C 24 -26.01 -26.03 -1.00
CA SER C 24 -25.08 -26.98 -1.60
C SER C 24 -24.62 -26.50 -2.96
N THR C 25 -25.56 -25.95 -3.75
CA THR C 25 -25.26 -25.45 -5.09
C THR C 25 -24.26 -24.30 -5.00
N PHE C 26 -24.35 -23.50 -3.94
CA PHE C 26 -23.43 -22.39 -3.74
C PHE C 26 -22.05 -22.90 -3.33
N TYR C 27 -21.98 -23.79 -2.33
CA TYR C 27 -20.68 -24.14 -1.78
C TYR C 27 -19.97 -25.14 -2.68
N GLN C 28 -20.75 -26.05 -3.29
CA GLN C 28 -20.21 -27.18 -4.04
C GLN C 28 -20.49 -27.05 -5.55
N GLY C 29 -21.32 -26.09 -5.97
CA GLY C 29 -21.64 -25.93 -7.38
C GLY C 29 -20.52 -25.23 -8.15
N GLU C 30 -20.84 -24.89 -9.41
CA GLU C 30 -19.90 -24.26 -10.34
C GLU C 30 -20.61 -23.19 -11.16
N GLY C 31 -19.82 -22.21 -11.63
CA GLY C 31 -20.21 -21.28 -12.68
C GLY C 31 -21.61 -20.69 -12.48
N VAL C 32 -22.53 -21.00 -13.41
CA VAL C 32 -23.78 -20.29 -13.53
C VAL C 32 -24.70 -20.65 -12.37
N GLN C 33 -24.70 -21.95 -12.01
CA GLN C 33 -25.53 -22.44 -10.93
C GLN C 33 -25.12 -21.80 -9.60
N GLN C 34 -23.81 -21.79 -9.34
CA GLN C 34 -23.25 -21.26 -8.10
C GLN C 34 -23.64 -19.80 -7.93
N LYS C 35 -23.56 -19.03 -9.05
CA LYS C 35 -23.85 -17.61 -9.07
C LYS C 35 -25.31 -17.34 -8.69
N GLN C 36 -26.25 -18.15 -9.20
CA GLN C 36 -27.67 -17.92 -8.95
C GLN C 36 -28.00 -18.20 -7.49
N ALA C 37 -27.48 -19.31 -6.96
CA ALA C 37 -27.70 -19.68 -5.57
C ALA C 37 -27.17 -18.58 -4.64
N GLN C 38 -25.97 -18.09 -4.95
CA GLN C 38 -25.29 -16.97 -4.31
C GLN C 38 -26.20 -15.78 -4.06
N GLU C 39 -26.89 -15.36 -5.13
CA GLU C 39 -27.73 -14.18 -5.13
C GLU C 39 -28.97 -14.46 -4.27
N ILE C 40 -29.51 -15.68 -4.42
CA ILE C 40 -30.70 -16.08 -3.71
C ILE C 40 -30.42 -16.11 -2.20
N LEU C 41 -29.27 -16.70 -1.82
CA LEU C 41 -28.89 -16.81 -0.43
C LEU C 41 -28.68 -15.43 0.19
N THR C 42 -28.10 -14.50 -0.57
CA THR C 42 -27.87 -13.15 -0.09
C THR C 42 -29.21 -12.46 0.17
N LYS C 43 -30.17 -12.58 -0.76
CA LYS C 43 -31.49 -11.97 -0.60
C LYS C 43 -32.25 -12.62 0.55
N PHE C 44 -32.09 -13.94 0.72
CA PHE C 44 -32.71 -14.63 1.83
C PHE C 44 -32.21 -14.05 3.14
N GLN C 45 -30.88 -14.02 3.28
CA GLN C 45 -30.21 -13.62 4.51
C GLN C 45 -30.56 -12.17 4.87
N ASP C 46 -30.77 -11.32 3.85
CA ASP C 46 -30.94 -9.90 4.07
C ASP C 46 -32.40 -9.54 4.26
N ASN C 47 -33.29 -10.53 4.10
CA ASN C 47 -34.69 -10.35 4.41
C ASN C 47 -34.81 -10.04 5.90
N PRO C 48 -35.43 -8.90 6.27
CA PRO C 48 -35.56 -8.52 7.68
C PRO C 48 -36.38 -9.45 8.58
N ASP C 49 -37.12 -10.40 7.98
CA ASP C 49 -37.91 -11.35 8.73
C ASP C 49 -37.22 -12.71 8.72
N ALA C 50 -36.07 -12.81 8.05
CA ALA C 50 -35.35 -14.07 7.92
C ALA C 50 -35.05 -14.67 9.29
N TRP C 51 -34.83 -13.81 10.30
CA TRP C 51 -34.40 -14.29 11.61
C TRP C 51 -35.45 -15.21 12.23
N GLU C 52 -36.72 -14.99 11.85
CA GLU C 52 -37.83 -15.80 12.34
C GLU C 52 -37.72 -17.26 11.85
N LYS C 53 -36.92 -17.51 10.80
CA LYS C 53 -36.79 -18.84 10.24
C LYS C 53 -35.61 -19.59 10.83
N VAL C 54 -34.87 -18.96 11.74
CA VAL C 54 -33.61 -19.50 12.22
C VAL C 54 -33.88 -20.78 13.02
N ASP C 55 -34.88 -20.73 13.90
N ASP C 55 -34.90 -20.73 13.88
CA ASP C 55 -35.26 -21.88 14.73
CA ASP C 55 -35.31 -21.85 14.72
C ASP C 55 -35.53 -23.09 13.84
C ASP C 55 -35.54 -23.08 13.86
N GLN C 56 -36.32 -22.89 12.79
CA GLN C 56 -36.75 -23.94 11.89
C GLN C 56 -35.55 -24.56 11.17
N ILE C 57 -34.59 -23.72 10.74
CA ILE C 57 -33.44 -24.19 9.99
C ILE C 57 -32.52 -24.97 10.94
N LEU C 58 -32.30 -24.43 12.14
CA LEU C 58 -31.40 -25.06 13.09
C LEU C 58 -31.96 -26.42 13.52
N GLN C 59 -33.29 -26.58 13.47
CA GLN C 59 -33.90 -27.81 13.94
C GLN C 59 -33.92 -28.88 12.86
N PHE C 60 -34.27 -28.50 11.62
CA PHE C 60 -34.71 -29.48 10.63
C PHE C 60 -33.77 -29.57 9.43
N SER C 61 -32.81 -28.65 9.27
CA SER C 61 -31.82 -28.75 8.21
C SER C 61 -30.81 -29.85 8.55
N THR C 62 -30.32 -30.54 7.51
CA THR C 62 -29.25 -31.51 7.64
C THR C 62 -27.95 -31.01 6.98
N ASN C 63 -27.94 -29.74 6.53
CA ASN C 63 -26.76 -29.14 5.94
C ASN C 63 -26.14 -28.16 6.95
N PRO C 64 -24.91 -28.42 7.46
CA PRO C 64 -24.29 -27.55 8.45
C PRO C 64 -23.95 -26.15 7.91
N GLN C 65 -23.79 -26.03 6.59
CA GLN C 65 -23.65 -24.73 5.96
C GLN C 65 -24.93 -23.91 6.06
N SER C 66 -26.09 -24.59 6.01
CA SER C 66 -27.36 -23.91 6.17
C SER C 66 -27.51 -23.38 7.58
N LYS C 67 -27.06 -24.15 8.57
CA LYS C 67 -27.19 -23.74 9.95
C LYS C 67 -26.24 -22.57 10.19
N PHE C 68 -25.07 -22.62 9.53
CA PHE C 68 -24.08 -21.57 9.66
C PHE C 68 -24.67 -20.25 9.18
N ILE C 69 -25.30 -20.27 8.00
CA ILE C 69 -25.94 -19.08 7.46
C ILE C 69 -27.12 -18.64 8.34
N ALA C 70 -27.88 -19.58 8.91
CA ALA C 70 -28.92 -19.22 9.85
C ALA C 70 -28.35 -18.40 10.99
N LEU C 71 -27.18 -18.81 11.51
CA LEU C 71 -26.58 -18.13 12.65
C LEU C 71 -26.11 -16.72 12.27
N SER C 72 -25.63 -16.54 11.04
CA SER C 72 -25.34 -15.21 10.51
C SER C 72 -26.58 -14.31 10.58
N ILE C 73 -27.72 -14.88 10.19
CA ILE C 73 -28.97 -14.14 10.19
C ILE C 73 -29.31 -13.74 11.62
N LEU C 74 -29.13 -14.66 12.57
CA LEU C 74 -29.45 -14.38 13.96
C LEU C 74 -28.51 -13.31 14.51
N ASP C 75 -27.24 -13.35 14.10
CA ASP C 75 -26.25 -12.40 14.58
C ASP C 75 -26.64 -10.97 14.17
N LYS C 76 -27.13 -10.79 12.94
CA LYS C 76 -27.59 -9.49 12.47
C LYS C 76 -28.67 -8.95 13.41
N LEU C 77 -29.60 -9.82 13.82
CA LEU C 77 -30.65 -9.45 14.75
C LEU C 77 -30.06 -9.08 16.12
N ILE C 78 -29.22 -9.97 16.68
CA ILE C 78 -28.65 -9.78 18.01
C ILE C 78 -27.84 -8.48 18.05
N THR C 79 -27.06 -8.19 17.02
CA THR C 79 -26.16 -7.05 17.07
C THR C 79 -26.87 -5.75 16.70
N ARG C 80 -28.04 -5.79 16.05
CA ARG C 80 -28.66 -4.56 15.56
C ARG C 80 -30.02 -4.24 16.19
N LYS C 81 -30.89 -5.25 16.38
CA LYS C 81 -32.29 -4.98 16.71
C LYS C 81 -32.77 -5.79 17.92
N TRP C 82 -31.82 -6.41 18.62
CA TRP C 82 -32.09 -7.28 19.74
C TRP C 82 -33.10 -6.66 20.70
N LYS C 83 -32.92 -5.36 21.01
CA LYS C 83 -33.59 -4.76 22.15
C LYS C 83 -35.07 -4.53 21.87
N LEU C 84 -35.49 -4.63 20.60
CA LEU C 84 -36.90 -4.54 20.26
C LEU C 84 -37.67 -5.79 20.70
N LEU C 85 -36.97 -6.90 20.96
CA LEU C 85 -37.62 -8.15 21.30
C LEU C 85 -38.07 -8.12 22.76
N PRO C 86 -39.26 -8.69 23.06
CA PRO C 86 -39.67 -8.89 24.45
C PRO C 86 -38.69 -9.82 25.17
N ASN C 87 -38.58 -9.61 26.48
CA ASN C 87 -37.67 -10.37 27.33
C ASN C 87 -37.85 -11.87 27.11
N ASP C 88 -39.09 -12.34 27.07
CA ASP C 88 -39.34 -13.77 27.03
C ASP C 88 -38.80 -14.37 25.73
N HIS C 89 -38.83 -13.59 24.65
CA HIS C 89 -38.33 -14.06 23.36
C HIS C 89 -36.80 -14.10 23.37
N ARG C 90 -36.18 -13.08 23.99
CA ARG C 90 -34.73 -12.99 24.10
C ARG C 90 -34.18 -14.19 24.89
N ILE C 91 -34.86 -14.54 25.99
CA ILE C 91 -34.54 -15.71 26.80
C ILE C 91 -34.80 -16.98 25.98
N GLY C 92 -35.85 -16.97 25.17
CA GLY C 92 -36.12 -18.12 24.32
C GLY C 92 -34.94 -18.43 23.39
N ILE C 93 -34.48 -17.38 22.70
CA ILE C 93 -33.38 -17.49 21.75
C ILE C 93 -32.11 -17.92 22.48
N ARG C 94 -31.79 -17.19 23.54
CA ARG C 94 -30.66 -17.51 24.40
C ARG C 94 -30.62 -19.00 24.75
N ASN C 95 -31.78 -19.55 25.18
CA ASN C 95 -31.84 -20.91 25.69
C ASN C 95 -31.71 -21.89 24.53
N PHE C 96 -32.25 -21.51 23.38
CA PHE C 96 -32.13 -22.35 22.18
C PHE C 96 -30.66 -22.49 21.78
N VAL C 97 -29.91 -21.38 21.81
CA VAL C 97 -28.54 -21.36 21.36
C VAL C 97 -27.67 -22.17 22.33
N VAL C 98 -27.83 -21.92 23.64
CA VAL C 98 -27.11 -22.68 24.66
C VAL C 98 -27.37 -24.17 24.49
N GLY C 99 -28.65 -24.55 24.38
CA GLY C 99 -29.05 -25.94 24.23
C GLY C 99 -28.42 -26.60 23.00
N MET C 100 -28.38 -25.87 21.89
CA MET C 100 -27.85 -26.40 20.64
C MET C 100 -26.35 -26.65 20.78
N ILE C 101 -25.65 -25.76 21.49
CA ILE C 101 -24.21 -25.90 21.69
C ILE C 101 -23.95 -27.14 22.54
N ILE C 102 -24.69 -27.29 23.63
CA ILE C 102 -24.46 -28.41 24.55
C ILE C 102 -24.74 -29.74 23.85
N SER C 103 -25.85 -29.78 23.12
CA SER C 103 -26.23 -30.95 22.34
C SER C 103 -25.12 -31.36 21.39
N MET C 104 -24.59 -30.39 20.63
CA MET C 104 -23.54 -30.66 19.66
C MET C 104 -22.25 -31.15 20.33
N CYS C 105 -22.00 -30.69 21.55
CA CYS C 105 -20.78 -31.03 22.27
C CYS C 105 -20.88 -32.40 22.92
N GLN C 106 -22.10 -32.81 23.26
CA GLN C 106 -22.33 -34.05 23.96
C GLN C 106 -22.27 -35.24 23.01
N ASP C 107 -22.49 -34.98 21.71
CA ASP C 107 -22.33 -35.98 20.66
C ASP C 107 -20.89 -35.93 20.12
N ASP C 108 -20.10 -36.99 20.39
CA ASP C 108 -18.67 -37.02 20.10
C ASP C 108 -18.39 -36.90 18.60
N GLU C 109 -19.26 -37.51 17.79
CA GLU C 109 -19.14 -37.48 16.34
C GLU C 109 -19.24 -36.04 15.83
N VAL C 110 -20.26 -35.33 16.32
CA VAL C 110 -20.55 -33.97 15.86
C VAL C 110 -19.47 -33.01 16.36
N PHE C 111 -19.10 -33.13 17.64
CA PHE C 111 -18.04 -32.32 18.21
C PHE C 111 -16.75 -32.43 17.39
N LYS C 112 -16.49 -33.62 16.84
CA LYS C 112 -15.23 -33.91 16.15
C LYS C 112 -15.26 -33.28 14.76
N THR C 113 -16.42 -33.33 14.10
CA THR C 113 -16.54 -33.11 12.66
C THR C 113 -17.22 -31.78 12.29
N GLN C 114 -17.84 -31.10 13.26
CA GLN C 114 -18.59 -29.87 13.00
C GLN C 114 -18.00 -28.68 13.75
N LYS C 115 -16.67 -28.53 13.76
CA LYS C 115 -16.03 -27.45 14.50
C LYS C 115 -16.50 -26.09 13.96
N ASN C 116 -16.73 -25.98 12.65
CA ASN C 116 -17.17 -24.73 12.04
C ASN C 116 -18.47 -24.25 12.67
N LEU C 117 -19.45 -25.14 12.78
CA LEU C 117 -20.78 -24.75 13.19
C LEU C 117 -20.80 -24.47 14.69
N ILE C 118 -20.00 -25.22 15.45
CA ILE C 118 -19.94 -25.03 16.89
C ILE C 118 -19.30 -23.67 17.20
N ASN C 119 -18.20 -23.37 16.52
CA ASN C 119 -17.45 -22.14 16.78
C ASN C 119 -18.32 -20.94 16.43
N LYS C 120 -19.09 -21.08 15.34
CA LYS C 120 -20.04 -20.07 14.93
C LYS C 120 -21.13 -19.90 15.99
N SER C 121 -21.59 -21.02 16.54
CA SER C 121 -22.59 -20.98 17.60
C SER C 121 -22.02 -20.27 18.81
N ASP C 122 -20.76 -20.58 19.16
CA ASP C 122 -20.13 -19.98 20.32
C ASP C 122 -20.05 -18.47 20.15
N LEU C 123 -19.73 -18.01 18.94
CA LEU C 123 -19.62 -16.58 18.72
C LEU C 123 -21.01 -15.94 18.80
N THR C 124 -22.04 -16.61 18.26
CA THR C 124 -23.42 -16.15 18.37
C THR C 124 -23.79 -15.95 19.84
N LEU C 125 -23.41 -16.93 20.67
CA LEU C 125 -23.64 -16.85 22.10
C LEU C 125 -22.96 -15.61 22.68
N VAL C 126 -21.70 -15.42 22.30
CA VAL C 126 -20.92 -14.30 22.82
C VAL C 126 -21.60 -12.98 22.45
N GLN C 127 -22.18 -12.91 21.24
CA GLN C 127 -22.94 -11.73 20.84
C GLN C 127 -24.13 -11.50 21.77
N ILE C 128 -24.74 -12.58 22.27
CA ILE C 128 -25.87 -12.49 23.18
C ILE C 128 -25.37 -11.99 24.54
N LEU C 129 -24.25 -12.54 25.03
CA LEU C 129 -23.65 -12.06 26.27
C LEU C 129 -23.39 -10.55 26.20
N LYS C 130 -22.99 -10.06 25.03
CA LYS C 130 -22.64 -8.65 24.89
C LYS C 130 -23.91 -7.80 25.07
N GLN C 131 -25.06 -8.37 24.67
CA GLN C 131 -26.34 -7.69 24.84
C GLN C 131 -26.90 -7.86 26.24
N GLU C 132 -26.79 -9.08 26.79
CA GLU C 132 -27.60 -9.55 27.91
C GLU C 132 -26.83 -9.62 29.23
N TRP C 133 -25.48 -9.72 29.18
CA TRP C 133 -24.70 -10.15 30.35
C TRP C 133 -23.84 -9.02 30.88
N PRO C 134 -23.63 -8.90 32.22
CA PRO C 134 -24.31 -9.74 33.22
C PRO C 134 -25.68 -9.29 33.74
N GLN C 135 -26.08 -8.04 33.45
CA GLN C 135 -27.27 -7.43 34.06
C GLN C 135 -28.51 -8.30 33.90
N ASN C 136 -28.64 -9.01 32.77
CA ASN C 136 -29.82 -9.79 32.47
C ASN C 136 -29.52 -11.29 32.48
N TRP C 137 -28.36 -11.67 33.03
CA TRP C 137 -27.90 -13.05 32.98
C TRP C 137 -26.80 -13.25 34.01
N PRO C 138 -27.03 -12.91 35.30
CA PRO C 138 -25.95 -12.86 36.28
C PRO C 138 -25.28 -14.21 36.59
N GLU C 139 -25.91 -15.32 36.18
CA GLU C 139 -25.42 -16.63 36.57
C GLU C 139 -24.79 -17.34 35.38
N PHE C 140 -24.50 -16.60 34.30
CA PHE C 140 -23.94 -17.22 33.11
C PHE C 140 -22.63 -17.93 33.44
N ILE C 141 -21.73 -17.21 34.12
CA ILE C 141 -20.39 -17.70 34.40
C ILE C 141 -20.46 -18.88 35.37
N PRO C 142 -21.16 -18.79 36.53
CA PRO C 142 -21.37 -19.98 37.38
C PRO C 142 -21.88 -21.22 36.64
N GLU C 143 -22.88 -21.06 35.77
CA GLU C 143 -23.44 -22.18 35.02
C GLU C 143 -22.42 -22.77 34.04
N LEU C 144 -21.63 -21.90 33.39
CA LEU C 144 -20.57 -22.32 32.48
C LEU C 144 -19.51 -23.12 33.24
N ILE C 145 -19.03 -22.56 34.36
CA ILE C 145 -18.09 -23.23 35.23
C ILE C 145 -18.67 -24.57 35.65
N GLY C 146 -19.95 -24.58 36.02
CA GLY C 146 -20.60 -25.77 36.53
C GLY C 146 -20.69 -26.87 35.48
N SER C 147 -21.22 -26.51 34.30
CA SER C 147 -21.39 -27.43 33.18
C SER C 147 -20.04 -27.92 32.65
N SER C 148 -18.93 -27.34 33.14
CA SER C 148 -17.62 -27.71 32.63
C SER C 148 -17.19 -29.06 33.18
N SER C 149 -17.62 -29.40 34.41
CA SER C 149 -17.20 -30.66 35.04
C SER C 149 -18.04 -31.84 34.54
N SER C 150 -19.14 -31.55 33.84
CA SER C 150 -20.04 -32.57 33.32
C SER C 150 -19.43 -33.34 32.17
N SER C 151 -18.51 -32.71 31.43
CA SER C 151 -18.12 -33.22 30.13
C SER C 151 -16.84 -32.52 29.68
N VAL C 152 -15.91 -33.32 29.12
CA VAL C 152 -14.65 -32.78 28.64
C VAL C 152 -14.90 -31.96 27.37
N ASN C 153 -15.84 -32.41 26.54
CA ASN C 153 -16.16 -31.71 25.31
C ASN C 153 -16.73 -30.33 25.63
N VAL C 154 -17.61 -30.26 26.64
CA VAL C 154 -18.26 -29.02 27.02
C VAL C 154 -17.23 -28.09 27.65
N CYS C 155 -16.36 -28.65 28.51
CA CYS C 155 -15.29 -27.89 29.14
C CYS C 155 -14.40 -27.24 28.07
N GLU C 156 -14.04 -28.02 27.04
CA GLU C 156 -13.19 -27.56 25.96
C GLU C 156 -13.89 -26.43 25.21
N ASN C 157 -15.16 -26.64 24.88
CA ASN C 157 -15.92 -25.67 24.11
C ASN C 157 -16.12 -24.40 24.94
N ASN C 158 -16.29 -24.56 26.26
CA ASN C 158 -16.45 -23.42 27.16
C ASN C 158 -15.21 -22.53 27.14
N MET C 159 -14.04 -23.13 26.88
CA MET C 159 -12.80 -22.38 26.78
C MET C 159 -12.81 -21.53 25.50
N ILE C 160 -13.48 -22.00 24.45
CA ILE C 160 -13.59 -21.26 23.21
C ILE C 160 -14.52 -20.06 23.40
N VAL C 161 -15.57 -20.26 24.21
CA VAL C 161 -16.53 -19.21 24.51
C VAL C 161 -15.83 -18.12 25.31
N LEU C 162 -15.01 -18.51 26.29
CA LEU C 162 -14.40 -17.53 27.17
C LEU C 162 -13.34 -16.72 26.41
N LYS C 163 -12.64 -17.41 25.50
CA LYS C 163 -11.66 -16.80 24.63
C LYS C 163 -12.33 -15.74 23.77
N LEU C 164 -13.42 -16.14 23.08
CA LEU C 164 -14.14 -15.23 22.20
C LEU C 164 -14.72 -14.05 22.99
N LEU C 165 -15.25 -14.30 24.19
CA LEU C 165 -15.73 -13.25 25.08
C LEU C 165 -14.63 -12.24 25.38
N SER C 166 -13.48 -12.72 25.83
CA SER C 166 -12.31 -11.90 26.14
C SER C 166 -11.89 -11.05 24.93
N GLU C 167 -11.88 -11.65 23.74
CA GLU C 167 -11.55 -10.92 22.53
C GLU C 167 -12.56 -9.79 22.32
N GLU C 168 -13.85 -10.11 22.45
CA GLU C 168 -14.87 -9.13 22.12
C GLU C 168 -14.85 -7.98 23.12
N VAL C 169 -14.47 -8.24 24.37
CA VAL C 169 -14.56 -7.23 25.41
C VAL C 169 -13.28 -6.39 25.51
N PHE C 170 -12.12 -7.04 25.33
CA PHE C 170 -10.83 -6.40 25.55
C PHE C 170 -10.13 -6.08 24.23
N ASP C 171 -10.21 -6.96 23.23
CA ASP C 171 -9.35 -6.81 22.07
C ASP C 171 -10.04 -6.04 20.94
N PHE C 172 -11.37 -6.15 20.80
CA PHE C 172 -12.07 -5.58 19.66
C PHE C 172 -13.22 -4.65 20.07
N SER C 173 -13.30 -4.27 21.35
CA SER C 173 -14.42 -3.46 21.81
C SER C 173 -14.25 -2.00 21.38
N ALA C 174 -13.00 -1.55 21.19
CA ALA C 174 -12.71 -0.13 21.06
C ALA C 174 -13.61 0.51 20.01
N GLU C 175 -13.80 -0.16 18.87
CA GLU C 175 -14.50 0.48 17.77
C GLU C 175 -15.93 -0.05 17.63
N GLN C 176 -16.29 -1.09 18.40
CA GLN C 176 -17.53 -1.82 18.20
C GLN C 176 -18.57 -1.52 19.29
N MET C 177 -18.16 -0.81 20.34
CA MET C 177 -18.98 -0.54 21.52
C MET C 177 -18.81 0.91 21.94
N THR C 178 -19.79 1.45 22.67
CA THR C 178 -19.59 2.73 23.33
C THR C 178 -18.52 2.57 24.40
N GLN C 179 -17.86 3.68 24.73
CA GLN C 179 -16.93 3.72 25.84
C GLN C 179 -17.57 3.15 27.11
N ALA C 180 -18.81 3.55 27.40
CA ALA C 180 -19.44 3.16 28.66
C ALA C 180 -19.76 1.67 28.66
N LYS C 181 -20.16 1.13 27.50
CA LYS C 181 -20.49 -0.29 27.43
C LYS C 181 -19.23 -1.13 27.51
N ALA C 182 -18.14 -0.67 26.88
CA ALA C 182 -16.86 -1.36 26.93
C ALA C 182 -16.37 -1.46 28.37
N LEU C 183 -16.42 -0.33 29.11
CA LEU C 183 -15.98 -0.33 30.49
C LEU C 183 -16.86 -1.27 31.33
N HIS C 184 -18.16 -1.28 31.06
CA HIS C 184 -19.09 -2.13 31.79
C HIS C 184 -18.72 -3.60 31.62
N LEU C 185 -18.47 -4.03 30.37
CA LEU C 185 -18.18 -5.44 30.12
C LEU C 185 -16.76 -5.80 30.60
N LYS C 186 -15.82 -4.85 30.49
CA LYS C 186 -14.48 -5.06 31.06
C LYS C 186 -14.56 -5.28 32.57
N ASN C 187 -15.22 -4.36 33.29
CA ASN C 187 -15.38 -4.51 34.72
C ASN C 187 -16.10 -5.80 35.08
N SER C 188 -17.05 -6.20 34.23
CA SER C 188 -17.87 -7.37 34.52
C SER C 188 -16.99 -8.62 34.44
N MET C 189 -16.10 -8.68 33.44
CA MET C 189 -15.25 -9.85 33.28
C MET C 189 -14.20 -9.86 34.38
N SER C 190 -13.75 -8.67 34.76
CA SER C 190 -12.79 -8.53 35.84
C SER C 190 -13.39 -9.04 37.15
N LYS C 191 -14.65 -8.66 37.45
CA LYS C 191 -15.29 -9.03 38.68
C LYS C 191 -15.37 -10.56 38.81
N GLU C 192 -15.57 -11.25 37.70
CA GLU C 192 -15.77 -12.70 37.76
C GLU C 192 -14.53 -13.48 37.34
N PHE C 193 -13.38 -12.82 37.12
CA PHE C 193 -12.24 -13.52 36.55
C PHE C 193 -11.68 -14.56 37.53
N GLU C 194 -11.70 -14.25 38.83
CA GLU C 194 -11.21 -15.14 39.87
C GLU C 194 -11.76 -16.56 39.65
N GLN C 195 -13.08 -16.68 39.45
CA GLN C 195 -13.70 -18.00 39.26
C GLN C 195 -13.24 -18.57 37.91
N ILE C 196 -13.09 -17.71 36.90
CA ILE C 196 -12.69 -18.18 35.59
C ILE C 196 -11.28 -18.77 35.64
N PHE C 197 -10.38 -18.11 36.38
CA PHE C 197 -9.00 -18.55 36.48
C PHE C 197 -8.92 -19.88 37.22
N LYS C 198 -9.72 -20.02 38.28
CA LYS C 198 -9.75 -21.24 39.07
C LYS C 198 -10.02 -22.43 38.15
N LEU C 199 -10.97 -22.28 37.23
CA LEU C 199 -11.32 -23.32 36.27
C LEU C 199 -10.15 -23.57 35.31
N CYS C 200 -9.58 -22.50 34.74
N CYS C 200 -9.60 -22.49 34.75
CA CYS C 200 -8.50 -22.67 33.78
CA CYS C 200 -8.49 -22.52 33.80
C CYS C 200 -7.32 -23.38 34.42
C CYS C 200 -7.32 -23.31 34.40
N PHE C 201 -6.98 -22.98 35.66
CA PHE C 201 -5.85 -23.58 36.38
C PHE C 201 -6.06 -25.07 36.62
N GLN C 202 -7.28 -25.44 37.04
CA GLN C 202 -7.59 -26.83 37.35
C GLN C 202 -7.40 -27.70 36.11
N VAL C 203 -7.94 -27.25 34.96
CA VAL C 203 -7.81 -27.99 33.72
C VAL C 203 -6.34 -28.19 33.37
N LEU C 204 -5.52 -27.14 33.55
CA LEU C 204 -4.09 -27.21 33.26
C LEU C 204 -3.38 -28.16 34.22
N GLU C 205 -3.74 -28.11 35.52
CA GLU C 205 -3.13 -28.98 36.52
C GLU C 205 -3.49 -30.43 36.26
N GLN C 206 -4.78 -30.72 36.10
CA GLN C 206 -5.25 -32.10 35.98
C GLN C 206 -4.88 -32.63 34.60
N GLY C 207 -5.11 -31.83 33.56
CA GLY C 207 -4.60 -32.13 32.24
C GLY C 207 -5.38 -33.25 31.56
N SER C 208 -4.61 -34.12 30.87
CA SER C 208 -5.12 -35.27 30.13
C SER C 208 -5.40 -34.90 28.68
N SER C 209 -6.59 -34.35 28.38
CA SER C 209 -6.99 -34.11 27.00
C SER C 209 -6.15 -32.99 26.39
N SER C 210 -5.38 -33.30 25.35
CA SER C 210 -4.53 -32.30 24.72
C SER C 210 -5.40 -31.25 24.03
N SER C 211 -6.48 -31.67 23.36
CA SER C 211 -7.42 -30.74 22.76
C SER C 211 -7.94 -29.76 23.81
N LEU C 212 -8.25 -30.26 25.01
CA LEU C 212 -8.76 -29.42 26.08
C LEU C 212 -7.66 -28.50 26.61
N ILE C 213 -6.47 -29.05 26.82
CA ILE C 213 -5.33 -28.28 27.30
C ILE C 213 -5.06 -27.13 26.33
N VAL C 214 -5.02 -27.44 25.03
CA VAL C 214 -4.69 -26.45 24.03
C VAL C 214 -5.73 -25.34 24.05
N ALA C 215 -7.03 -25.68 24.07
CA ALA C 215 -8.08 -24.67 24.05
C ALA C 215 -7.98 -23.75 25.28
N THR C 216 -7.67 -24.35 26.45
CA THR C 216 -7.46 -23.59 27.67
C THR C 216 -6.29 -22.60 27.52
N LEU C 217 -5.16 -23.09 27.00
CA LEU C 217 -4.00 -22.23 26.79
C LEU C 217 -4.32 -21.12 25.78
N GLU C 218 -5.18 -21.40 24.78
CA GLU C 218 -5.59 -20.37 23.83
C GLU C 218 -6.35 -19.26 24.54
N SER C 219 -7.24 -19.64 25.48
CA SER C 219 -7.98 -18.63 26.22
C SER C 219 -7.01 -17.83 27.08
N LEU C 220 -6.00 -18.50 27.65
CA LEU C 220 -5.07 -17.82 28.53
C LEU C 220 -4.30 -16.73 27.80
N LEU C 221 -3.95 -16.98 26.53
CA LEU C 221 -3.21 -16.05 25.68
C LEU C 221 -3.99 -14.73 25.56
N ARG C 222 -5.32 -14.85 25.44
CA ARG C 222 -6.19 -13.69 25.41
C ARG C 222 -6.26 -13.03 26.78
N TYR C 223 -6.36 -13.82 27.86
CA TYR C 223 -6.43 -13.27 29.20
C TYR C 223 -5.21 -12.41 29.49
N LEU C 224 -4.03 -12.85 28.97
CA LEU C 224 -2.77 -12.18 29.25
C LEU C 224 -2.72 -10.75 28.71
N HIS C 225 -3.63 -10.40 27.80
CA HIS C 225 -3.73 -9.02 27.32
C HIS C 225 -4.18 -8.08 28.45
N TRP C 226 -4.88 -8.59 29.48
CA TRP C 226 -5.49 -7.67 30.45
C TRP C 226 -5.36 -8.13 31.92
N ILE C 227 -5.15 -9.41 32.22
CA ILE C 227 -5.24 -9.83 33.62
C ILE C 227 -3.99 -9.37 34.38
N PRO C 228 -4.13 -9.13 35.70
CA PRO C 228 -2.99 -8.73 36.53
C PRO C 228 -1.94 -9.81 36.66
N TYR C 229 -0.70 -9.37 36.94
CA TYR C 229 0.47 -10.23 36.93
C TYR C 229 0.36 -11.35 37.96
N ARG C 230 -0.32 -11.12 39.09
CA ARG C 230 -0.30 -12.05 40.22
C ARG C 230 -0.87 -13.41 39.82
N TYR C 231 -1.82 -13.44 38.90
CA TYR C 231 -2.39 -14.71 38.48
C TYR C 231 -1.35 -15.61 37.82
N ILE C 232 -0.27 -15.02 37.31
CA ILE C 232 0.79 -15.78 36.64
C ILE C 232 1.93 -16.05 37.62
N TYR C 233 2.35 -15.00 38.34
CA TYR C 233 3.53 -15.05 39.18
C TYR C 233 3.26 -15.60 40.57
N GLU C 234 2.02 -15.50 41.08
CA GLU C 234 1.72 -15.97 42.44
C GLU C 234 0.99 -17.32 42.42
N THR C 235 1.05 -18.04 41.30
CA THR C 235 0.56 -19.41 41.25
C THR C 235 1.62 -20.27 40.60
N ASN C 236 1.32 -21.55 40.42
CA ASN C 236 2.31 -22.46 39.86
C ASN C 236 2.33 -22.33 38.33
N ILE C 237 1.52 -21.43 37.76
CA ILE C 237 1.24 -21.49 36.33
C ILE C 237 2.48 -21.14 35.52
N LEU C 238 3.34 -20.25 36.01
CA LEU C 238 4.58 -19.93 35.30
C LEU C 238 5.38 -21.20 35.07
N GLU C 239 5.51 -22.01 36.13
CA GLU C 239 6.28 -23.24 36.08
C GLU C 239 5.65 -24.21 35.08
N LEU C 240 4.32 -24.29 35.06
CA LEU C 240 3.67 -25.24 34.18
C LEU C 240 3.98 -24.87 32.72
N LEU C 241 3.85 -23.58 32.41
CA LEU C 241 4.02 -23.11 31.04
C LEU C 241 5.45 -23.40 30.59
N SER C 242 6.41 -23.08 31.46
CA SER C 242 7.82 -23.09 31.07
C SER C 242 8.47 -24.47 31.18
N THR C 243 7.77 -25.49 31.71
CA THR C 243 8.30 -26.84 31.76
C THR C 243 7.37 -27.79 30.99
N LYS C 244 6.32 -28.25 31.66
CA LYS C 244 5.46 -29.30 31.16
C LYS C 244 4.95 -28.97 29.75
N PHE C 245 4.38 -27.78 29.56
CA PHE C 245 3.65 -27.51 28.33
C PHE C 245 4.62 -27.20 27.19
N MET C 246 5.89 -26.94 27.51
CA MET C 246 6.91 -26.82 26.48
C MET C 246 7.39 -28.19 26.00
N THR C 247 7.23 -29.27 26.80
CA THR C 247 7.79 -30.56 26.41
C THR C 247 6.93 -31.29 25.37
N SER C 248 5.60 -31.10 25.41
CA SER C 248 4.73 -31.75 24.44
C SER C 248 4.51 -30.80 23.27
N PRO C 249 4.59 -31.27 22.00
CA PRO C 249 4.49 -30.38 20.84
C PRO C 249 3.09 -29.88 20.52
N ASP C 250 2.06 -30.58 21.01
CA ASP C 250 0.69 -30.14 20.82
C ASP C 250 0.46 -28.82 21.56
N THR C 251 1.09 -28.63 22.72
CA THR C 251 0.88 -27.45 23.55
C THR C 251 2.00 -26.41 23.41
N ARG C 252 3.07 -26.75 22.68
CA ARG C 252 4.30 -25.97 22.74
C ARG C 252 4.11 -24.63 22.02
N ALA C 253 3.42 -24.70 20.88
CA ALA C 253 3.18 -23.53 20.08
C ALA C 253 2.41 -22.47 20.86
N ILE C 254 1.25 -22.85 21.42
CA ILE C 254 0.42 -21.89 22.14
C ILE C 254 1.13 -21.44 23.41
N THR C 255 1.88 -22.33 24.07
CA THR C 255 2.58 -22.00 25.31
C THR C 255 3.63 -20.92 25.07
N LEU C 256 4.41 -21.10 24.01
CA LEU C 256 5.45 -20.14 23.69
C LEU C 256 4.83 -18.75 23.45
N LYS C 257 3.70 -18.67 22.73
CA LYS C 257 3.03 -17.40 22.50
C LYS C 257 2.54 -16.81 23.82
N CYS C 258 2.02 -17.66 24.72
CA CYS C 258 1.62 -17.25 26.06
C CYS C 258 2.80 -16.61 26.80
N LEU C 259 3.97 -17.27 26.73
CA LEU C 259 5.14 -16.85 27.49
C LEU C 259 5.71 -15.55 26.92
N THR C 260 5.55 -15.36 25.61
CA THR C 260 5.88 -14.07 25.01
C THR C 260 5.04 -12.97 25.66
N GLU C 261 3.73 -13.21 25.81
CA GLU C 261 2.85 -12.22 26.38
C GLU C 261 3.13 -12.08 27.88
N VAL C 262 3.50 -13.18 28.54
CA VAL C 262 3.89 -13.12 29.94
C VAL C 262 5.03 -12.10 30.06
N SER C 263 5.94 -12.12 29.09
CA SER C 263 7.10 -11.26 29.12
C SER C 263 6.71 -9.78 29.01
N ASN C 264 5.49 -9.49 28.55
CA ASN C 264 5.00 -8.12 28.39
C ASN C 264 4.04 -7.69 29.50
N LEU C 265 3.80 -8.52 30.53
CA LEU C 265 2.95 -8.12 31.65
C LEU C 265 3.53 -6.90 32.35
N LYS C 266 2.65 -6.09 32.96
CA LYS C 266 3.07 -5.03 33.86
C LYS C 266 3.41 -5.67 35.21
N ILE C 267 4.65 -5.43 35.66
CA ILE C 267 5.30 -6.18 36.72
C ILE C 267 6.00 -5.20 37.65
N PRO C 268 6.04 -5.44 38.99
CA PRO C 268 6.84 -4.61 39.91
C PRO C 268 8.34 -4.70 39.62
N GLN C 269 9.05 -3.57 39.80
CA GLN C 269 10.41 -3.42 39.33
C GLN C 269 11.46 -3.64 40.42
N ASP C 270 11.02 -3.62 41.68
CA ASP C 270 11.94 -3.46 42.82
C ASP C 270 11.82 -4.66 43.75
N ASN C 271 11.55 -5.83 43.17
CA ASN C 271 11.23 -7.04 43.91
C ASN C 271 12.13 -8.17 43.41
N ASP C 272 13.02 -8.65 44.28
CA ASP C 272 14.05 -9.61 43.89
C ASP C 272 13.43 -10.98 43.57
N LEU C 273 12.33 -11.34 44.25
CA LEU C 273 11.70 -12.63 44.02
C LEU C 273 11.12 -12.70 42.61
N ILE C 274 10.45 -11.61 42.20
CA ILE C 274 9.85 -11.53 40.89
C ILE C 274 10.92 -11.61 39.82
N LYS C 275 12.04 -10.90 40.03
CA LYS C 275 13.17 -11.00 39.11
C LYS C 275 13.64 -12.44 38.99
N ARG C 276 13.74 -13.17 40.11
CA ARG C 276 14.23 -14.53 40.05
C ARG C 276 13.24 -15.40 39.29
N GLN C 277 11.95 -15.10 39.43
CA GLN C 277 10.93 -15.85 38.69
C GLN C 277 11.02 -15.56 37.20
N THR C 278 11.32 -14.30 36.83
CA THR C 278 11.44 -13.89 35.45
C THR C 278 12.62 -14.62 34.82
N VAL C 279 13.75 -14.70 35.55
CA VAL C 279 14.91 -15.45 35.09
C VAL C 279 14.54 -16.93 34.93
N LEU C 280 13.86 -17.49 35.94
CA LEU C 280 13.67 -18.93 36.02
C LEU C 280 12.81 -19.45 34.87
N PHE C 281 11.71 -18.77 34.54
CA PHE C 281 10.84 -19.28 33.49
C PHE C 281 11.56 -19.25 32.14
N PHE C 282 12.49 -18.30 31.97
CA PHE C 282 13.28 -18.22 30.76
C PHE C 282 14.23 -19.41 30.73
N GLN C 283 14.90 -19.66 31.86
CA GLN C 283 15.83 -20.78 31.97
C GLN C 283 15.11 -22.08 31.65
N ASN C 284 13.92 -22.26 32.23
CA ASN C 284 13.12 -23.44 32.00
C ASN C 284 12.78 -23.59 30.51
N THR C 285 12.30 -22.51 29.88
CA THR C 285 11.81 -22.59 28.52
C THR C 285 12.96 -22.97 27.58
N LEU C 286 14.08 -22.26 27.70
CA LEU C 286 15.24 -22.54 26.88
C LEU C 286 15.76 -23.97 27.12
N GLN C 287 15.69 -24.47 28.36
CA GLN C 287 16.12 -25.84 28.65
C GLN C 287 15.24 -26.82 27.89
N GLN C 288 13.92 -26.61 27.94
CA GLN C 288 13.00 -27.52 27.29
C GLN C 288 13.29 -27.54 25.80
N ILE C 289 13.66 -26.38 25.23
CA ILE C 289 13.90 -26.32 23.80
C ILE C 289 15.17 -27.09 23.48
N ALA C 290 16.22 -26.87 24.27
CA ALA C 290 17.50 -27.53 24.04
C ALA C 290 17.41 -29.06 24.18
N THR C 291 16.51 -29.56 25.02
CA THR C 291 16.44 -30.99 25.29
C THR C 291 15.33 -31.66 24.46
N SER C 292 14.27 -30.93 24.11
CA SER C 292 13.13 -31.55 23.46
C SER C 292 12.97 -31.14 22.01
N VAL C 293 13.63 -30.05 21.56
CA VAL C 293 13.36 -29.59 20.21
C VAL C 293 14.64 -29.59 19.39
N MET C 294 15.60 -28.73 19.71
CA MET C 294 16.86 -28.75 19.00
C MET C 294 17.90 -28.06 19.85
N PRO C 295 19.18 -28.52 19.78
CA PRO C 295 20.26 -27.87 20.51
C PRO C 295 20.65 -26.54 19.88
N VAL C 296 21.45 -25.77 20.65
CA VAL C 296 21.88 -24.44 20.30
C VAL C 296 22.61 -24.46 18.96
N THR C 297 23.28 -25.58 18.67
CA THR C 297 24.09 -25.72 17.47
C THR C 297 23.24 -25.99 16.23
N ALA C 298 21.94 -26.27 16.38
CA ALA C 298 21.16 -26.74 15.24
C ALA C 298 21.16 -25.72 14.11
N ASP C 299 21.05 -26.26 12.88
CA ASP C 299 21.01 -25.46 11.66
C ASP C 299 19.55 -25.13 11.36
N LEU C 300 19.12 -23.97 11.87
CA LEU C 300 17.73 -23.57 11.79
C LEU C 300 17.39 -23.10 10.38
N LYS C 301 18.41 -22.58 9.67
CA LYS C 301 18.27 -22.23 8.26
C LYS C 301 17.75 -23.46 7.51
N ALA C 302 18.41 -24.60 7.73
CA ALA C 302 18.07 -25.84 7.07
C ALA C 302 16.68 -26.32 7.52
N THR C 303 16.45 -26.34 8.83
CA THR C 303 15.15 -26.76 9.34
C THR C 303 14.05 -25.94 8.67
N TYR C 304 14.12 -24.61 8.78
CA TYR C 304 13.05 -23.74 8.28
C TYR C 304 12.81 -24.01 6.80
N ALA C 305 13.91 -24.08 6.02
CA ALA C 305 13.86 -24.38 4.59
C ALA C 305 13.03 -25.64 4.30
N ASN C 306 13.20 -26.69 5.12
CA ASN C 306 12.57 -27.99 4.86
C ASN C 306 11.09 -27.92 5.18
N ALA C 307 10.71 -27.03 6.10
CA ALA C 307 9.33 -26.61 6.24
C ALA C 307 8.43 -27.78 6.65
N ASN C 308 8.97 -28.70 7.46
CA ASN C 308 8.17 -29.81 7.97
C ASN C 308 7.13 -29.28 8.97
N GLY C 309 6.00 -30.00 9.07
CA GLY C 309 4.96 -29.68 10.03
C GLY C 309 4.79 -28.18 10.23
N ASN C 310 4.76 -27.76 11.50
CA ASN C 310 4.54 -26.37 11.86
C ASN C 310 5.86 -25.78 12.39
N ASP C 311 6.97 -26.23 11.81
CA ASP C 311 8.29 -25.80 12.23
C ASP C 311 8.46 -24.31 11.95
N GLN C 312 8.01 -23.85 10.77
CA GLN C 312 8.16 -22.47 10.36
C GLN C 312 7.50 -21.55 11.40
N SER C 313 6.24 -21.82 11.73
CA SER C 313 5.54 -21.05 12.74
C SER C 313 6.24 -21.10 14.09
N PHE C 314 6.67 -22.30 14.48
CA PHE C 314 7.30 -22.49 15.77
C PHE C 314 8.57 -21.62 15.86
N LEU C 315 9.40 -21.65 14.82
CA LEU C 315 10.64 -20.90 14.79
C LEU C 315 10.36 -19.39 14.77
N GLN C 316 9.38 -18.95 13.98
CA GLN C 316 8.91 -17.57 14.05
C GLN C 316 8.57 -17.20 15.49
N ASP C 317 7.77 -18.04 16.16
CA ASP C 317 7.31 -17.80 17.52
C ASP C 317 8.48 -17.77 18.50
N LEU C 318 9.51 -18.60 18.25
CA LEU C 318 10.67 -18.61 19.13
C LEU C 318 11.45 -17.31 18.99
N ALA C 319 11.62 -16.82 17.76
CA ALA C 319 12.30 -15.55 17.54
C ALA C 319 11.55 -14.44 18.27
N MET C 320 10.21 -14.51 18.25
CA MET C 320 9.39 -13.48 18.85
C MET C 320 9.55 -13.53 20.37
N PHE C 321 9.59 -14.73 20.94
CA PHE C 321 9.74 -14.90 22.37
C PHE C 321 11.13 -14.43 22.85
N LEU C 322 12.18 -14.87 22.16
CA LEU C 322 13.52 -14.50 22.56
C LEU C 322 13.68 -12.98 22.50
N THR C 323 13.28 -12.36 21.39
CA THR C 323 13.48 -10.93 21.19
C THR C 323 12.66 -10.12 22.22
N THR C 324 11.40 -10.51 22.45
CA THR C 324 10.53 -9.80 23.38
C THR C 324 11.14 -9.89 24.78
N TYR C 325 11.50 -11.11 25.21
CA TYR C 325 12.00 -11.31 26.55
C TYR C 325 13.36 -10.61 26.74
N LEU C 326 14.28 -10.77 25.78
CA LEU C 326 15.63 -10.25 25.96
C LEU C 326 15.63 -8.72 25.89
N ALA C 327 14.80 -8.13 25.02
CA ALA C 327 14.68 -6.68 24.93
C ALA C 327 14.26 -6.08 26.27
N ARG C 328 13.51 -6.82 27.08
CA ARG C 328 13.05 -6.26 28.34
C ARG C 328 13.95 -6.68 29.50
N ASN C 329 14.53 -7.89 29.43
CA ASN C 329 15.07 -8.54 30.62
C ASN C 329 16.53 -8.93 30.52
N ARG C 330 17.24 -8.58 29.45
CA ARG C 330 18.58 -9.13 29.31
C ARG C 330 19.48 -8.64 30.46
N ALA C 331 19.22 -7.44 31.01
CA ALA C 331 20.04 -6.93 32.10
C ALA C 331 19.97 -7.87 33.32
N LEU C 332 18.86 -8.58 33.49
CA LEU C 332 18.73 -9.54 34.58
C LEU C 332 19.78 -10.63 34.45
N LEU C 333 20.21 -10.94 33.22
CA LEU C 333 21.09 -12.07 32.98
C LEU C 333 22.55 -11.64 32.90
N GLU C 334 22.83 -10.34 32.98
CA GLU C 334 24.13 -9.81 32.59
C GLU C 334 25.13 -9.75 33.75
N SER C 335 24.66 -9.61 34.99
CA SER C 335 25.55 -9.39 36.13
C SER C 335 25.99 -10.70 36.80
N ASP C 336 25.07 -11.66 36.90
CA ASP C 336 25.30 -12.90 37.62
C ASP C 336 25.99 -13.87 36.65
N GLU C 337 27.16 -14.38 37.04
CA GLU C 337 27.97 -15.19 36.14
C GLU C 337 27.38 -16.59 35.97
N SER C 338 26.50 -16.99 36.91
CA SER C 338 25.77 -18.23 36.76
C SER C 338 24.71 -18.14 35.64
N LEU C 339 24.40 -16.93 35.20
CA LEU C 339 23.38 -16.73 34.16
C LEU C 339 24.02 -16.42 32.81
N ARG C 340 25.35 -16.49 32.73
CA ARG C 340 26.06 -16.08 31.53
C ARG C 340 25.75 -17.04 30.39
N GLU C 341 25.79 -18.35 30.69
CA GLU C 341 25.60 -19.34 29.65
C GLU C 341 24.19 -19.19 29.08
N LEU C 342 23.23 -18.93 29.97
CA LEU C 342 21.85 -18.78 29.55
C LEU C 342 21.72 -17.60 28.60
N LEU C 343 22.28 -16.45 29.01
CA LEU C 343 22.23 -15.24 28.20
C LEU C 343 22.81 -15.52 26.82
N LEU C 344 23.98 -16.16 26.76
CA LEU C 344 24.68 -16.31 25.50
C LEU C 344 24.00 -17.36 24.61
N ASN C 345 23.43 -18.41 25.23
CA ASN C 345 22.73 -19.44 24.48
C ASN C 345 21.49 -18.87 23.80
N ALA C 346 20.75 -18.03 24.54
CA ALA C 346 19.53 -17.43 24.03
C ALA C 346 19.88 -16.57 22.81
N HIS C 347 20.96 -15.79 22.94
CA HIS C 347 21.46 -14.99 21.84
C HIS C 347 21.97 -15.87 20.71
N GLN C 348 22.56 -17.03 21.02
CA GLN C 348 23.10 -17.91 19.99
C GLN C 348 21.94 -18.45 19.14
N TYR C 349 20.84 -18.81 19.79
CA TYR C 349 19.64 -19.21 19.07
C TYR C 349 19.21 -18.11 18.09
N LEU C 350 19.20 -16.87 18.57
CA LEU C 350 18.85 -15.72 17.73
C LEU C 350 19.81 -15.60 16.55
N ILE C 351 21.10 -15.85 16.76
CA ILE C 351 22.04 -15.82 15.64
C ILE C 351 21.60 -16.84 14.59
N GLN C 352 21.32 -18.07 15.03
CA GLN C 352 20.91 -19.14 14.14
C GLN C 352 19.58 -18.81 13.46
N LEU C 353 18.64 -18.17 14.18
CA LEU C 353 17.37 -17.79 13.57
C LEU C 353 17.58 -16.73 12.51
N SER C 354 18.61 -15.89 12.71
CA SER C 354 18.89 -14.76 11.84
C SER C 354 19.46 -15.25 10.52
N LYS C 355 19.84 -16.53 10.44
CA LYS C 355 20.37 -17.09 9.20
C LYS C 355 19.24 -17.67 8.36
N ILE C 356 18.02 -17.75 8.91
CA ILE C 356 16.92 -18.28 8.14
C ILE C 356 16.66 -17.35 6.97
N GLU C 357 16.48 -17.96 5.80
CA GLU C 357 16.15 -17.29 4.57
C GLU C 357 14.63 -17.04 4.55
N GLU C 358 14.23 -15.92 5.15
CA GLU C 358 12.83 -15.54 5.30
C GLU C 358 12.80 -14.07 5.70
N ARG C 359 12.46 -13.24 4.73
CA ARG C 359 12.64 -11.81 4.79
C ARG C 359 12.05 -11.24 6.07
N GLU C 360 10.81 -11.62 6.38
CA GLU C 360 10.05 -10.96 7.43
C GLU C 360 10.51 -11.41 8.81
N LEU C 361 11.00 -12.64 8.88
CA LEU C 361 11.58 -13.15 10.13
C LEU C 361 12.91 -12.44 10.38
N PHE C 362 13.70 -12.28 9.32
CA PHE C 362 14.96 -11.56 9.43
C PHE C 362 14.69 -10.17 10.01
N LYS C 363 13.64 -9.49 9.52
CA LYS C 363 13.32 -8.16 9.98
C LYS C 363 13.03 -8.16 11.47
N THR C 364 12.38 -9.22 11.96
CA THR C 364 12.03 -9.31 13.37
C THR C 364 13.28 -9.41 14.23
N THR C 365 14.23 -10.28 13.83
CA THR C 365 15.47 -10.42 14.56
C THR C 365 16.30 -9.14 14.42
N LEU C 366 16.27 -8.51 13.23
CA LEU C 366 17.08 -7.34 12.96
C LEU C 366 16.69 -6.21 13.92
N ASP C 367 15.38 -6.06 14.17
CA ASP C 367 14.89 -5.10 15.14
C ASP C 367 15.52 -5.35 16.50
N TYR C 368 15.67 -6.63 16.88
CA TYR C 368 16.28 -6.93 18.17
C TYR C 368 17.76 -6.54 18.14
N TRP C 369 18.48 -6.97 17.09
CA TRP C 369 19.91 -6.71 17.04
C TRP C 369 20.20 -5.20 17.11
N HIS C 370 19.32 -4.41 16.47
CA HIS C 370 19.43 -2.97 16.46
C HIS C 370 19.34 -2.47 17.89
N ASN C 371 18.35 -2.95 18.63
CA ASN C 371 18.19 -2.64 20.04
C ASN C 371 19.45 -3.00 20.82
N LEU C 372 20.01 -4.20 20.59
CA LEU C 372 21.15 -4.63 21.40
C LEU C 372 22.37 -3.77 21.09
N VAL C 373 22.71 -3.59 19.82
CA VAL C 373 24.03 -3.04 19.52
C VAL C 373 24.02 -1.54 19.79
N ALA C 374 22.85 -0.91 19.67
CA ALA C 374 22.69 0.47 20.09
C ALA C 374 22.97 0.62 21.59
N ASP C 375 22.50 -0.33 22.41
CA ASP C 375 22.69 -0.19 23.84
C ASP C 375 24.15 -0.47 24.22
N LEU C 376 24.80 -1.42 23.53
CA LEU C 376 26.20 -1.73 23.77
C LEU C 376 27.09 -0.54 23.42
N PHE C 377 26.62 0.27 22.47
CA PHE C 377 27.31 1.48 22.06
C PHE C 377 27.31 2.51 23.18
N TYR C 378 26.28 2.50 24.05
CA TYR C 378 26.12 3.53 25.07
C TYR C 378 26.37 3.00 26.47
N GLU C 379 25.96 1.77 26.76
CA GLU C 379 25.92 1.27 28.13
C GLU C 379 27.33 0.86 28.60
N PRO C 380 27.62 0.97 29.92
CA PRO C 380 29.02 0.93 30.35
C PRO C 380 29.21 -0.51 30.79
N LEU C 381 30.39 -1.09 30.53
CA LEU C 381 30.73 -2.43 30.97
C LEU C 381 29.74 -3.46 30.43
N LYS C 382 29.67 -3.64 29.11
CA LYS C 382 28.64 -4.49 28.51
C LYS C 382 29.10 -5.22 27.24
N LYS C 383 29.75 -4.52 26.31
CA LYS C 383 30.06 -5.10 25.01
C LYS C 383 30.91 -6.37 25.16
N HIS C 384 31.83 -6.40 26.15
CA HIS C 384 32.71 -7.53 26.38
C HIS C 384 31.93 -8.85 26.45
N ILE C 385 30.71 -8.80 27.01
CA ILE C 385 29.84 -9.95 27.17
C ILE C 385 29.48 -10.56 25.81
N TYR C 386 29.26 -9.70 24.80
CA TYR C 386 28.56 -10.10 23.58
C TYR C 386 29.51 -10.19 22.38
N GLU C 387 30.83 -10.22 22.64
CA GLU C 387 31.82 -10.08 21.57
C GLU C 387 31.67 -11.19 20.53
N GLU C 388 31.50 -12.43 20.96
CA GLU C 388 31.43 -13.53 20.01
C GLU C 388 30.08 -13.45 19.25
N ILE C 389 28.99 -13.14 19.97
CA ILE C 389 27.70 -12.89 19.35
C ILE C 389 27.82 -11.77 18.31
N CYS C 390 28.45 -10.66 18.68
CA CYS C 390 28.58 -9.54 17.76
C CYS C 390 29.42 -9.90 16.54
N SER C 391 30.40 -10.79 16.73
CA SER C 391 31.30 -11.15 15.64
C SER C 391 30.53 -11.95 14.58
N GLN C 392 29.75 -12.93 15.03
CA GLN C 392 28.89 -13.70 14.16
C GLN C 392 27.89 -12.78 13.46
N LEU C 393 27.31 -11.83 14.20
CA LEU C 393 26.26 -10.98 13.65
C LEU C 393 26.84 -10.13 12.51
N ARG C 394 28.09 -9.67 12.65
CA ARG C 394 28.72 -8.91 11.59
C ARG C 394 28.65 -9.68 10.28
N LEU C 395 28.93 -10.99 10.32
CA LEU C 395 28.94 -11.80 9.11
C LEU C 395 27.51 -11.93 8.59
N VAL C 396 26.56 -12.15 9.51
CA VAL C 396 25.16 -12.30 9.12
C VAL C 396 24.69 -11.04 8.42
N ILE C 397 25.02 -9.85 8.94
CA ILE C 397 24.52 -8.60 8.36
C ILE C 397 25.20 -8.36 7.01
N ILE C 398 26.52 -8.55 6.94
CA ILE C 398 27.22 -8.31 5.69
C ILE C 398 26.66 -9.22 4.60
N GLU C 399 26.42 -10.49 4.93
CA GLU C 399 25.92 -11.45 3.97
C GLU C 399 24.45 -11.22 3.61
N ASN C 400 23.73 -10.34 4.34
CA ASN C 400 22.33 -10.09 4.05
C ASN C 400 22.07 -8.63 3.64
N MET C 401 23.11 -7.85 3.38
CA MET C 401 22.90 -6.46 3.02
C MET C 401 22.08 -6.38 1.73
N VAL C 402 21.09 -5.49 1.73
CA VAL C 402 20.31 -5.19 0.55
C VAL C 402 20.76 -3.86 -0.03
N ARG C 403 20.34 -3.62 -1.27
CA ARG C 403 20.57 -2.39 -2.00
C ARG C 403 19.89 -1.23 -1.27
N PRO C 404 20.46 -0.01 -1.28
CA PRO C 404 19.85 1.14 -0.60
C PRO C 404 18.47 1.58 -1.10
N GLU C 405 18.07 1.08 -2.27
CA GLU C 405 16.74 1.34 -2.79
C GLU C 405 15.67 0.68 -1.91
N GLU C 406 16.01 -0.41 -1.20
CA GLU C 406 15.10 -1.00 -0.22
C GLU C 406 15.21 -0.20 1.07
N ILE C 407 14.50 0.94 1.12
CA ILE C 407 14.91 2.08 1.93
C ILE C 407 14.97 1.71 3.41
N GLN C 408 13.91 1.10 3.95
CA GLN C 408 13.81 0.89 5.38
C GLN C 408 14.77 -0.23 5.84
N LEU C 409 14.80 -1.34 5.09
CA LEU C 409 15.63 -2.48 5.45
C LEU C 409 17.10 -2.09 5.36
N TYR C 410 17.49 -1.36 4.32
CA TYR C 410 18.88 -0.94 4.18
C TYR C 410 19.29 -0.06 5.36
N LYS C 411 18.39 0.84 5.74
CA LYS C 411 18.65 1.77 6.83
C LYS C 411 18.90 1.01 8.13
N SER C 412 17.97 0.10 8.48
CA SER C 412 18.11 -0.76 9.64
C SER C 412 19.43 -1.53 9.58
N GLU C 413 19.73 -2.14 8.44
CA GLU C 413 20.92 -2.96 8.33
C GLU C 413 22.17 -2.10 8.46
N ARG C 414 22.19 -0.93 7.82
CA ARG C 414 23.35 -0.03 7.90
C ARG C 414 23.57 0.37 9.34
N GLU C 415 22.49 0.74 10.05
CA GLU C 415 22.60 1.22 11.41
C GLU C 415 23.22 0.13 12.29
N VAL C 416 22.78 -1.12 12.11
CA VAL C 416 23.31 -2.19 12.93
C VAL C 416 24.79 -2.36 12.61
N LEU C 417 25.13 -2.37 11.32
CA LEU C 417 26.50 -2.61 10.92
C LEU C 417 27.41 -1.46 11.36
N VAL C 418 26.89 -0.23 11.32
CA VAL C 418 27.65 0.93 11.79
C VAL C 418 27.97 0.77 13.27
N TYR C 419 26.97 0.44 14.09
CA TYR C 419 27.22 0.20 15.50
C TYR C 419 28.24 -0.94 15.70
N LEU C 420 28.11 -2.02 14.94
CA LEU C 420 28.99 -3.17 15.11
C LEU C 420 30.42 -2.79 14.72
N THR C 421 30.53 -1.90 13.74
CA THR C 421 31.82 -1.46 13.26
C THR C 421 32.50 -0.62 14.32
N HIS C 422 31.74 0.29 14.94
CA HIS C 422 32.26 1.07 16.04
C HIS C 422 32.75 0.16 17.16
N LEU C 423 32.00 -0.91 17.46
CA LEU C 423 32.31 -1.81 18.56
C LEU C 423 33.56 -2.65 18.29
N ASN C 424 33.81 -3.02 17.02
CA ASN C 424 35.06 -3.68 16.68
C ASN C 424 35.38 -3.44 15.21
N VAL C 425 36.13 -2.35 14.95
CA VAL C 425 36.44 -1.93 13.60
C VAL C 425 37.29 -2.98 12.90
N ILE C 426 38.25 -3.56 13.62
CA ILE C 426 39.19 -4.51 13.04
C ILE C 426 38.45 -5.78 12.61
N ASP C 427 37.58 -6.32 13.48
CA ASP C 427 36.79 -7.49 13.13
C ASP C 427 35.99 -7.23 11.85
N THR C 428 35.35 -6.07 11.75
CA THR C 428 34.49 -5.78 10.61
C THR C 428 35.33 -5.72 9.33
N GLU C 429 36.48 -5.06 9.45
CA GLU C 429 37.40 -4.87 8.35
C GLU C 429 37.86 -6.22 7.82
N GLU C 430 38.21 -7.13 8.74
CA GLU C 430 38.76 -8.43 8.40
C GLU C 430 37.72 -9.28 7.69
N ILE C 431 36.49 -9.24 8.19
CA ILE C 431 35.40 -9.99 7.56
C ILE C 431 35.20 -9.47 6.14
N MET C 432 35.29 -8.16 5.93
CA MET C 432 35.01 -7.59 4.63
C MET C 432 36.12 -7.92 3.62
N ILE C 433 37.38 -7.76 4.03
CA ILE C 433 38.52 -8.08 3.20
C ILE C 433 38.51 -9.58 2.87
N SER C 434 38.15 -10.43 3.82
CA SER C 434 38.24 -11.86 3.55
C SER C 434 37.07 -12.28 2.65
N LYS C 435 35.92 -11.60 2.76
CA LYS C 435 34.82 -11.88 1.82
C LYS C 435 35.23 -11.44 0.43
N LEU C 436 36.00 -10.36 0.34
CA LEU C 436 36.47 -9.86 -0.95
C LEU C 436 37.43 -10.89 -1.55
N ALA C 437 38.29 -11.46 -0.72
CA ALA C 437 39.20 -12.52 -1.15
C ALA C 437 38.44 -13.72 -1.72
N ARG C 438 37.29 -14.07 -1.14
CA ARG C 438 36.48 -15.17 -1.64
C ARG C 438 35.90 -14.83 -3.01
N GLN C 439 35.60 -13.55 -3.26
CA GLN C 439 35.18 -13.12 -4.58
C GLN C 439 36.32 -13.30 -5.58
N ILE C 440 37.54 -12.93 -5.18
CA ILE C 440 38.70 -12.97 -6.05
C ILE C 440 39.09 -14.42 -6.37
N ASP C 441 38.97 -15.32 -5.37
CA ASP C 441 39.40 -16.69 -5.55
C ASP C 441 38.30 -17.53 -6.22
N GLY C 442 37.13 -16.94 -6.45
CA GLY C 442 36.10 -17.59 -7.25
C GLY C 442 35.14 -18.45 -6.42
N SER C 443 35.49 -18.72 -5.16
CA SER C 443 34.74 -19.66 -4.33
C SER C 443 33.35 -19.14 -4.00
N GLU C 444 33.22 -17.81 -3.83
CA GLU C 444 31.92 -17.22 -3.49
C GLU C 444 31.46 -16.26 -4.59
N TRP C 445 32.21 -16.17 -5.70
CA TRP C 445 31.90 -15.23 -6.78
C TRP C 445 30.49 -15.43 -7.32
N SER C 446 29.75 -14.31 -7.37
CA SER C 446 28.55 -14.18 -8.17
C SER C 446 28.18 -12.70 -8.23
N TRP C 447 27.29 -12.33 -9.15
CA TRP C 447 26.85 -10.96 -9.25
C TRP C 447 26.17 -10.54 -7.95
N HIS C 448 25.23 -11.38 -7.49
CA HIS C 448 24.53 -11.11 -6.24
C HIS C 448 25.55 -10.82 -5.13
N ASN C 449 26.62 -11.62 -5.07
CA ASN C 449 27.50 -11.64 -3.92
C ASN C 449 28.43 -10.45 -3.91
N ILE C 450 28.98 -10.09 -5.08
CA ILE C 450 29.86 -8.94 -5.15
C ILE C 450 29.04 -7.67 -4.91
N ASN C 451 27.79 -7.68 -5.38
CA ASN C 451 26.89 -6.56 -5.14
C ASN C 451 26.63 -6.41 -3.65
N THR C 452 26.25 -7.49 -2.96
CA THR C 452 25.83 -7.34 -1.57
C THR C 452 27.04 -6.89 -0.75
N LEU C 453 28.22 -7.47 -1.05
CA LEU C 453 29.44 -7.11 -0.36
C LEU C 453 29.74 -5.62 -0.55
N SER C 454 29.56 -5.13 -1.77
CA SER C 454 29.81 -3.74 -2.11
C SER C 454 28.87 -2.81 -1.34
N TRP C 455 27.58 -3.19 -1.29
CA TRP C 455 26.58 -2.44 -0.54
C TRP C 455 26.98 -2.37 0.95
N ALA C 456 27.50 -3.48 1.48
CA ALA C 456 27.92 -3.54 2.86
C ALA C 456 29.14 -2.66 3.12
N ILE C 457 30.15 -2.76 2.26
CA ILE C 457 31.34 -1.93 2.37
C ILE C 457 30.96 -0.45 2.30
N GLY C 458 30.01 -0.12 1.44
CA GLY C 458 29.57 1.25 1.31
C GLY C 458 28.83 1.76 2.54
N SER C 459 28.13 0.85 3.25
CA SER C 459 27.20 1.26 4.30
C SER C 459 27.93 1.83 5.51
N ILE C 460 29.20 1.46 5.73
CA ILE C 460 29.91 1.80 6.96
C ILE C 460 30.80 3.03 6.79
N SER C 461 30.76 3.66 5.61
CA SER C 461 31.45 4.91 5.35
C SER C 461 31.21 5.88 6.50
N GLY C 462 32.28 6.43 7.08
CA GLY C 462 32.17 7.45 8.11
C GLY C 462 32.41 6.92 9.53
N THR C 463 32.50 5.60 9.70
CA THR C 463 32.62 5.02 11.02
C THR C 463 34.09 4.90 11.43
N MET C 464 34.97 4.73 10.44
CA MET C 464 36.38 4.54 10.71
C MET C 464 37.07 5.91 10.87
N SER C 465 38.23 5.92 11.52
CA SER C 465 39.09 7.09 11.49
C SER C 465 39.47 7.35 10.04
N GLU C 466 39.81 8.61 9.73
CA GLU C 466 40.15 8.96 8.36
C GLU C 466 41.35 8.12 7.90
N ASP C 467 42.30 7.85 8.80
CA ASP C 467 43.50 7.11 8.45
C ASP C 467 43.18 5.62 8.23
N THR C 468 42.38 5.01 9.10
CA THR C 468 41.97 3.63 8.90
C THR C 468 41.11 3.53 7.63
N GLU C 469 40.22 4.51 7.46
CA GLU C 469 39.38 4.57 6.28
C GLU C 469 40.25 4.57 5.03
N LYS C 470 41.31 5.40 5.03
CA LYS C 470 42.15 5.56 3.86
C LYS C 470 42.72 4.20 3.45
N ARG C 471 43.34 3.49 4.41
CA ARG C 471 44.00 2.24 4.11
C ARG C 471 42.96 1.22 3.66
N PHE C 472 41.81 1.22 4.33
CA PHE C 472 40.72 0.32 3.99
C PHE C 472 40.22 0.57 2.54
N VAL C 473 39.94 1.83 2.21
CA VAL C 473 39.40 2.16 0.91
C VAL C 473 40.39 1.75 -0.17
N VAL C 474 41.68 2.08 0.00
CA VAL C 474 42.67 1.72 -1.01
C VAL C 474 42.70 0.22 -1.23
N THR C 475 42.67 -0.57 -0.15
CA THR C 475 42.73 -2.01 -0.27
C THR C 475 41.54 -2.51 -1.09
N VAL C 476 40.34 -2.01 -0.76
CA VAL C 476 39.11 -2.44 -1.41
C VAL C 476 39.14 -2.07 -2.89
N ILE C 477 39.57 -0.85 -3.22
CA ILE C 477 39.60 -0.42 -4.62
C ILE C 477 40.61 -1.26 -5.41
N LYS C 478 41.84 -1.43 -4.89
CA LYS C 478 42.83 -2.27 -5.55
C LYS C 478 42.24 -3.66 -5.79
N ASP C 479 41.61 -4.24 -4.77
CA ASP C 479 41.08 -5.59 -4.86
C ASP C 479 40.00 -5.66 -5.94
N LEU C 480 39.10 -4.67 -5.97
CA LEU C 480 37.99 -4.69 -6.94
C LEU C 480 38.52 -4.47 -8.36
N LEU C 481 39.53 -3.60 -8.52
CA LEU C 481 40.16 -3.37 -9.82
C LEU C 481 40.78 -4.66 -10.35
N GLY C 482 41.43 -5.41 -9.45
CA GLY C 482 41.98 -6.70 -9.78
C GLY C 482 40.90 -7.67 -10.23
N LEU C 483 39.77 -7.68 -9.50
CA LEU C 483 38.66 -8.55 -9.84
C LEU C 483 38.15 -8.23 -11.26
N CYS C 484 37.94 -6.93 -11.53
CA CYS C 484 37.47 -6.49 -12.83
C CYS C 484 38.35 -7.06 -13.96
N GLU C 485 39.68 -6.90 -13.82
CA GLU C 485 40.63 -7.41 -14.79
C GLU C 485 40.43 -8.90 -14.98
N GLN C 486 40.56 -9.67 -13.89
CA GLN C 486 40.44 -11.12 -13.94
C GLN C 486 39.25 -11.50 -14.81
N LYS C 487 38.11 -10.87 -14.51
CA LYS C 487 36.85 -11.26 -15.10
C LYS C 487 36.90 -11.07 -16.61
N ARG C 488 36.26 -12.01 -17.30
CA ARG C 488 36.30 -12.08 -18.75
C ARG C 488 34.89 -11.80 -19.27
N GLY C 489 34.77 -10.80 -20.16
CA GLY C 489 33.49 -10.49 -20.77
C GLY C 489 32.84 -9.24 -20.16
N LYS C 490 32.07 -8.55 -21.00
CA LYS C 490 31.53 -7.24 -20.69
C LYS C 490 30.49 -7.31 -19.57
N ASP C 491 29.74 -8.42 -19.46
CA ASP C 491 28.72 -8.55 -18.44
C ASP C 491 29.39 -8.52 -17.06
N ASN C 492 30.41 -9.37 -16.88
CA ASN C 492 31.10 -9.50 -15.61
C ASN C 492 31.80 -8.20 -15.27
N LYS C 493 32.60 -7.68 -16.20
CA LYS C 493 33.35 -6.46 -15.96
C LYS C 493 32.39 -5.32 -15.65
N ALA C 494 31.20 -5.33 -16.24
CA ALA C 494 30.26 -4.23 -16.03
C ALA C 494 29.72 -4.26 -14.61
N VAL C 495 29.46 -5.46 -14.08
CA VAL C 495 29.01 -5.65 -12.71
C VAL C 495 30.07 -5.12 -11.73
N VAL C 496 31.34 -5.48 -11.95
CA VAL C 496 32.39 -5.08 -11.04
C VAL C 496 32.59 -3.56 -11.13
N ALA C 497 32.54 -3.02 -12.35
CA ALA C 497 32.74 -1.59 -12.55
C ALA C 497 31.66 -0.76 -11.84
N ARG C 498 30.40 -1.19 -11.94
CA ARG C 498 29.29 -0.55 -11.23
C ARG C 498 29.55 -0.57 -9.71
N ASP C 499 30.14 -1.66 -9.21
CA ASP C 499 30.33 -1.85 -7.79
C ASP C 499 31.48 -0.98 -7.31
N ILE C 500 32.50 -0.80 -8.16
CA ILE C 500 33.59 0.14 -7.89
C ILE C 500 33.01 1.54 -7.83
N MET C 501 32.28 1.93 -8.89
CA MET C 501 31.59 3.21 -8.92
C MET C 501 30.80 3.38 -7.62
N TYR C 502 30.05 2.35 -7.23
CA TYR C 502 29.20 2.43 -6.04
C TYR C 502 30.04 2.77 -4.80
N VAL C 503 31.10 1.99 -4.55
CA VAL C 503 31.88 2.12 -3.33
C VAL C 503 32.51 3.51 -3.25
N VAL C 504 33.09 3.96 -4.37
CA VAL C 504 33.83 5.22 -4.42
C VAL C 504 32.86 6.36 -4.13
N GLY C 505 31.66 6.24 -4.67
CA GLY C 505 30.63 7.24 -4.44
C GLY C 505 30.21 7.31 -2.98
N GLU C 506 30.46 6.26 -2.19
CA GLU C 506 30.01 6.25 -0.80
C GLU C 506 31.08 6.78 0.13
N TYR C 507 32.27 7.14 -0.41
CA TYR C 507 33.41 7.55 0.41
C TYR C 507 33.89 8.95 0.03
N PRO C 508 33.04 10.00 0.21
CA PRO C 508 33.40 11.34 -0.22
C PRO C 508 34.58 11.92 0.55
N ARG C 509 34.70 11.55 1.83
CA ARG C 509 35.76 12.06 2.67
C ARG C 509 37.12 11.72 2.04
N PHE C 510 37.28 10.48 1.58
CA PHE C 510 38.48 10.05 0.89
C PHE C 510 38.72 10.84 -0.40
N LEU C 511 37.65 11.06 -1.18
CA LEU C 511 37.76 11.79 -2.43
C LEU C 511 38.21 13.23 -2.18
N LYS C 512 37.68 13.84 -1.11
CA LYS C 512 37.96 15.24 -0.79
C LYS C 512 39.42 15.46 -0.38
N ALA C 513 40.08 14.40 0.09
CA ALA C 513 41.46 14.50 0.56
C ALA C 513 42.44 14.11 -0.54
N HIS C 514 41.96 13.50 -1.64
CA HIS C 514 42.83 12.98 -2.69
C HIS C 514 42.35 13.45 -4.06
N TRP C 515 42.68 14.72 -4.39
CA TRP C 515 42.18 15.38 -5.59
C TRP C 515 42.52 14.59 -6.84
N ASN C 516 43.76 14.08 -6.91
CA ASN C 516 44.23 13.42 -8.11
C ASN C 516 43.37 12.19 -8.38
N PHE C 517 42.99 11.49 -7.31
CA PHE C 517 42.15 10.32 -7.42
C PHE C 517 40.73 10.76 -7.82
N LEU C 518 40.23 11.83 -7.21
CA LEU C 518 38.89 12.31 -7.52
C LEU C 518 38.79 12.66 -9.01
N ARG C 519 39.80 13.40 -9.51
CA ARG C 519 39.84 13.77 -10.92
C ARG C 519 39.78 12.51 -11.80
N THR C 520 40.60 11.52 -11.46
CA THR C 520 40.68 10.28 -12.23
C THR C 520 39.32 9.57 -12.26
N VAL C 521 38.61 9.59 -11.14
CA VAL C 521 37.32 8.92 -11.03
C VAL C 521 36.33 9.59 -11.98
N ILE C 522 36.29 10.92 -11.97
CA ILE C 522 35.34 11.63 -12.82
C ILE C 522 35.64 11.34 -14.29
N LEU C 523 36.93 11.42 -14.65
CA LEU C 523 37.35 11.21 -16.03
C LEU C 523 36.96 9.80 -16.47
N LYS C 524 37.01 8.84 -15.54
CA LYS C 524 36.67 7.46 -15.82
C LYS C 524 35.16 7.31 -15.96
N LEU C 525 34.41 8.04 -15.14
CA LEU C 525 32.97 8.07 -15.27
C LEU C 525 32.59 8.64 -16.64
N PHE C 526 33.33 9.66 -17.10
CA PHE C 526 33.07 10.24 -18.41
C PHE C 526 33.35 9.22 -19.51
N GLU C 527 34.42 8.42 -19.37
CA GLU C 527 34.69 7.35 -20.32
C GLU C 527 33.49 6.41 -20.39
N PHE C 528 32.92 6.08 -19.23
CA PHE C 528 31.81 5.13 -19.15
C PHE C 528 30.53 5.70 -19.76
N MET C 529 30.44 7.03 -19.88
CA MET C 529 29.24 7.64 -20.46
C MET C 529 29.22 7.42 -21.98
N HIS C 530 30.25 6.73 -22.51
CA HIS C 530 30.28 6.33 -23.91
C HIS C 530 30.05 4.82 -24.07
N GLU C 531 29.80 4.09 -22.98
CA GLU C 531 29.55 2.65 -23.04
C GLU C 531 28.07 2.32 -23.30
N THR C 532 27.82 1.57 -24.38
CA THR C 532 26.49 1.09 -24.75
C THR C 532 25.96 0.04 -23.78
N HIS C 533 26.86 -0.75 -23.16
CA HIS C 533 26.46 -1.88 -22.34
C HIS C 533 25.45 -1.40 -21.30
N GLU C 534 24.34 -2.14 -21.16
CA GLU C 534 23.20 -1.69 -20.38
C GLU C 534 23.61 -1.42 -18.94
N GLY C 535 23.07 -0.33 -18.39
CA GLY C 535 23.24 0.04 -17.00
C GLY C 535 24.47 0.92 -16.75
N VAL C 536 25.40 0.98 -17.71
CA VAL C 536 26.70 1.56 -17.46
C VAL C 536 26.59 3.09 -17.50
N GLN C 537 25.87 3.62 -18.49
CA GLN C 537 25.71 5.07 -18.63
C GLN C 537 24.88 5.61 -17.46
N ASP C 538 23.83 4.87 -17.09
CA ASP C 538 22.98 5.23 -15.96
C ASP C 538 23.82 5.28 -14.70
N MET C 539 24.70 4.29 -14.50
CA MET C 539 25.43 4.22 -13.24
C MET C 539 26.51 5.29 -13.23
N ALA C 540 27.11 5.54 -14.41
CA ALA C 540 28.07 6.62 -14.55
C ALA C 540 27.44 7.96 -14.19
N CYS C 541 26.24 8.21 -14.69
CA CYS C 541 25.59 9.49 -14.45
C CYS C 541 25.18 9.60 -12.99
N ASP C 542 24.66 8.51 -12.42
CA ASP C 542 24.17 8.52 -11.05
C ASP C 542 25.33 8.69 -10.08
N THR C 543 26.48 8.07 -10.41
CA THR C 543 27.68 8.19 -9.59
C THR C 543 28.22 9.62 -9.70
N PHE C 544 28.20 10.15 -10.93
CA PHE C 544 28.66 11.51 -11.16
C PHE C 544 27.90 12.46 -10.22
N ILE C 545 26.56 12.40 -10.24
CA ILE C 545 25.82 13.41 -9.50
C ILE C 545 25.96 13.15 -8.00
N LYS C 546 26.05 11.88 -7.60
CA LYS C 546 26.24 11.57 -6.19
C LYS C 546 27.55 12.19 -5.70
N ILE C 547 28.65 11.99 -6.46
CA ILE C 547 29.95 12.49 -6.03
C ILE C 547 29.91 14.01 -5.96
N VAL C 548 29.27 14.63 -6.96
CA VAL C 548 29.11 16.07 -7.01
C VAL C 548 28.36 16.59 -5.79
N GLN C 549 27.26 15.94 -5.39
CA GLN C 549 26.48 16.42 -4.26
C GLN C 549 27.36 16.57 -3.03
N LYS C 550 28.35 15.69 -2.87
CA LYS C 550 29.13 15.62 -1.65
C LYS C 550 30.46 16.36 -1.80
N CYS C 551 30.99 16.50 -3.03
CA CYS C 551 32.36 16.97 -3.22
C CYS C 551 32.43 18.26 -4.05
N LYS C 552 31.27 18.90 -4.28
CA LYS C 552 31.10 20.01 -5.20
C LYS C 552 32.15 21.11 -5.02
N TYR C 553 32.55 21.39 -3.77
CA TYR C 553 33.52 22.45 -3.49
C TYR C 553 34.83 22.18 -4.25
N HIS C 554 35.17 20.91 -4.44
CA HIS C 554 36.45 20.54 -5.04
C HIS C 554 36.48 20.78 -6.55
N PHE C 555 35.31 21.04 -7.16
CA PHE C 555 35.21 21.29 -8.58
C PHE C 555 35.14 22.79 -8.87
N VAL C 556 34.87 23.61 -7.85
CA VAL C 556 34.64 25.04 -8.07
C VAL C 556 35.91 25.84 -7.76
N ILE C 557 36.80 25.32 -6.90
CA ILE C 557 38.10 25.93 -6.65
C ILE C 557 39.12 25.47 -7.71
N GLN C 558 40.17 26.27 -7.88
CA GLN C 558 41.33 25.85 -8.64
C GLN C 558 42.23 24.99 -7.74
N GLN C 559 42.31 23.69 -8.04
CA GLN C 559 43.17 22.78 -7.32
C GLN C 559 44.63 23.06 -7.70
N PRO C 560 45.60 22.82 -6.79
CA PRO C 560 47.01 22.98 -7.13
C PRO C 560 47.39 22.13 -8.36
N ARG C 561 48.25 22.70 -9.22
CA ARG C 561 48.75 22.03 -10.42
C ARG C 561 47.65 21.90 -11.47
N GLU C 562 46.60 22.72 -11.35
CA GLU C 562 45.56 22.81 -12.35
C GLU C 562 45.51 24.25 -12.85
N SER C 563 45.16 24.43 -14.13
CA SER C 563 45.11 25.75 -14.72
C SER C 563 43.79 26.43 -14.42
N GLU C 564 42.77 25.65 -14.03
CA GLU C 564 41.43 26.18 -13.90
C GLU C 564 40.58 25.29 -13.00
N PRO C 565 39.50 25.83 -12.39
CA PRO C 565 38.51 25.02 -11.69
C PRO C 565 37.98 23.93 -12.61
N PHE C 566 37.86 22.72 -12.08
CA PHE C 566 37.48 21.59 -12.90
C PHE C 566 36.11 21.81 -13.55
N ILE C 567 35.24 22.61 -12.91
CA ILE C 567 33.94 22.88 -13.49
C ILE C 567 34.11 23.46 -14.90
N GLN C 568 35.11 24.33 -15.07
CA GLN C 568 35.38 24.93 -16.37
C GLN C 568 35.76 23.84 -17.36
N THR C 569 36.66 22.95 -16.94
CA THR C 569 37.07 21.84 -17.77
C THR C 569 35.85 21.00 -18.17
N ILE C 570 34.94 20.75 -17.21
CA ILE C 570 33.78 19.91 -17.51
C ILE C 570 32.91 20.56 -18.57
N ILE C 571 32.65 21.88 -18.43
CA ILE C 571 31.76 22.59 -19.33
C ILE C 571 32.42 22.73 -20.71
N ARG C 572 33.72 23.09 -20.78
CA ARG C 572 34.41 23.20 -22.06
C ARG C 572 34.18 21.96 -22.91
N ASP C 573 34.10 20.79 -22.28
CA ASP C 573 34.14 19.55 -23.04
C ASP C 573 32.77 18.86 -23.04
N ILE C 574 31.72 19.58 -22.63
CA ILE C 574 30.44 18.96 -22.32
C ILE C 574 29.82 18.27 -23.53
N GLN C 575 29.95 18.86 -24.72
CA GLN C 575 29.31 18.31 -25.90
C GLN C 575 29.84 16.90 -26.16
N LYS C 576 31.16 16.75 -26.11
CA LYS C 576 31.85 15.50 -26.35
C LYS C 576 31.55 14.51 -25.23
N THR C 577 31.55 14.98 -23.98
CA THR C 577 31.31 14.09 -22.85
C THR C 577 29.94 13.41 -22.95
N THR C 578 28.92 14.21 -23.30
CA THR C 578 27.53 13.78 -23.21
C THR C 578 26.99 13.22 -24.52
N ALA C 579 27.84 13.17 -25.56
CA ALA C 579 27.42 12.93 -26.93
C ALA C 579 26.62 11.63 -27.11
N ASP C 580 26.89 10.62 -26.27
CA ASP C 580 26.27 9.31 -26.43
C ASP C 580 25.20 9.08 -25.38
N LEU C 581 24.84 10.08 -24.59
CA LEU C 581 23.87 9.86 -23.52
C LEU C 581 22.46 9.99 -24.08
N GLN C 582 21.51 9.26 -23.48
CA GLN C 582 20.09 9.50 -23.66
C GLN C 582 19.73 10.84 -23.02
N PRO C 583 18.64 11.51 -23.48
CA PRO C 583 18.22 12.80 -22.93
C PRO C 583 18.13 12.86 -21.41
N GLN C 584 17.52 11.85 -20.76
CA GLN C 584 17.41 11.83 -19.31
C GLN C 584 18.79 11.87 -18.66
N GLN C 585 19.76 11.18 -19.27
CA GLN C 585 21.09 11.13 -18.71
C GLN C 585 21.76 12.49 -18.86
N VAL C 586 21.51 13.14 -20.00
CA VAL C 586 22.06 14.46 -20.27
C VAL C 586 21.52 15.41 -19.20
N HIS C 587 20.23 15.31 -18.87
CA HIS C 587 19.61 16.21 -17.89
C HIS C 587 20.25 16.01 -16.50
N THR C 588 20.48 14.77 -16.11
CA THR C 588 21.18 14.49 -14.86
C THR C 588 22.54 15.19 -14.87
N PHE C 589 23.27 15.03 -15.97
CA PHE C 589 24.60 15.59 -16.11
C PHE C 589 24.55 17.11 -15.91
N TYR C 590 23.62 17.78 -16.60
CA TYR C 590 23.47 19.23 -16.50
C TYR C 590 23.02 19.63 -15.09
N LYS C 591 22.11 18.83 -14.50
CA LYS C 591 21.71 19.06 -13.12
C LYS C 591 22.93 19.01 -12.22
N ALA C 592 23.78 18.01 -12.42
CA ALA C 592 24.99 17.88 -11.60
C ALA C 592 25.85 19.13 -11.74
N CYS C 593 26.03 19.62 -12.97
CA CYS C 593 26.85 20.80 -13.19
C CYS C 593 26.25 21.99 -12.44
N GLY C 594 24.90 22.03 -12.40
CA GLY C 594 24.21 23.09 -11.71
C GLY C 594 24.56 23.13 -10.22
N ILE C 595 24.68 21.95 -9.62
CA ILE C 595 25.04 21.86 -8.21
C ILE C 595 26.39 22.54 -7.97
N ILE C 596 27.36 22.23 -8.83
CA ILE C 596 28.69 22.80 -8.72
C ILE C 596 28.61 24.31 -8.83
N ILE C 597 27.87 24.80 -9.83
CA ILE C 597 27.88 26.23 -10.13
C ILE C 597 27.32 27.03 -8.96
N SER C 598 26.39 26.45 -8.20
CA SER C 598 25.82 27.15 -7.06
C SER C 598 26.78 27.22 -5.87
N GLU C 599 27.88 26.44 -5.87
CA GLU C 599 28.95 26.64 -4.90
C GLU C 599 29.69 27.96 -5.09
N GLU C 600 29.68 28.52 -6.31
CA GLU C 600 30.33 29.79 -6.56
C GLU C 600 29.44 30.91 -6.05
N ARG C 601 29.94 31.71 -5.08
CA ARG C 601 29.09 32.74 -4.47
C ARG C 601 29.45 34.13 -5.00
N SER C 602 30.54 34.26 -5.77
CA SER C 602 30.73 35.47 -6.57
C SER C 602 29.71 35.49 -7.71
N VAL C 603 28.79 36.48 -7.68
CA VAL C 603 27.66 36.55 -8.60
C VAL C 603 28.15 36.50 -10.05
N ALA C 604 29.12 37.35 -10.39
CA ALA C 604 29.56 37.50 -11.76
C ALA C 604 30.13 36.20 -12.30
N GLU C 605 30.90 35.50 -11.46
CA GLU C 605 31.55 34.29 -11.90
C GLU C 605 30.50 33.19 -12.04
N ARG C 606 29.53 33.17 -11.11
CA ARG C 606 28.44 32.20 -11.14
C ARG C 606 27.63 32.36 -12.42
N ASN C 607 27.22 33.60 -12.71
CA ASN C 607 26.38 33.88 -13.86
C ASN C 607 27.09 33.47 -15.15
N ARG C 608 28.42 33.69 -15.21
CA ARG C 608 29.17 33.33 -16.40
C ARG C 608 29.25 31.81 -16.52
N LEU C 609 29.54 31.10 -15.42
CA LEU C 609 29.50 29.64 -15.45
C LEU C 609 28.15 29.15 -15.96
N LEU C 610 27.07 29.76 -15.46
CA LEU C 610 25.72 29.36 -15.83
C LEU C 610 25.52 29.60 -17.33
N SER C 611 26.02 30.74 -17.79
CA SER C 611 25.95 31.11 -19.19
C SER C 611 26.64 30.06 -20.05
N ASP C 612 27.80 29.59 -19.58
CA ASP C 612 28.61 28.66 -20.32
C ASP C 612 27.96 27.28 -20.33
N LEU C 613 27.38 26.88 -19.19
CA LEU C 613 26.73 25.58 -19.12
C LEU C 613 25.55 25.55 -20.08
N MET C 614 24.83 26.67 -20.18
CA MET C 614 23.58 26.70 -20.92
C MET C 614 23.84 27.03 -22.40
N GLN C 615 25.12 27.04 -22.80
CA GLN C 615 25.50 27.47 -24.14
C GLN C 615 24.84 26.62 -25.22
N LEU C 616 24.99 25.30 -25.16
CA LEU C 616 24.46 24.42 -26.19
C LEU C 616 22.93 24.47 -26.26
N PRO C 617 22.19 24.29 -25.15
CA PRO C 617 20.73 24.45 -25.18
C PRO C 617 20.28 25.83 -25.64
N ASN C 618 21.01 26.88 -25.26
CA ASN C 618 20.63 28.22 -25.66
C ASN C 618 20.82 28.41 -27.17
N MET C 619 21.87 27.84 -27.74
CA MET C 619 22.15 28.04 -29.16
C MET C 619 21.12 27.29 -30.00
N ALA C 620 20.78 26.05 -29.61
CA ALA C 620 19.73 25.29 -30.27
C ALA C 620 18.38 26.01 -30.15
N TRP C 621 18.08 26.53 -28.94
CA TRP C 621 16.90 27.34 -28.70
C TRP C 621 16.82 28.50 -29.69
N ASP C 622 17.91 29.25 -29.84
CA ASP C 622 17.91 30.46 -30.65
C ASP C 622 17.60 30.13 -32.12
N THR C 623 18.14 29.00 -32.62
CA THR C 623 17.92 28.61 -34.00
C THR C 623 16.44 28.25 -34.19
N ILE C 624 15.90 27.41 -33.31
CA ILE C 624 14.51 26.97 -33.40
C ILE C 624 13.58 28.18 -33.31
N VAL C 625 13.84 29.08 -32.35
CA VAL C 625 13.00 30.26 -32.18
C VAL C 625 12.79 30.94 -33.53
N GLU C 626 13.88 31.18 -34.28
CA GLU C 626 13.82 31.78 -35.61
C GLU C 626 12.96 30.93 -36.54
N GLN C 627 13.37 29.66 -36.70
CA GLN C 627 12.80 28.74 -37.66
C GLN C 627 11.33 28.44 -37.33
N SER C 628 11.05 28.05 -36.07
CA SER C 628 9.71 27.67 -35.63
C SER C 628 8.72 28.80 -35.89
N THR C 629 9.13 30.04 -35.60
CA THR C 629 8.28 31.21 -35.86
C THR C 629 8.08 31.40 -37.36
N ALA C 630 9.19 31.41 -38.12
CA ALA C 630 9.15 31.60 -39.56
C ALA C 630 8.25 30.54 -40.22
N ASN C 631 8.50 29.25 -39.93
CA ASN C 631 7.65 28.17 -40.40
C ASN C 631 6.92 27.52 -39.22
N PRO C 632 5.72 28.01 -38.84
CA PRO C 632 4.94 27.39 -37.75
C PRO C 632 4.65 25.91 -38.00
N THR C 633 4.82 25.46 -39.25
CA THR C 633 4.69 24.04 -39.58
C THR C 633 5.79 23.24 -38.87
N LEU C 634 6.93 23.87 -38.60
CA LEU C 634 8.07 23.18 -37.99
C LEU C 634 7.66 22.54 -36.67
N LEU C 635 6.75 23.18 -35.92
CA LEU C 635 6.24 22.61 -34.68
C LEU C 635 5.49 21.31 -34.96
N LEU C 636 5.14 21.04 -36.22
CA LEU C 636 4.53 19.77 -36.59
C LEU C 636 5.62 18.70 -36.77
N ASP C 637 6.87 19.13 -36.99
CA ASP C 637 7.99 18.23 -37.09
C ASP C 637 8.23 17.58 -35.73
N SER C 638 8.02 16.25 -35.69
CA SER C 638 8.29 15.41 -34.55
C SER C 638 9.67 15.73 -33.96
N GLU C 639 10.69 15.83 -34.83
CA GLU C 639 12.05 16.01 -34.38
C GLU C 639 12.20 17.35 -33.67
N THR C 640 11.60 18.40 -34.23
CA THR C 640 11.66 19.73 -33.65
C THR C 640 11.04 19.75 -32.25
N VAL C 641 9.87 19.11 -32.10
CA VAL C 641 9.14 19.10 -30.85
C VAL C 641 9.97 18.39 -29.78
N LYS C 642 10.62 17.29 -30.17
CA LYS C 642 11.49 16.55 -29.26
C LYS C 642 12.63 17.44 -28.79
N ILE C 643 13.27 18.13 -29.73
CA ILE C 643 14.39 19.00 -29.40
C ILE C 643 13.96 20.11 -28.43
N ILE C 644 12.80 20.73 -28.69
CA ILE C 644 12.33 21.82 -27.86
C ILE C 644 12.07 21.34 -26.44
N ALA C 645 11.38 20.19 -26.32
CA ALA C 645 11.04 19.62 -25.04
C ALA C 645 12.30 19.39 -24.22
N ASN C 646 13.37 18.94 -24.87
CA ASN C 646 14.59 18.56 -24.18
C ASN C 646 15.37 19.80 -23.73
N ILE C 647 15.30 20.87 -24.51
CA ILE C 647 15.86 22.15 -24.10
C ILE C 647 15.16 22.60 -22.81
N ILE C 648 13.83 22.52 -22.79
CA ILE C 648 13.10 23.00 -21.63
C ILE C 648 13.51 22.11 -20.46
N LYS C 649 13.52 20.79 -20.68
CA LYS C 649 13.86 19.83 -19.64
C LYS C 649 15.26 20.10 -19.09
N THR C 650 16.20 20.46 -19.98
CA THR C 650 17.55 20.77 -19.57
C THR C 650 17.50 21.99 -18.65
N ASN C 651 16.68 22.99 -19.02
CA ASN C 651 16.51 24.15 -18.17
C ASN C 651 15.93 23.73 -16.82
N VAL C 652 14.93 22.84 -16.81
CA VAL C 652 14.31 22.43 -15.56
C VAL C 652 15.36 21.77 -14.68
N ALA C 653 16.19 20.91 -15.29
CA ALA C 653 17.20 20.16 -14.56
C ALA C 653 18.15 21.11 -13.85
N VAL C 654 18.67 22.11 -14.57
CA VAL C 654 19.61 23.04 -13.98
C VAL C 654 18.92 23.93 -12.94
N CYS C 655 17.69 24.38 -13.24
CA CYS C 655 16.96 25.21 -12.30
C CYS C 655 16.70 24.45 -10.99
N THR C 656 16.58 23.12 -11.08
CA THR C 656 16.27 22.32 -9.92
C THR C 656 17.43 22.40 -8.91
N SER C 657 18.67 22.41 -9.42
CA SER C 657 19.80 22.35 -8.51
C SER C 657 20.27 23.76 -8.13
N MET C 658 19.86 24.79 -8.86
CA MET C 658 20.43 26.11 -8.68
C MET C 658 19.42 27.07 -8.07
N GLY C 659 18.12 26.78 -8.24
CA GLY C 659 17.06 27.56 -7.63
C GLY C 659 17.15 29.04 -7.95
N ALA C 660 17.26 29.86 -6.90
CA ALA C 660 17.32 31.31 -7.02
C ALA C 660 18.45 31.78 -7.95
N ASP C 661 19.54 31.01 -8.04
CA ASP C 661 20.69 31.39 -8.86
C ASP C 661 20.39 31.27 -10.34
N PHE C 662 19.29 30.59 -10.70
CA PHE C 662 18.99 30.29 -12.08
C PHE C 662 18.37 31.49 -12.82
N TYR C 663 17.98 32.54 -12.08
CA TYR C 663 17.17 33.64 -12.62
C TYR C 663 17.73 34.21 -13.92
N PRO C 664 19.05 34.46 -14.08
CA PRO C 664 19.54 35.10 -15.30
C PRO C 664 19.29 34.26 -16.54
N GLN C 665 19.29 32.93 -16.37
CA GLN C 665 19.00 32.01 -17.46
C GLN C 665 17.51 32.00 -17.76
N LEU C 666 16.64 31.99 -16.74
CA LEU C 666 15.21 32.07 -16.99
C LEU C 666 14.89 33.40 -17.68
N GLY C 667 15.56 34.48 -17.27
CA GLY C 667 15.37 35.79 -17.89
C GLY C 667 15.75 35.81 -19.36
N HIS C 668 16.79 35.05 -19.71
CA HIS C 668 17.30 35.00 -21.07
C HIS C 668 16.27 34.43 -22.02
N ILE C 669 15.51 33.43 -21.58
CA ILE C 669 14.60 32.72 -22.46
C ILE C 669 13.14 33.12 -22.22
N TYR C 670 12.88 33.94 -21.20
CA TYR C 670 11.53 34.03 -20.67
C TYR C 670 10.51 34.46 -21.73
N TYR C 671 10.82 35.52 -22.48
CA TYR C 671 9.89 36.09 -23.45
C TYR C 671 9.59 35.09 -24.55
N ASN C 672 10.63 34.55 -25.19
CA ASN C 672 10.43 33.61 -26.27
C ASN C 672 9.80 32.32 -25.77
N MET C 673 10.08 31.94 -24.52
CA MET C 673 9.50 30.73 -23.98
C MET C 673 7.98 30.87 -23.89
N LEU C 674 7.48 32.05 -23.47
CA LEU C 674 6.05 32.27 -23.36
C LEU C 674 5.42 32.47 -24.74
N GLN C 675 6.17 33.00 -25.72
CA GLN C 675 5.69 33.04 -27.09
C GLN C 675 5.54 31.61 -27.63
N LEU C 676 6.52 30.75 -27.34
CA LEU C 676 6.46 29.36 -27.75
C LEU C 676 5.26 28.66 -27.08
N TYR C 677 4.97 28.99 -25.82
CA TYR C 677 3.85 28.41 -25.11
C TYR C 677 2.57 28.72 -25.88
N ARG C 678 2.44 29.97 -26.35
CA ARG C 678 1.27 30.43 -27.10
C ARG C 678 1.18 29.74 -28.46
N ALA C 679 2.33 29.57 -29.13
CA ALA C 679 2.33 28.99 -30.47
C ALA C 679 1.93 27.52 -30.40
N VAL C 680 2.51 26.80 -29.42
CA VAL C 680 2.18 25.41 -29.19
C VAL C 680 0.70 25.28 -28.87
N SER C 681 0.16 26.24 -28.10
CA SER C 681 -1.25 26.22 -27.72
C SER C 681 -2.12 26.34 -28.97
N SER C 682 -1.73 27.23 -29.89
CA SER C 682 -2.40 27.37 -31.17
C SER C 682 -2.46 26.02 -31.87
N MET C 683 -1.29 25.38 -32.02
CA MET C 683 -1.15 24.13 -32.75
C MET C 683 -2.10 23.09 -32.16
N ILE C 684 -2.11 22.98 -30.82
CA ILE C 684 -2.93 21.98 -30.15
C ILE C 684 -4.40 22.24 -30.47
N SER C 685 -4.87 23.48 -30.30
CA SER C 685 -6.25 23.86 -30.60
C SER C 685 -6.58 23.55 -32.06
N THR C 686 -5.67 23.95 -32.96
CA THR C 686 -5.80 23.73 -34.39
C THR C 686 -6.03 22.25 -34.66
N GLN C 687 -5.22 21.39 -34.02
CA GLN C 687 -5.26 19.96 -34.30
C GLN C 687 -6.54 19.33 -33.76
N VAL C 688 -7.04 19.83 -32.61
CA VAL C 688 -8.24 19.26 -32.01
C VAL C 688 -9.46 19.65 -32.84
N ALA C 689 -9.41 20.86 -33.42
CA ALA C 689 -10.46 21.32 -34.31
C ALA C 689 -10.54 20.37 -35.51
N ALA C 690 -9.38 20.12 -36.13
CA ALA C 690 -9.29 19.38 -37.38
C ALA C 690 -9.53 17.88 -37.20
N GLU C 691 -9.20 17.32 -36.02
CA GLU C 691 -9.14 15.88 -35.87
C GLU C 691 -10.12 15.38 -34.80
N GLY C 692 -10.55 16.25 -33.88
CA GLY C 692 -11.42 15.84 -32.78
C GLY C 692 -10.66 15.58 -31.48
N LEU C 693 -11.41 15.23 -30.43
CA LEU C 693 -10.81 15.01 -29.12
C LEU C 693 -9.67 13.99 -29.21
N ILE C 694 -9.78 13.04 -30.15
CA ILE C 694 -8.80 11.98 -30.31
C ILE C 694 -7.41 12.56 -30.52
N ALA C 695 -7.33 13.78 -31.09
CA ALA C 695 -6.07 14.46 -31.33
C ALA C 695 -5.19 14.50 -30.07
N THR C 696 -5.81 14.58 -28.87
CA THR C 696 -5.06 14.69 -27.63
C THR C 696 -4.28 13.41 -27.32
N LYS C 697 -4.61 12.30 -27.99
CA LYS C 697 -3.95 11.02 -27.74
C LYS C 697 -2.77 10.82 -28.70
N THR C 698 -2.71 11.63 -29.77
CA THR C 698 -1.70 11.46 -30.80
C THR C 698 -0.33 11.83 -30.26
N PRO C 699 0.76 11.18 -30.75
CA PRO C 699 2.12 11.57 -30.42
C PRO C 699 2.44 13.06 -30.63
N LYS C 700 1.93 13.66 -31.72
CA LYS C 700 2.22 15.06 -32.04
C LYS C 700 1.69 15.98 -30.95
N VAL C 701 0.42 15.80 -30.56
CA VAL C 701 -0.22 16.67 -29.59
C VAL C 701 0.35 16.38 -28.20
N ARG C 702 0.61 15.11 -27.87
CA ARG C 702 1.18 14.79 -26.57
C ARG C 702 2.55 15.46 -26.44
N GLY C 703 3.29 15.49 -27.56
CA GLY C 703 4.59 16.15 -27.64
C GLY C 703 4.49 17.67 -27.44
N LEU C 704 3.47 18.29 -28.06
CA LEU C 704 3.25 19.71 -27.91
C LEU C 704 2.89 20.03 -26.46
N ARG C 705 2.02 19.21 -25.87
CA ARG C 705 1.58 19.44 -24.52
C ARG C 705 2.74 19.24 -23.55
N THR C 706 3.62 18.27 -23.84
CA THR C 706 4.82 18.07 -23.04
C THR C 706 5.59 19.38 -22.98
N ILE C 707 5.65 20.11 -24.10
CA ILE C 707 6.33 21.39 -24.12
C ILE C 707 5.65 22.34 -23.14
N LYS C 708 4.32 22.43 -23.18
CA LYS C 708 3.60 23.32 -22.26
C LYS C 708 3.84 22.92 -20.80
N LYS C 709 3.82 21.62 -20.51
CA LYS C 709 3.93 21.12 -19.15
C LYS C 709 5.32 21.38 -18.59
N GLU C 710 6.36 21.23 -19.41
CA GLU C 710 7.72 21.47 -18.97
C GLU C 710 7.96 22.96 -18.76
N ILE C 711 7.34 23.82 -19.58
CA ILE C 711 7.44 25.26 -19.38
C ILE C 711 6.84 25.61 -18.01
N LEU C 712 5.65 25.07 -17.71
CA LEU C 712 4.99 25.33 -16.45
C LEU C 712 5.84 24.80 -15.29
N LYS C 713 6.49 23.66 -15.51
CA LYS C 713 7.33 23.05 -14.49
C LYS C 713 8.56 23.92 -14.26
N LEU C 714 9.13 24.50 -15.32
CA LEU C 714 10.30 25.34 -15.16
C LEU C 714 9.95 26.56 -14.32
N VAL C 715 8.84 27.21 -14.66
CA VAL C 715 8.40 28.40 -13.95
C VAL C 715 8.10 28.05 -12.50
N GLU C 716 7.39 26.94 -12.29
CA GLU C 716 7.04 26.49 -10.94
C GLU C 716 8.32 26.28 -10.14
N THR C 717 9.30 25.62 -10.76
CA THR C 717 10.53 25.24 -10.08
C THR C 717 11.28 26.50 -9.65
N TYR C 718 11.38 27.49 -10.56
CA TYR C 718 12.09 28.71 -10.23
C TYR C 718 11.36 29.47 -9.12
N ILE C 719 10.05 29.67 -9.27
CA ILE C 719 9.33 30.56 -8.38
C ILE C 719 9.29 29.96 -6.97
N SER C 720 9.18 28.64 -6.87
CA SER C 720 9.18 27.99 -5.57
C SER C 720 10.50 28.19 -4.81
N LYS C 721 11.61 28.49 -5.47
CA LYS C 721 12.90 28.63 -4.80
C LYS C 721 13.43 30.06 -4.86
N ALA C 722 12.67 30.98 -5.47
CA ALA C 722 13.16 32.33 -5.73
C ALA C 722 13.32 33.08 -4.41
N ARG C 723 14.35 33.94 -4.34
CA ARG C 723 14.59 34.80 -3.18
C ARG C 723 14.15 36.23 -3.48
N ASN C 724 14.36 36.67 -4.72
CA ASN C 724 13.95 38.00 -5.10
C ASN C 724 12.53 37.94 -5.64
N LEU C 725 11.57 38.15 -4.73
CA LEU C 725 10.16 38.07 -5.07
C LEU C 725 9.72 39.31 -5.83
N ASP C 726 10.37 40.47 -5.58
CA ASP C 726 10.03 41.71 -6.27
C ASP C 726 10.17 41.51 -7.78
N ASP C 727 11.24 40.85 -8.21
CA ASP C 727 11.39 40.53 -9.62
C ASP C 727 10.32 39.55 -10.07
N VAL C 728 10.02 38.54 -9.23
CA VAL C 728 9.01 37.57 -9.59
C VAL C 728 7.73 38.30 -10.00
N VAL C 729 7.29 39.25 -9.17
CA VAL C 729 6.05 39.99 -9.37
C VAL C 729 6.16 40.97 -10.53
N LYS C 730 7.29 41.68 -10.63
CA LYS C 730 7.46 42.80 -11.54
C LYS C 730 7.79 42.30 -12.95
N VAL C 731 8.43 41.11 -13.06
CA VAL C 731 8.96 40.64 -14.33
C VAL C 731 8.25 39.36 -14.79
N LEU C 732 8.03 38.41 -13.86
CA LEU C 732 7.64 37.06 -14.28
C LEU C 732 6.11 36.89 -14.33
N VAL C 733 5.38 37.45 -13.36
CA VAL C 733 4.02 37.02 -13.11
C VAL C 733 3.10 37.48 -14.24
N GLU C 734 3.21 38.73 -14.67
CA GLU C 734 2.20 39.29 -15.56
C GLU C 734 2.23 38.56 -16.90
N PRO C 735 3.41 38.42 -17.55
CA PRO C 735 3.47 37.69 -18.82
C PRO C 735 3.00 36.25 -18.67
N LEU C 736 3.19 35.67 -17.47
CA LEU C 736 2.83 34.28 -17.25
C LEU C 736 1.32 34.14 -17.26
N LEU C 737 0.65 34.98 -16.45
CA LEU C 737 -0.81 34.92 -16.37
C LEU C 737 -1.42 35.16 -17.75
N ASN C 738 -0.81 36.07 -18.52
CA ASN C 738 -1.36 36.44 -19.83
C ASN C 738 -1.23 35.26 -20.78
N ALA C 739 -0.11 34.53 -20.70
CA ALA C 739 0.14 33.40 -21.58
C ALA C 739 -0.68 32.17 -21.18
N VAL C 740 -1.04 31.99 -19.90
CA VAL C 740 -1.58 30.69 -19.52
C VAL C 740 -3.06 30.72 -19.16
N LEU C 741 -3.61 31.78 -18.55
CA LEU C 741 -4.94 31.71 -17.95
C LEU C 741 -6.06 31.62 -19.00
N GLU C 742 -6.08 32.55 -19.94
CA GLU C 742 -7.12 32.56 -20.94
C GLU C 742 -7.01 31.30 -21.79
N ASP C 743 -5.78 30.85 -22.06
CA ASP C 743 -5.57 29.65 -22.85
C ASP C 743 -6.19 28.44 -22.15
N TYR C 744 -6.13 28.42 -20.81
CA TYR C 744 -6.70 27.32 -20.04
C TYR C 744 -8.22 27.42 -20.05
N MET C 745 -8.73 28.63 -19.83
CA MET C 745 -10.16 28.88 -19.74
C MET C 745 -10.86 28.60 -21.08
N ASN C 746 -10.21 28.89 -22.21
CA ASN C 746 -10.90 28.86 -23.50
C ASN C 746 -10.58 27.63 -24.32
N ASN C 747 -9.87 26.65 -23.74
CA ASN C 747 -9.74 25.32 -24.33
C ASN C 747 -10.89 24.46 -23.81
N VAL C 748 -11.21 23.40 -24.56
CA VAL C 748 -12.21 22.41 -24.16
C VAL C 748 -11.64 21.63 -22.98
N PRO C 749 -12.45 21.04 -22.08
CA PRO C 749 -11.90 20.34 -20.91
C PRO C 749 -10.73 19.40 -21.19
N ASP C 750 -10.82 18.58 -22.24
CA ASP C 750 -9.86 17.53 -22.48
C ASP C 750 -8.50 18.10 -22.92
N ALA C 751 -8.45 19.42 -23.17
CA ALA C 751 -7.21 20.01 -23.67
C ALA C 751 -6.54 20.88 -22.58
N ARG C 752 -7.23 21.04 -21.45
CA ARG C 752 -6.75 21.85 -20.34
C ARG C 752 -5.72 21.08 -19.50
N ASP C 753 -4.53 21.68 -19.31
CA ASP C 753 -3.47 21.07 -18.52
C ASP C 753 -3.65 21.40 -17.04
N ALA C 754 -3.86 20.37 -16.22
CA ALA C 754 -3.92 20.52 -14.77
C ALA C 754 -2.63 21.14 -14.20
N GLU C 755 -1.49 20.98 -14.90
CA GLU C 755 -0.26 21.64 -14.49
C GLU C 755 -0.44 23.15 -14.35
N VAL C 756 -1.43 23.73 -15.04
CA VAL C 756 -1.64 25.17 -14.97
C VAL C 756 -2.05 25.48 -13.54
N LEU C 757 -2.97 24.68 -13.02
CA LEU C 757 -3.45 24.88 -11.66
C LEU C 757 -2.29 24.77 -10.68
N ASN C 758 -1.42 23.78 -10.90
CA ASN C 758 -0.32 23.51 -9.99
C ASN C 758 0.67 24.67 -10.01
N CYS C 759 0.97 25.18 -11.22
CA CYS C 759 1.81 26.35 -11.37
C CYS C 759 1.24 27.55 -10.61
N MET C 760 -0.07 27.78 -10.74
CA MET C 760 -0.71 28.92 -10.11
C MET C 760 -0.68 28.77 -8.59
N THR C 761 -0.80 27.53 -8.11
CA THR C 761 -0.72 27.27 -6.68
C THR C 761 0.63 27.78 -6.15
N THR C 762 1.71 27.48 -6.88
CA THR C 762 3.03 27.92 -6.46
C THR C 762 3.12 29.44 -6.49
N VAL C 763 2.58 30.07 -7.54
CA VAL C 763 2.63 31.52 -7.64
C VAL C 763 1.94 32.15 -6.42
N VAL C 764 0.75 31.66 -6.08
CA VAL C 764 -0.03 32.25 -5.00
C VAL C 764 0.67 31.97 -3.66
N GLU C 765 1.23 30.78 -3.53
CA GLU C 765 1.97 30.39 -2.34
C GLU C 765 3.08 31.41 -2.08
N LYS C 766 3.90 31.70 -3.09
CA LYS C 766 5.11 32.48 -2.87
C LYS C 766 4.84 33.97 -2.89
N VAL C 767 3.91 34.45 -3.72
CA VAL C 767 3.80 35.90 -3.89
C VAL C 767 2.33 36.32 -3.87
N GLY C 768 1.47 35.49 -3.32
CA GLY C 768 0.03 35.74 -3.32
C GLY C 768 -0.33 37.13 -2.79
N HIS C 769 0.27 37.54 -1.66
CA HIS C 769 -0.09 38.78 -1.00
C HIS C 769 0.27 39.98 -1.86
N MET C 770 1.21 39.79 -2.79
CA MET C 770 1.78 40.90 -3.53
C MET C 770 1.00 41.13 -4.83
N ILE C 771 0.10 40.21 -5.20
CA ILE C 771 -0.61 40.30 -6.47
C ILE C 771 -2.11 40.07 -6.28
N PRO C 772 -2.81 40.86 -5.44
CA PRO C 772 -4.23 40.62 -5.20
C PRO C 772 -5.05 40.54 -6.49
N GLN C 773 -4.68 41.36 -7.49
CA GLN C 773 -5.44 41.44 -8.73
C GLN C 773 -5.14 40.22 -9.59
N GLY C 774 -3.90 39.73 -9.51
CA GLY C 774 -3.51 38.50 -10.18
C GLY C 774 -4.28 37.29 -9.66
N VAL C 775 -4.52 37.25 -8.34
CA VAL C 775 -5.22 36.13 -7.74
C VAL C 775 -6.67 36.13 -8.19
N ILE C 776 -7.28 37.33 -8.23
CA ILE C 776 -8.65 37.49 -8.71
C ILE C 776 -8.71 36.95 -10.13
N LEU C 777 -7.71 37.30 -10.95
CA LEU C 777 -7.66 36.91 -12.35
C LEU C 777 -7.53 35.38 -12.47
N ILE C 778 -6.69 34.79 -11.60
CA ILE C 778 -6.55 33.34 -11.58
C ILE C 778 -7.91 32.71 -11.31
N LEU C 779 -8.63 33.17 -10.29
CA LEU C 779 -9.94 32.61 -9.97
C LEU C 779 -10.92 32.77 -11.13
N GLN C 780 -11.00 33.97 -11.72
CA GLN C 780 -11.94 34.18 -12.81
C GLN C 780 -11.64 33.22 -13.96
N SER C 781 -10.36 32.89 -14.18
CA SER C 781 -10.00 32.08 -15.32
C SER C 781 -10.24 30.59 -15.10
N VAL C 782 -10.06 30.08 -13.86
CA VAL C 782 -9.98 28.64 -13.65
C VAL C 782 -11.14 28.10 -12.82
N PHE C 783 -11.80 28.95 -12.02
CA PHE C 783 -12.68 28.46 -10.97
C PHE C 783 -13.92 27.74 -11.50
N GLU C 784 -14.79 28.44 -12.25
CA GLU C 784 -16.05 27.87 -12.68
C GLU C 784 -15.81 26.79 -13.73
N CYS C 785 -14.81 26.98 -14.61
CA CYS C 785 -14.59 26.04 -15.69
C CYS C 785 -14.01 24.74 -15.12
N THR C 786 -13.16 24.84 -14.09
CA THR C 786 -12.61 23.63 -13.48
C THR C 786 -13.68 22.94 -12.64
N LEU C 787 -14.45 23.71 -11.88
CA LEU C 787 -15.49 23.12 -11.05
C LEU C 787 -16.46 22.30 -11.90
N ASP C 788 -16.77 22.80 -13.11
CA ASP C 788 -17.73 22.14 -13.98
C ASP C 788 -17.16 20.84 -14.52
N MET C 789 -15.83 20.73 -14.58
CA MET C 789 -15.18 19.51 -15.03
C MET C 789 -15.31 18.40 -13.99
N ILE C 790 -15.34 18.75 -12.70
CA ILE C 790 -15.13 17.76 -11.65
C ILE C 790 -16.38 17.56 -10.78
N ASN C 791 -17.51 18.19 -11.11
CA ASN C 791 -18.66 18.17 -10.23
C ASN C 791 -19.79 17.30 -10.77
N LYS C 792 -19.46 16.40 -11.70
CA LYS C 792 -20.44 15.50 -12.28
C LYS C 792 -20.29 14.11 -11.66
N ASP C 793 -19.10 13.79 -11.15
CA ASP C 793 -18.83 12.51 -10.51
C ASP C 793 -17.52 12.65 -9.75
N PHE C 794 -16.99 11.54 -9.24
CA PHE C 794 -15.83 11.61 -8.36
C PHE C 794 -14.58 11.17 -9.09
N THR C 795 -14.71 10.83 -10.39
CA THR C 795 -13.70 10.06 -11.11
C THR C 795 -13.09 10.85 -12.28
N GLU C 796 -13.91 11.60 -13.01
CA GLU C 796 -13.38 12.33 -14.16
C GLU C 796 -12.33 13.35 -13.72
N TYR C 797 -11.30 13.49 -14.56
CA TYR C 797 -10.28 14.53 -14.43
C TYR C 797 -9.64 14.50 -13.05
N PRO C 798 -9.04 13.34 -12.66
CA PRO C 798 -8.44 13.20 -11.33
C PRO C 798 -7.34 14.22 -11.02
N GLU C 799 -6.47 14.54 -11.98
CA GLU C 799 -5.40 15.49 -11.73
C GLU C 799 -5.97 16.88 -11.45
N HIS C 800 -6.95 17.30 -12.27
CA HIS C 800 -7.54 18.63 -12.15
C HIS C 800 -8.23 18.76 -10.79
N ARG C 801 -8.89 17.69 -10.39
CA ARG C 801 -9.62 17.59 -9.14
C ARG C 801 -8.68 17.89 -7.97
N VAL C 802 -7.55 17.19 -7.95
CA VAL C 802 -6.60 17.34 -6.87
C VAL C 802 -6.01 18.74 -6.92
N GLU C 803 -5.56 19.19 -8.10
CA GLU C 803 -4.87 20.47 -8.18
C GLU C 803 -5.83 21.62 -7.87
N PHE C 804 -7.11 21.47 -8.25
CA PHE C 804 -8.14 22.46 -8.04
C PHE C 804 -8.26 22.80 -6.57
N TYR C 805 -8.31 21.79 -5.70
CA TYR C 805 -8.55 22.07 -4.29
C TYR C 805 -7.28 22.55 -3.60
N LYS C 806 -6.11 22.16 -4.11
CA LYS C 806 -4.86 22.75 -3.64
C LYS C 806 -4.84 24.25 -3.94
N LEU C 807 -5.28 24.63 -5.14
CA LEU C 807 -5.27 26.04 -5.52
C LEU C 807 -6.22 26.87 -4.65
N LEU C 808 -7.46 26.38 -4.44
CA LEU C 808 -8.40 27.08 -3.57
C LEU C 808 -7.84 27.16 -2.16
N LYS C 809 -7.18 26.11 -1.70
CA LYS C 809 -6.64 26.11 -0.34
C LYS C 809 -5.65 27.25 -0.19
N VAL C 810 -4.70 27.39 -1.11
CA VAL C 810 -3.67 28.39 -0.93
C VAL C 810 -4.27 29.79 -1.11
N ILE C 811 -5.25 29.95 -2.01
CA ILE C 811 -5.85 31.25 -2.22
C ILE C 811 -6.60 31.66 -0.95
N ASN C 812 -7.29 30.70 -0.31
CA ASN C 812 -8.06 31.00 0.89
C ASN C 812 -7.12 31.25 2.07
N GLU C 813 -5.88 30.75 2.01
CA GLU C 813 -4.90 31.03 3.06
C GLU C 813 -4.27 32.42 2.85
N LYS C 814 -3.84 32.71 1.62
CA LYS C 814 -2.94 33.82 1.35
C LYS C 814 -3.68 35.05 0.86
N SER C 815 -4.82 34.87 0.19
CA SER C 815 -5.46 35.99 -0.49
C SER C 815 -6.97 35.86 -0.40
N PHE C 816 -7.48 35.77 0.83
CA PHE C 816 -8.89 35.54 1.10
C PHE C 816 -9.75 36.62 0.44
N ALA C 817 -9.18 37.82 0.30
CA ALA C 817 -9.88 38.95 -0.30
C ALA C 817 -10.39 38.62 -1.69
N ALA C 818 -9.79 37.63 -2.38
CA ALA C 818 -10.25 37.27 -3.71
C ALA C 818 -11.65 36.65 -3.65
N PHE C 819 -11.94 35.94 -2.56
CA PHE C 819 -13.26 35.35 -2.39
C PHE C 819 -14.26 36.43 -1.96
N LEU C 820 -13.80 37.47 -1.25
CA LEU C 820 -14.69 38.59 -0.91
C LEU C 820 -15.19 39.31 -2.17
N GLU C 821 -14.36 39.40 -3.21
CA GLU C 821 -14.71 40.14 -4.42
C GLU C 821 -15.57 39.30 -5.36
N LEU C 822 -15.83 38.03 -5.00
CA LEU C 822 -16.71 37.20 -5.81
C LEU C 822 -18.14 37.73 -5.70
N PRO C 823 -18.93 37.68 -6.81
CA PRO C 823 -20.39 37.89 -6.73
C PRO C 823 -21.03 36.83 -5.83
N PRO C 824 -22.10 37.19 -5.07
CA PRO C 824 -22.75 36.21 -4.20
C PRO C 824 -22.94 34.82 -4.79
N ALA C 825 -23.29 34.72 -6.07
CA ALA C 825 -23.57 33.44 -6.73
C ALA C 825 -22.29 32.62 -6.88
N ALA C 826 -21.17 33.29 -7.14
CA ALA C 826 -19.89 32.62 -7.30
C ALA C 826 -19.38 32.16 -5.93
N PHE C 827 -19.66 32.95 -4.88
CA PHE C 827 -19.30 32.57 -3.53
C PHE C 827 -20.10 31.33 -3.10
N LYS C 828 -21.37 31.26 -3.52
CA LYS C 828 -22.18 30.10 -3.25
C LYS C 828 -21.59 28.87 -3.93
N LEU C 829 -21.05 29.02 -5.14
CA LEU C 829 -20.39 27.92 -5.84
C LEU C 829 -19.14 27.49 -5.07
N PHE C 830 -18.48 28.45 -4.42
CA PHE C 830 -17.29 28.17 -3.63
C PHE C 830 -17.69 27.27 -2.45
N VAL C 831 -18.81 27.60 -1.80
CA VAL C 831 -19.24 26.80 -0.66
C VAL C 831 -19.63 25.40 -1.13
N ASP C 832 -20.32 25.32 -2.28
CA ASP C 832 -20.70 24.04 -2.86
C ASP C 832 -19.46 23.21 -3.18
N ALA C 833 -18.41 23.87 -3.67
CA ALA C 833 -17.15 23.21 -4.00
C ALA C 833 -16.51 22.59 -2.77
N ILE C 834 -16.52 23.30 -1.64
CA ILE C 834 -15.86 22.82 -0.43
C ILE C 834 -16.56 21.56 0.06
N CYS C 835 -17.91 21.60 0.13
CA CYS C 835 -18.69 20.46 0.58
C CYS C 835 -18.52 19.28 -0.37
N TRP C 836 -18.42 19.57 -1.69
CA TRP C 836 -18.17 18.56 -2.70
C TRP C 836 -16.88 17.79 -2.39
N ALA C 837 -15.83 18.50 -1.99
CA ALA C 837 -14.57 17.87 -1.63
C ALA C 837 -14.73 16.96 -0.41
N PHE C 838 -15.56 17.37 0.57
CA PHE C 838 -15.87 16.55 1.73
C PHE C 838 -16.38 15.18 1.32
N LYS C 839 -17.26 15.16 0.32
CA LYS C 839 -17.94 13.93 -0.07
C LYS C 839 -16.99 13.02 -0.83
N HIS C 840 -15.80 13.51 -1.21
CA HIS C 840 -14.80 12.70 -1.89
C HIS C 840 -14.20 11.68 -0.93
N ASN C 841 -13.96 10.46 -1.42
CA ASN C 841 -13.31 9.42 -0.64
C ASN C 841 -11.79 9.50 -0.85
N ASN C 842 -11.35 10.07 -1.99
CA ASN C 842 -9.95 10.38 -2.20
C ASN C 842 -9.46 11.27 -1.06
N ARG C 843 -8.42 10.81 -0.35
CA ARG C 843 -7.93 11.49 0.83
C ARG C 843 -7.38 12.86 0.45
N ASP C 844 -6.76 12.96 -0.74
CA ASP C 844 -6.18 14.22 -1.20
C ASP C 844 -7.25 15.31 -1.17
N VAL C 845 -8.30 15.12 -1.98
CA VAL C 845 -9.38 16.08 -2.11
C VAL C 845 -10.06 16.31 -0.77
N GLU C 846 -10.40 15.21 -0.08
CA GLU C 846 -11.19 15.26 1.14
C GLU C 846 -10.49 16.11 2.20
N VAL C 847 -9.19 15.88 2.39
CA VAL C 847 -8.45 16.56 3.44
C VAL C 847 -8.39 18.06 3.15
N ASN C 848 -8.12 18.42 1.89
CA ASN C 848 -8.09 19.81 1.48
C ASN C 848 -9.46 20.47 1.65
N GLY C 849 -10.53 19.73 1.33
CA GLY C 849 -11.90 20.21 1.50
C GLY C 849 -12.16 20.63 2.94
N LEU C 850 -11.78 19.75 3.86
CA LEU C 850 -12.01 19.98 5.28
C LEU C 850 -11.14 21.14 5.76
N GLN C 851 -9.91 21.21 5.27
CA GLN C 851 -8.99 22.27 5.70
C GLN C 851 -9.51 23.62 5.20
N ILE C 852 -9.97 23.68 3.94
CA ILE C 852 -10.48 24.93 3.39
C ILE C 852 -11.64 25.40 4.24
N ALA C 853 -12.55 24.47 4.57
CA ALA C 853 -13.71 24.77 5.40
C ALA C 853 -13.28 25.43 6.70
N LEU C 854 -12.26 24.83 7.33
CA LEU C 854 -11.76 25.24 8.63
C LEU C 854 -11.13 26.63 8.55
N ASP C 855 -10.27 26.80 7.54
CA ASP C 855 -9.60 28.05 7.24
C ASP C 855 -10.59 29.14 6.86
N LEU C 856 -11.68 28.77 6.17
CA LEU C 856 -12.65 29.75 5.74
C LEU C 856 -13.40 30.30 6.95
N VAL C 857 -13.75 29.41 7.88
CA VAL C 857 -14.44 29.79 9.09
C VAL C 857 -13.54 30.74 9.88
N LYS C 858 -12.24 30.42 9.97
CA LYS C 858 -11.28 31.27 10.65
C LYS C 858 -11.22 32.63 9.95
N ASN C 859 -11.21 32.64 8.60
CA ASN C 859 -11.14 33.86 7.81
C ASN C 859 -12.36 34.74 8.08
N ILE C 860 -13.53 34.11 8.24
CA ILE C 860 -14.77 34.81 8.54
C ILE C 860 -14.70 35.37 9.96
N GLU C 861 -14.26 34.52 10.90
CA GLU C 861 -14.18 34.92 12.30
C GLU C 861 -13.34 36.19 12.42
N ARG C 862 -12.19 36.21 11.71
CA ARG C 862 -11.26 37.33 11.73
C ARG C 862 -11.93 38.66 11.38
N MET C 863 -12.95 38.62 10.53
CA MET C 863 -13.55 39.83 9.99
C MET C 863 -14.30 40.60 11.08
N GLY C 864 -14.57 39.93 12.21
CA GLY C 864 -15.30 40.54 13.31
C GLY C 864 -16.77 40.73 12.95
N ASN C 865 -17.43 41.65 13.66
CA ASN C 865 -18.87 41.81 13.57
C ASN C 865 -19.19 42.79 12.46
N VAL C 866 -19.23 42.30 11.20
CA VAL C 866 -19.57 43.13 10.06
C VAL C 866 -20.57 42.37 9.18
N PRO C 867 -21.27 43.04 8.24
CA PRO C 867 -22.35 42.41 7.48
C PRO C 867 -22.00 41.18 6.65
N PHE C 868 -20.80 41.13 6.07
CA PHE C 868 -20.42 40.00 5.25
C PHE C 868 -20.37 38.73 6.09
N ALA C 869 -19.75 38.82 7.28
CA ALA C 869 -19.58 37.71 8.19
C ALA C 869 -20.93 37.26 8.76
N ASN C 870 -21.81 38.22 9.06
CA ASN C 870 -23.11 37.89 9.61
C ASN C 870 -23.95 37.21 8.52
N GLU C 871 -23.83 37.67 7.28
CA GLU C 871 -24.54 37.08 6.15
C GLU C 871 -23.98 35.68 5.85
N PHE C 872 -22.67 35.51 6.07
CA PHE C 872 -22.01 34.22 5.83
C PHE C 872 -22.64 33.14 6.71
N HIS C 873 -22.75 33.44 8.00
CA HIS C 873 -23.32 32.52 8.95
C HIS C 873 -24.80 32.23 8.65
N LYS C 874 -25.55 33.30 8.35
CA LYS C 874 -26.97 33.17 8.05
C LYS C 874 -27.16 32.25 6.85
N ASN C 875 -26.24 32.32 5.88
CA ASN C 875 -26.42 31.63 4.61
C ASN C 875 -25.81 30.22 4.64
N TYR C 876 -24.80 29.99 5.49
CA TYR C 876 -23.95 28.82 5.27
C TYR C 876 -23.61 28.05 6.55
N PHE C 877 -23.85 28.60 7.73
CA PHE C 877 -23.47 27.91 8.95
C PHE C 877 -24.13 26.54 9.00
N PHE C 878 -25.45 26.50 8.72
CA PHE C 878 -26.19 25.24 8.83
C PHE C 878 -25.81 24.29 7.71
N ILE C 879 -25.46 24.82 6.53
CA ILE C 879 -25.00 23.97 5.46
C ILE C 879 -23.73 23.26 5.90
N PHE C 880 -22.79 23.96 6.53
CA PHE C 880 -21.55 23.35 6.97
C PHE C 880 -21.78 22.36 8.10
N VAL C 881 -22.70 22.67 9.02
CA VAL C 881 -22.93 21.75 10.13
C VAL C 881 -23.49 20.44 9.57
N SER C 882 -24.45 20.52 8.66
CA SER C 882 -25.17 19.34 8.23
C SER C 882 -24.36 18.52 7.24
N GLU C 883 -23.56 19.19 6.40
CA GLU C 883 -22.69 18.50 5.47
C GLU C 883 -21.63 17.72 6.24
N THR C 884 -21.12 18.31 7.32
CA THR C 884 -20.11 17.68 8.14
C THR C 884 -20.69 16.47 8.88
N PHE C 885 -21.88 16.61 9.47
CA PHE C 885 -22.56 15.47 10.06
C PHE C 885 -22.81 14.37 9.02
N PHE C 886 -23.12 14.74 7.78
CA PHE C 886 -23.40 13.75 6.75
C PHE C 886 -22.20 12.83 6.55
N VAL C 887 -21.00 13.40 6.38
CA VAL C 887 -19.81 12.61 6.08
C VAL C 887 -19.31 11.91 7.34
N LEU C 888 -19.62 12.46 8.52
CA LEU C 888 -19.29 11.79 9.78
C LEU C 888 -20.05 10.48 9.90
N THR C 889 -21.33 10.47 9.49
CA THR C 889 -22.26 9.43 9.91
C THR C 889 -22.53 8.41 8.82
N ASP C 890 -22.02 8.59 7.59
CA ASP C 890 -22.51 7.79 6.49
C ASP C 890 -21.64 6.56 6.27
N SER C 891 -20.52 6.45 7.01
CA SER C 891 -19.69 5.26 7.02
C SER C 891 -18.84 5.15 5.75
N ASP C 892 -18.91 6.16 4.86
CA ASP C 892 -18.16 6.11 3.62
C ASP C 892 -16.99 7.11 3.64
N HIS C 893 -16.75 7.80 4.76
CA HIS C 893 -15.70 8.82 4.83
C HIS C 893 -14.93 8.75 6.14
N LYS C 894 -14.57 7.53 6.54
CA LYS C 894 -14.01 7.30 7.86
C LYS C 894 -12.59 7.88 7.95
N SER C 895 -11.89 7.97 6.81
CA SER C 895 -10.52 8.47 6.81
C SER C 895 -10.46 9.96 7.16
N GLY C 896 -11.56 10.69 6.96
CA GLY C 896 -11.62 12.12 7.25
C GLY C 896 -12.09 12.45 8.67
N PHE C 897 -12.15 11.45 9.55
CA PHE C 897 -12.87 11.55 10.81
C PHE C 897 -12.35 12.69 11.67
N SER C 898 -11.02 12.75 11.83
CA SER C 898 -10.40 13.71 12.74
C SER C 898 -10.65 15.16 12.30
N LYS C 899 -10.51 15.41 10.99
CA LYS C 899 -10.66 16.77 10.51
C LYS C 899 -12.13 17.16 10.47
N GLN C 900 -13.00 16.17 10.26
CA GLN C 900 -14.44 16.35 10.38
C GLN C 900 -14.81 16.75 11.80
N ALA C 901 -14.24 16.06 12.79
CA ALA C 901 -14.53 16.33 14.19
C ALA C 901 -14.07 17.74 14.54
N LEU C 902 -12.88 18.12 14.05
CA LEU C 902 -12.30 19.41 14.36
C LEU C 902 -13.21 20.50 13.78
N LEU C 903 -13.63 20.32 12.53
CA LEU C 903 -14.53 21.28 11.91
C LEU C 903 -15.82 21.36 12.72
N LEU C 904 -16.36 20.20 13.11
CA LEU C 904 -17.65 20.21 13.77
C LEU C 904 -17.53 20.94 15.12
N MET C 905 -16.40 20.70 15.79
CA MET C 905 -16.15 21.30 17.09
C MET C 905 -16.07 22.82 16.93
N LYS C 906 -15.39 23.30 15.90
CA LYS C 906 -15.21 24.73 15.71
C LYS C 906 -16.57 25.39 15.49
N LEU C 907 -17.45 24.74 14.73
CA LEU C 907 -18.76 25.30 14.41
C LEU C 907 -19.65 25.34 15.67
N ILE C 908 -19.63 24.27 16.48
CA ILE C 908 -20.46 24.22 17.67
C ILE C 908 -19.96 25.24 18.69
N SER C 909 -18.62 25.40 18.79
CA SER C 909 -18.03 26.31 19.77
C SER C 909 -18.37 27.76 19.45
N LEU C 910 -18.43 28.10 18.15
CA LEU C 910 -18.83 29.44 17.74
C LEU C 910 -20.13 29.84 18.42
N VAL C 911 -21.10 28.91 18.49
CA VAL C 911 -22.41 29.21 19.05
C VAL C 911 -22.36 29.12 20.57
N TYR C 912 -21.65 28.13 21.12
CA TYR C 912 -21.57 27.98 22.57
C TYR C 912 -20.92 29.22 23.21
N ASP C 913 -20.02 29.89 22.49
CA ASP C 913 -19.31 31.07 23.00
C ASP C 913 -20.09 32.35 22.70
N ASN C 914 -21.15 32.27 21.88
CA ASN C 914 -21.92 33.45 21.48
C ASN C 914 -21.11 34.34 20.55
N LYS C 915 -20.27 33.73 19.70
CA LYS C 915 -19.41 34.50 18.83
C LYS C 915 -20.05 34.74 17.47
N ILE C 916 -21.38 34.57 17.37
CA ILE C 916 -22.12 34.91 16.16
C ILE C 916 -23.16 35.96 16.54
N SER C 917 -23.13 37.10 15.85
CA SER C 917 -23.72 38.32 16.36
C SER C 917 -25.22 38.42 16.02
N VAL C 918 -25.68 37.73 14.98
CA VAL C 918 -27.09 37.78 14.62
C VAL C 918 -27.73 36.41 14.89
N PRO C 919 -29.06 36.36 15.03
CA PRO C 919 -29.80 35.09 15.04
C PRO C 919 -29.53 34.29 13.77
N LEU C 920 -29.47 32.96 13.92
CA LEU C 920 -29.25 32.05 12.81
C LEU C 920 -30.59 31.61 12.21
N TYR C 921 -31.67 31.84 12.97
CA TYR C 921 -33.02 31.49 12.58
C TYR C 921 -33.70 32.71 11.97
N GLN C 922 -34.62 32.48 11.04
CA GLN C 922 -35.35 33.54 10.37
C GLN C 922 -36.64 33.82 11.16
N GLU C 923 -37.13 35.08 11.07
CA GLU C 923 -38.11 35.58 12.03
C GLU C 923 -39.40 34.76 11.99
N ALA C 924 -40.02 34.63 13.16
CA ALA C 924 -41.29 33.96 13.37
C ALA C 924 -41.14 32.44 13.28
N GLU C 925 -39.92 31.94 13.54
CA GLU C 925 -39.64 30.51 13.56
C GLU C 925 -39.48 30.05 15.00
N VAL C 926 -39.26 31.02 15.89
CA VAL C 926 -38.92 30.77 17.28
C VAL C 926 -39.10 32.11 18.01
N PRO C 927 -39.43 32.12 19.32
CA PRO C 927 -39.49 33.37 20.09
C PRO C 927 -38.25 34.23 19.81
N GLN C 928 -38.46 35.54 19.64
CA GLN C 928 -37.47 36.39 18.98
C GLN C 928 -36.25 36.63 19.88
N GLY C 929 -36.37 36.35 21.18
CA GLY C 929 -35.22 36.49 22.08
C GLY C 929 -34.29 35.28 22.11
N THR C 930 -34.67 34.19 21.41
CA THR C 930 -34.06 32.88 21.62
C THR C 930 -32.58 32.88 21.24
N SER C 931 -31.74 32.34 22.13
CA SER C 931 -30.32 32.25 21.89
C SER C 931 -30.03 31.31 20.72
N ASN C 932 -28.95 31.58 19.98
CA ASN C 932 -28.49 30.69 18.94
C ASN C 932 -28.17 29.31 19.51
N GLN C 933 -27.75 29.23 20.78
CA GLN C 933 -27.46 27.94 21.42
C GLN C 933 -28.70 27.05 21.42
N VAL C 934 -29.84 27.60 21.83
CA VAL C 934 -31.06 26.84 21.98
C VAL C 934 -31.55 26.40 20.59
N TYR C 935 -31.46 27.30 19.61
CA TYR C 935 -31.92 27.00 18.28
C TYR C 935 -31.05 25.93 17.61
N LEU C 936 -29.74 25.97 17.86
CA LEU C 936 -28.82 24.96 17.34
C LEU C 936 -29.18 23.58 17.91
N SER C 937 -29.49 23.51 19.21
CA SER C 937 -29.93 22.27 19.84
C SER C 937 -31.15 21.72 19.11
N GLN C 938 -32.06 22.63 18.77
CA GLN C 938 -33.34 22.29 18.18
C GLN C 938 -33.13 21.78 16.76
N TYR C 939 -32.30 22.48 15.99
CA TYR C 939 -32.04 22.15 14.61
C TYR C 939 -31.38 20.78 14.51
N LEU C 940 -30.37 20.55 15.36
CA LEU C 940 -29.63 19.29 15.32
C LEU C 940 -30.54 18.14 15.75
N ALA C 941 -31.33 18.35 16.81
CA ALA C 941 -32.21 17.27 17.27
C ALA C 941 -33.14 16.85 16.14
N ASN C 942 -33.70 17.84 15.44
N ASN C 942 -33.69 17.83 15.41
CA ASN C 942 -34.63 17.61 14.36
CA ASN C 942 -34.64 17.54 14.37
C ASN C 942 -33.92 16.88 13.23
C ASN C 942 -33.91 16.86 13.22
N MET C 943 -32.70 17.35 12.90
CA MET C 943 -31.95 16.81 11.78
C MET C 943 -31.58 15.35 12.05
N LEU C 944 -31.16 15.02 13.27
CA LEU C 944 -30.72 13.68 13.61
C LEU C 944 -31.91 12.73 13.74
N SER C 945 -33.02 13.22 14.28
CA SER C 945 -34.25 12.44 14.38
C SER C 945 -34.72 11.99 13.00
N ASN C 946 -34.68 12.88 12.02
CA ASN C 946 -35.09 12.56 10.68
C ASN C 946 -34.14 11.55 10.03
N ALA C 947 -32.82 11.75 10.25
CA ALA C 947 -31.81 10.94 9.60
C ALA C 947 -31.72 9.57 10.26
N PHE C 948 -32.05 9.49 11.57
CA PHE C 948 -31.91 8.29 12.36
C PHE C 948 -33.17 8.06 13.20
N PRO C 949 -34.32 7.73 12.56
CA PRO C 949 -35.62 7.73 13.25
C PRO C 949 -35.75 6.66 14.33
N HIS C 950 -34.83 5.69 14.32
CA HIS C 950 -34.86 4.62 15.30
C HIS C 950 -34.23 5.03 16.63
N LEU C 951 -33.56 6.20 16.66
CA LEU C 951 -33.05 6.70 17.93
C LEU C 951 -34.19 7.32 18.72
N THR C 952 -34.13 7.20 20.05
CA THR C 952 -35.02 7.93 20.94
C THR C 952 -34.60 9.40 21.02
N SER C 953 -35.56 10.23 21.44
CA SER C 953 -35.32 11.62 21.74
C SER C 953 -34.31 11.76 22.87
N GLU C 954 -34.36 10.83 23.82
CA GLU C 954 -33.47 10.83 24.98
C GLU C 954 -32.01 10.63 24.51
N GLN C 955 -31.79 9.67 23.60
CA GLN C 955 -30.48 9.42 23.02
C GLN C 955 -29.93 10.68 22.34
N ILE C 956 -30.76 11.31 21.49
CA ILE C 956 -30.31 12.45 20.70
C ILE C 956 -29.99 13.63 21.62
N ALA C 957 -30.86 13.87 22.61
CA ALA C 957 -30.68 15.00 23.51
C ALA C 957 -29.42 14.81 24.36
N SER C 958 -29.17 13.61 24.88
CA SER C 958 -27.97 13.33 25.67
C SER C 958 -26.70 13.51 24.83
N PHE C 959 -26.73 13.03 23.59
CA PHE C 959 -25.61 13.11 22.69
C PHE C 959 -25.22 14.56 22.40
N LEU C 960 -26.22 15.39 22.09
CA LEU C 960 -26.00 16.79 21.77
C LEU C 960 -25.55 17.55 23.00
N SER C 961 -26.13 17.19 24.16
CA SER C 961 -25.78 17.81 25.42
C SER C 961 -24.29 17.57 25.70
N ALA C 962 -23.85 16.32 25.59
CA ALA C 962 -22.44 15.96 25.74
C ALA C 962 -21.58 16.66 24.71
N LEU C 963 -22.00 16.63 23.45
CA LEU C 963 -21.22 17.17 22.35
C LEU C 963 -20.93 18.65 22.58
N THR C 964 -21.95 19.41 23.01
CA THR C 964 -21.81 20.86 23.16
C THR C 964 -20.94 21.17 24.37
N LYS C 965 -21.06 20.37 25.45
CA LYS C 965 -20.22 20.54 26.62
C LYS C 965 -18.75 20.26 26.32
N GLN C 966 -18.50 19.40 25.32
CA GLN C 966 -17.18 18.85 25.09
C GLN C 966 -16.53 19.53 23.89
N CYS C 967 -17.05 20.68 23.47
CA CYS C 967 -16.62 21.27 22.22
C CYS C 967 -15.32 22.08 22.38
N LYS C 968 -14.67 22.01 23.55
CA LYS C 968 -13.32 22.56 23.73
C LYS C 968 -12.31 21.44 24.00
N ASP C 969 -12.72 20.17 23.91
CA ASP C 969 -11.84 19.05 24.23
C ASP C 969 -11.92 18.01 23.10
N LEU C 970 -10.98 18.12 22.15
CA LEU C 970 -11.09 17.36 20.91
C LEU C 970 -11.15 15.86 21.17
N VAL C 971 -10.37 15.38 22.14
CA VAL C 971 -10.24 13.95 22.36
C VAL C 971 -11.54 13.38 22.89
N VAL C 972 -12.19 14.12 23.78
CA VAL C 972 -13.42 13.66 24.41
C VAL C 972 -14.58 13.75 23.40
N PHE C 973 -14.64 14.88 22.69
CA PHE C 973 -15.55 15.14 21.59
C PHE C 973 -15.52 14.00 20.58
N LYS C 974 -14.32 13.63 20.16
CA LYS C 974 -14.12 12.53 19.23
C LYS C 974 -14.69 11.24 19.80
N GLY C 975 -14.48 11.00 21.10
CA GLY C 975 -15.05 9.82 21.75
C GLY C 975 -16.59 9.82 21.71
N THR C 976 -17.19 10.99 21.95
CA THR C 976 -18.64 11.12 21.91
C THR C 976 -19.16 10.88 20.49
N LEU C 977 -18.43 11.36 19.48
CA LEU C 977 -18.81 11.11 18.10
C LEU C 977 -18.80 9.62 17.79
N ARG C 978 -17.72 8.94 18.22
CA ARG C 978 -17.60 7.51 17.98
C ARG C 978 -18.70 6.74 18.71
N ASP C 979 -19.05 7.18 19.93
CA ASP C 979 -20.11 6.56 20.70
C ASP C 979 -21.39 6.62 19.86
N PHE C 980 -21.67 7.80 19.28
CA PHE C 980 -22.84 8.01 18.45
C PHE C 980 -22.81 7.09 17.22
N LEU C 981 -21.64 6.92 16.61
CA LEU C 981 -21.51 6.08 15.42
C LEU C 981 -21.83 4.63 15.74
N VAL C 982 -21.55 4.20 16.97
CA VAL C 982 -21.93 2.86 17.41
C VAL C 982 -23.44 2.80 17.63
N GLN C 983 -24.00 3.83 18.26
CA GLN C 983 -25.40 3.78 18.65
C GLN C 983 -26.31 3.80 17.43
N ILE C 984 -25.93 4.49 16.35
CA ILE C 984 -26.83 4.61 15.21
C ILE C 984 -26.93 3.28 14.46
N LYS C 985 -26.06 2.33 14.81
CA LYS C 985 -26.00 1.03 14.14
C LYS C 985 -26.91 0.03 14.83
N GLU C 986 -27.50 0.42 15.96
CA GLU C 986 -28.35 -0.50 16.69
C GLU C 986 -29.59 0.25 17.20
N VAL C 987 -30.51 -0.52 17.79
CA VAL C 987 -31.71 0.00 18.41
C VAL C 987 -31.53 -0.11 19.92
N GLY C 988 -31.90 0.94 20.65
CA GLY C 988 -32.05 0.85 22.09
C GLY C 988 -30.78 1.19 22.86
N GLY C 989 -29.86 1.94 22.22
CA GLY C 989 -28.65 2.37 22.88
C GLY C 989 -28.93 3.22 24.12
N ASP C 990 -28.13 3.03 25.17
CA ASP C 990 -28.35 3.67 26.44
C ASP C 990 -27.97 5.15 26.34
N PRO C 991 -28.89 6.10 26.60
CA PRO C 991 -28.55 7.51 26.50
C PRO C 991 -27.54 7.96 27.56
N THR C 992 -27.40 7.23 28.68
CA THR C 992 -26.46 7.58 29.73
C THR C 992 -25.01 7.36 29.32
N ASP C 993 -24.80 6.62 28.21
CA ASP C 993 -23.46 6.38 27.69
C ASP C 993 -22.73 7.69 27.40
N TYR C 994 -23.48 8.74 27.09
CA TYR C 994 -22.89 10.04 26.74
C TYR C 994 -22.42 10.79 27.98
N LEU C 995 -22.63 10.24 29.19
CA LEU C 995 -22.09 10.85 30.40
C LEU C 995 -20.69 10.31 30.71
N PHE C 996 -20.16 9.40 29.90
CA PHE C 996 -18.88 8.75 30.15
C PHE C 996 -17.76 9.76 30.45
N ALA C 997 -16.93 9.43 31.45
CA ALA C 997 -15.85 10.30 31.88
C ALA C 997 -14.56 9.49 32.11
MG MG D . -13.77 -6.38 -5.69
N NO3 E . 5.70 -6.90 16.91
O1 NO3 E . 4.76 -7.65 17.09
O2 NO3 E . 6.80 -7.33 16.63
O3 NO3 E . 5.54 -5.69 17.01
S DMS F . -8.25 -29.04 -12.09
O DMS F . -7.18 -29.92 -11.52
C1 DMS F . -7.74 -28.65 -13.75
C2 DMS F . -9.61 -30.11 -12.48
N NO3 G . -14.19 -5.95 8.94
O1 NO3 G . -15.23 -5.75 8.31
O2 NO3 G . -13.38 -5.04 9.07
O3 NO3 G . -13.97 -7.06 9.41
C1 GOL H . 6.25 -0.48 -8.16
O1 GOL H . 6.30 0.60 -9.10
C2 GOL H . 7.60 -1.11 -7.98
O2 GOL H . 8.22 -1.26 -9.26
C3 GOL H . 8.50 -0.31 -7.04
O3 GOL H . 8.50 -0.85 -5.72
N NO3 I . -0.82 -0.43 -16.27
O1 NO3 I . -1.89 0.01 -16.67
O2 NO3 I . 0.01 0.37 -15.81
O3 NO3 I . -0.55 -1.64 -16.33
S DMS J . 6.56 -13.72 8.78
O DMS J . 6.63 -14.76 7.68
C1 DMS J . 7.96 -14.02 9.82
C2 DMS J . 5.33 -14.26 9.94
PG GTP K . -14.30 -4.34 -3.25
O1G GTP K . -15.30 -3.22 -3.08
O2G GTP K . -14.74 -5.36 -4.30
O3G GTP K . -13.92 -4.96 -1.94
O3B GTP K . -12.97 -3.68 -3.89
PB GTP K . -11.59 -4.29 -4.39
O1B GTP K . -10.73 -4.39 -3.17
O2B GTP K . -11.84 -5.50 -5.22
O3A GTP K . -11.00 -3.18 -5.38
PA GTP K . -10.89 -3.19 -6.98
O1A GTP K . -9.78 -4.08 -7.39
O2A GTP K . -12.23 -3.43 -7.58
O5' GTP K . -10.50 -1.68 -7.30
C5' GTP K . -9.27 -1.11 -6.83
C4' GTP K . -9.05 0.21 -7.52
O4' GTP K . -7.65 0.55 -7.38
C3' GTP K . -9.30 0.23 -9.04
O3' GTP K . -9.54 1.55 -9.51
C2' GTP K . -7.97 -0.30 -9.57
O2' GTP K . -7.70 0.07 -10.90
C1' GTP K . -6.97 0.33 -8.60
N9 GTP K . -5.81 -0.49 -8.32
C8 GTP K . -5.78 -1.84 -8.06
N7 GTP K . -4.57 -2.30 -7.89
C5 GTP K . -3.75 -1.19 -8.00
C6 GTP K . -2.35 -1.08 -7.87
O6 GTP K . -1.52 -1.96 -7.62
N1 GTP K . -1.93 0.24 -8.08
C2 GTP K . -2.75 1.30 -8.37
N2 GTP K . -2.17 2.49 -8.54
N3 GTP K . -4.08 1.21 -8.46
C4 GTP K . -4.50 -0.07 -8.28
N NO3 L . 7.49 -5.09 6.05
O1 NO3 L . 6.48 -5.49 6.63
O2 NO3 L . 7.38 -4.23 5.16
O3 NO3 L . 8.58 -5.57 6.35
CL CL M . 34.70 19.95 1.55
N NO3 N . 12.24 -7.06 19.25
O1 NO3 N . 13.29 -6.49 19.54
O2 NO3 N . 11.34 -7.17 20.10
O3 NO3 N . 12.09 -7.51 18.09
C1 GOL O . 16.31 -12.17 4.84
O1 GOL O . 16.27 -13.58 4.72
C2 GOL O . 16.71 -11.49 3.54
O2 GOL O . 15.58 -10.94 2.88
C3 GOL O . 17.75 -10.40 3.70
O3 GOL O . 18.62 -10.37 2.58
N NO3 P . 26.48 -14.89 -12.08
O1 NO3 P . 27.66 -14.89 -12.45
O2 NO3 P . 26.22 -14.85 -10.88
O3 NO3 P . 25.57 -14.94 -12.90
C1 GOL Q . 20.27 20.69 -25.95
O1 GOL Q . 20.99 20.58 -27.18
C2 GOL Q . 20.34 19.41 -25.15
O2 GOL Q . 21.25 19.58 -24.05
C3 GOL Q . 18.98 18.94 -24.65
O3 GOL Q . 18.98 17.59 -24.21
S DMS R . -21.41 20.45 -6.51
O DMS R . -22.38 21.03 -5.50
C1 DMS R . -20.80 21.83 -7.45
C2 DMS R . -22.40 19.69 -7.77
N NO3 S . 17.43 -4.61 29.28
O1 NO3 S . 18.43 -3.90 29.43
O2 NO3 S . 16.79 -4.53 28.23
O3 NO3 S . 17.08 -5.40 30.15
N NO3 T . -30.54 -0.30 12.63
O1 NO3 T . -30.71 0.67 11.90
O2 NO3 T . -30.24 -0.14 13.81
O3 NO3 T . -30.67 -1.44 12.19
N NO3 U . 29.80 -20.40 17.04
O1 NO3 U . 30.60 -19.48 16.89
O2 NO3 U . 29.50 -20.78 18.18
O3 NO3 U . 29.32 -20.97 16.04
N NO3 V . 20.21 -23.55 27.34
O1 NO3 V . 20.87 -24.55 27.05
O2 NO3 V . 20.68 -22.62 28.00
O3 NO3 V . 19.04 -23.49 26.97
N NO3 W . 22.68 0.64 -6.19
O1 NO3 W . 22.55 1.86 -5.99
O2 NO3 W . 21.71 -0.10 -6.07
O3 NO3 W . 23.78 0.17 -6.50
S DMS X . -34.64 -19.56 17.72
O DMS X . -34.99 -18.22 17.13
C1 DMS X . -32.97 -19.44 18.26
C2 DMS X . -35.43 -19.64 19.32
C1 GOL Y . -21.98 -22.67 27.70
O1 GOL Y . -22.20 -23.79 26.83
C2 GOL Y . -22.52 -22.89 29.10
O2 GOL Y . -22.59 -24.29 29.39
C3 GOL Y . -23.88 -22.26 29.36
O3 GOL Y . -24.02 -21.76 30.69
C1 GOL Z . 19.57 20.82 -33.43
O1 GOL Z . 19.31 21.18 -32.07
C2 GOL Z . 20.34 21.90 -34.16
O2 GOL Z . 19.95 21.86 -35.54
C3 GOL Z . 20.14 23.29 -33.59
O3 GOL Z . 21.37 23.97 -33.42
S DMS AA . 25.15 -6.72 -16.92
O DMS AA . 24.23 -6.18 -17.98
C1 DMS AA . 25.55 -5.35 -15.88
C2 DMS AA . 24.12 -7.60 -15.77
N NO3 BA . 14.98 17.39 -12.87
O1 NO3 BA . 15.16 17.38 -14.08
O2 NO3 BA . 15.92 17.19 -12.11
O3 NO3 BA . 13.85 17.61 -12.41
S DMS CA . -1.01 -32.38 27.77
O DMS CA . -0.90 -32.72 26.31
C1 DMS CA . 0.63 -31.94 28.31
C2 DMS CA . -1.15 -33.91 28.65
N NO3 DA . 23.74 5.04 13.42
O1 NO3 DA . 22.64 5.54 13.68
O2 NO3 DA . 24.53 5.65 12.69
O3 NO3 DA . 24.05 3.95 13.89
N NO3 EA . -10.68 -3.83 33.82
O1 NO3 EA . -11.60 -3.80 34.64
O2 NO3 EA . -10.76 -3.16 32.79
O3 NO3 EA . -9.68 -4.52 34.04
S DMS FA . 32.07 -2.60 -18.84
O DMS FA . 33.05 -3.71 -19.10
C1 DMS FA . 30.86 -2.72 -20.14
C2 DMS FA . 32.87 -1.11 -19.39
C ACT GA . 21.95 -3.76 28.14
O ACT GA . 21.93 -3.76 29.41
OXT ACT GA . 22.56 -4.63 27.42
CH3 ACT GA . 21.18 -2.65 27.43
S DMS HA . -3.60 -14.69 42.50
O DMS HA . -3.65 -13.43 43.32
C1 DMS HA . -5.22 -15.41 42.53
C2 DMS HA . -2.76 -15.90 43.51
O4 Q73 IA . 37.77 -2.72 -17.49
C27 Q73 IA . 36.65 -2.19 -17.31
O3 Q73 IA . 35.59 -2.63 -17.79
C26 Q73 IA . 36.58 -0.95 -16.45
C25 Q73 IA . 36.82 -1.38 -15.00
N1 Q73 IA . 38.26 -1.47 -14.69
C24 Q73 IA . 36.14 -0.42 -14.02
C23 Q73 IA . 37.14 0.41 -13.24
O2 Q73 IA . 38.16 0.90 -14.15
C22 Q73 IA . 36.35 1.53 -12.61
C21 Q73 IA . 36.99 2.53 -12.08
C19 Q73 IA . 36.32 3.67 -11.39
C20 Q73 IA . 34.84 4.04 -11.46
C17 Q73 IA . 37.14 4.35 -10.62
C16 Q73 IA . 38.60 3.94 -10.56
C18 Q73 IA . 38.94 3.71 -9.10
C15 Q73 IA . 39.43 5.00 -11.28
C13 Q73 IA . 40.89 4.63 -11.12
C14 Q73 IA . 41.49 3.60 -12.04
C12 Q73 IA . 41.60 5.20 -10.14
C11 Q73 IA . 42.98 4.84 -9.98
C10 Q73 IA . 43.71 5.39 -9.03
C9 Q73 IA . 45.15 4.97 -8.86
N Q73 IA . 45.61 4.23 -10.05
C3 Q73 IA . 45.30 4.15 -7.58
O Q73 IA . 45.01 5.03 -6.50
C2 Q73 IA . 45.33 4.42 -5.25
C5 Q73 IA . 45.25 5.46 -4.17
C6 Q73 IA . 44.86 6.70 -4.47
C7 Q73 IA . 44.77 7.76 -3.41
C1 Q73 IA . 44.35 3.27 -5.03
C8 Q73 IA . 42.90 3.77 -4.94
C Q73 IA . 44.51 2.25 -6.16
O1 Q73 IA . 45.79 1.62 -6.05
C4 Q73 IA . 44.40 2.89 -7.54
S DMS JA . -29.18 -15.81 35.33
O DMS JA . -29.02 -17.30 35.11
C1 DMS JA . -30.45 -15.27 34.22
C2 DMS JA . -30.08 -15.60 36.85
#